data_6HQ8
#
_entry.id   6HQ8
#
_cell.length_a   99.129
_cell.length_b   158.756
_cell.length_c   178.891
_cell.angle_alpha   90.000
_cell.angle_beta   90.000
_cell.angle_gamma   90.000
#
_symmetry.space_group_name_H-M   'P 21 21 21'
#
loop_
_entity.id
_entity.type
_entity.pdbx_description
1 polymer 'Beta-1,3-oligosaccharide phosphorylase'
2 branched beta-D-glucopyranose-(1-3)-beta-D-glucopyranose-(1-3)-beta-D-glucopyranose-(1-3)-beta-D-glucopyranose-(1-3)-beta-D-glucopyranose-(1-3)-beta-D-glucopyranose
3 non-polymer 'SULFATE ION'
4 non-polymer BICINE
5 non-polymer 1,2-ETHANEDIOL
6 non-polymer 'CHLORIDE ION'
7 water water
#
_entity_poly.entity_id   1
_entity_poly.type   'polypeptide(L)'
_entity_poly.pdbx_seq_one_letter_code
;MGSSHHHHHHSSGLVPAGSMSQSPNTLANEETTSIDKSITMDMVSMNGEMFYKIANNDAMRPFFMTIVSDSNHWMFVSSN
GGLTAGRKNAEYALFPYYTDDKITESADITGSKSIFQIQYNNELIVWEPFSERFTNKFKITRNLYKNYYGNKIIFEEINE
DLGLTYRYQWCSSNQFGFVRKSELSNHSKNVYEISLLDGIQNIMPYGVSSDLQSSTSNLVDAYKRSELHPKSGLGIFALS
AIIVDKAEPSEALKANIAWSLGLNNPKYLVSSLQLNHFRNGKSISPEDDIKGEKGAYFLNTVMTLEANTQKEWMIIANVN
QDHSDIIAITETIQNNKKIAEDINTDIELGTKRLIELNASSDALQLTADNLRDTRHFSNTLFNIMRGGIFDNNYQIEKGD
FSNYIKKANKLVFDKIDLNALGEIFSLNDLNEFASKQKDVDFDRLALEYLPLKFSRRHGDPSRPWNKFSINTQSEIDGSK
VLDYEGNWRDIFQNWEALAHSFPNFIDSMIHKFLNASTFDGYNPYRVTKEGFDWETIEEDDPWSYIGYWGDHQIIYLLKF
LEFIEKHQPGKLHSYFESECFVYAAVPYTIKPYEEILNNPKDTIGYNHEWEKVINERKKSIGADGALLKSNDKSIYHVNF
IEKILATVLAKMSNFIPEAGIWLNTQRPEWNDANNALVGNGVSMVTLYYLRRFLKFFDQLLENSTLENIKISNEMVEFYH
KVRETLMENQHLLAGSISDTDRKVILDKLGNAAADYRFQIYNSGFWGKKRTHSMQGLKNFTKVSLQFIDHSIKANQRPDK
LYHAYNLMSVEKNKEIAISYLSEMLEGQVAVLSSGFLSSKENLAVLDGLKNSALFREDQYSYLLYPNKELPKFLDKNTIS
KEAVSKSELLSLLVSKSNKQVIEKDSIGEYHFNGEFNNASNLKQALEDLSQQNEYKDLVAKESKTVEAIFEDVFNHKAFT
GRSGTFYGYEGLGSIYWHMVSKLQLAVLECCLKAVEEKESEEVIGRLLEHYYEINEGIGVHKSPSLYGAFPTDAYSHTPA
GKGAQQPGMTGQVKEDILSRFGELGIFVKNGCLELNPCLLRKDEFLKEAKTFDYVTVNFQHQSLELVEKSLAFTYCQIPI
IYKIANQKCIEVFTNDGKSAKAASLILDKQTSQDVFGRTGIINKIEVSILESDLR
;
_entity_poly.pdbx_strand_id   A,B
#
# COMPACT_ATOMS: atom_id res chain seq x y z
N SER A 38 -35.93 -17.17 10.93
CA SER A 38 -35.56 -15.85 10.33
C SER A 38 -34.69 -16.10 9.08
N ILE A 39 -33.49 -16.68 9.27
CA ILE A 39 -32.53 -16.91 8.17
C ILE A 39 -32.71 -18.33 7.58
N THR A 40 -33.37 -18.41 6.43
CA THR A 40 -33.67 -19.68 5.75
C THR A 40 -32.98 -19.67 4.38
N MET A 41 -32.77 -20.87 3.84
CA MET A 41 -32.32 -21.01 2.48
C MET A 41 -33.27 -21.92 1.68
N ASP A 42 -33.74 -21.42 0.53
CA ASP A 42 -34.68 -22.14 -0.33
C ASP A 42 -34.24 -22.06 -1.80
N MET A 43 -34.58 -23.11 -2.56
CA MET A 43 -34.59 -23.07 -4.03
C MET A 43 -35.82 -22.30 -4.51
N VAL A 44 -35.59 -21.31 -5.38
CA VAL A 44 -36.64 -20.44 -5.86
C VAL A 44 -36.40 -20.22 -7.36
N SER A 45 -37.47 -19.82 -8.06
CA SER A 45 -37.44 -19.42 -9.47
C SER A 45 -37.43 -17.89 -9.56
N MET A 46 -36.38 -17.35 -10.19
CA MET A 46 -36.33 -15.90 -10.48
C MET A 46 -36.18 -15.74 -12.00
N ASN A 47 -37.21 -15.13 -12.61
CA ASN A 47 -37.30 -14.97 -14.08
C ASN A 47 -36.95 -16.30 -14.77
N GLY A 48 -37.58 -17.39 -14.35
CA GLY A 48 -37.44 -18.69 -15.01
C GLY A 48 -36.08 -19.35 -14.84
N GLU A 49 -35.27 -18.90 -13.87
CA GLU A 49 -33.98 -19.57 -13.56
C GLU A 49 -33.95 -19.91 -12.06
N MET A 50 -33.25 -20.98 -11.71
CA MET A 50 -33.19 -21.44 -10.34
C MET A 50 -32.00 -20.80 -9.59
N PHE A 51 -32.34 -20.27 -8.41
CA PHE A 51 -31.43 -19.63 -7.48
C PHE A 51 -31.62 -20.21 -6.07
N TYR A 52 -30.58 -20.12 -5.26
CA TYR A 52 -30.69 -20.22 -3.80
C TYR A 52 -31.00 -18.83 -3.24
N LYS A 53 -32.01 -18.76 -2.38
CA LYS A 53 -32.43 -17.55 -1.65
C LYS A 53 -32.04 -17.68 -0.18
N ILE A 54 -31.23 -16.75 0.32
CA ILE A 54 -31.05 -16.62 1.74
C ILE A 54 -31.99 -15.50 2.17
N ALA A 55 -33.04 -15.84 2.91
CA ALA A 55 -33.97 -14.84 3.46
C ALA A 55 -33.33 -14.12 4.65
N ASN A 56 -33.56 -12.81 4.76
CA ASN A 56 -33.03 -11.99 5.84
C ASN A 56 -31.50 -12.12 5.96
N ASN A 57 -30.81 -11.98 4.84
CA ASN A 57 -29.35 -12.12 4.83
C ASN A 57 -28.70 -11.01 5.68
N ASP A 58 -29.41 -9.89 5.94
CA ASP A 58 -28.89 -8.81 6.78
C ASP A 58 -28.85 -9.19 8.26
N ALA A 59 -29.46 -10.30 8.68
CA ALA A 59 -29.30 -10.77 10.06
C ALA A 59 -28.01 -11.58 10.20
N MET A 60 -27.28 -11.83 9.10
CA MET A 60 -25.99 -12.51 9.13
C MET A 60 -24.90 -11.43 9.09
N ARG A 61 -23.81 -11.70 9.79
CA ARG A 61 -22.63 -10.91 9.60
C ARG A 61 -22.23 -11.05 8.13
N PRO A 62 -21.97 -9.94 7.40
CA PRO A 62 -21.76 -10.00 5.96
C PRO A 62 -20.61 -10.93 5.59
N PHE A 63 -20.81 -11.75 4.56
CA PHE A 63 -19.84 -12.75 4.15
C PHE A 63 -19.42 -12.47 2.71
N PHE A 64 -18.27 -13.01 2.35
CA PHE A 64 -17.62 -12.66 1.12
C PHE A 64 -17.75 -13.79 0.10
N MET A 65 -18.01 -13.42 -1.17
CA MET A 65 -18.27 -14.33 -2.29
C MET A 65 -17.39 -13.97 -3.50
N THR A 66 -17.17 -14.96 -4.36
CA THR A 66 -16.62 -14.76 -5.70
C THR A 66 -17.73 -15.13 -6.68
N ILE A 67 -17.96 -14.26 -7.67
CA ILE A 67 -18.90 -14.53 -8.73
C ILE A 67 -18.08 -14.96 -9.95
N VAL A 68 -18.33 -16.18 -10.43
CA VAL A 68 -17.45 -16.79 -11.43
C VAL A 68 -17.95 -16.41 -12.83
N SER A 69 -17.02 -16.31 -13.78
CA SER A 69 -17.34 -16.11 -15.17
C SER A 69 -16.66 -17.20 -16.02
N ASP A 70 -17.24 -17.48 -17.19
CA ASP A 70 -16.63 -18.34 -18.20
C ASP A 70 -15.49 -17.60 -18.89
N SER A 71 -15.55 -16.26 -18.86
CA SER A 71 -14.65 -15.36 -19.54
C SER A 71 -13.63 -14.83 -18.51
N ASN A 72 -13.15 -13.58 -18.63
CA ASN A 72 -12.09 -13.08 -17.76
C ASN A 72 -12.58 -12.10 -16.68
N HIS A 73 -13.87 -12.08 -16.39
CA HIS A 73 -14.42 -11.26 -15.36
C HIS A 73 -13.97 -11.81 -13.99
N TRP A 74 -13.70 -10.89 -13.05
CA TRP A 74 -13.66 -11.19 -11.65
C TRP A 74 -14.56 -10.23 -10.87
N MET A 75 -15.18 -10.75 -9.83
CA MET A 75 -16.08 -10.02 -8.99
C MET A 75 -16.08 -10.62 -7.58
N PHE A 76 -15.62 -9.84 -6.61
CA PHE A 76 -15.56 -10.28 -5.23
C PHE A 76 -16.47 -9.35 -4.43
N VAL A 77 -17.52 -9.91 -3.86
CA VAL A 77 -18.65 -9.13 -3.42
C VAL A 77 -19.11 -9.67 -2.07
N SER A 78 -19.45 -8.75 -1.18
CA SER A 78 -20.01 -9.07 0.10
C SER A 78 -21.53 -9.22 -0.02
N SER A 79 -22.12 -9.90 0.96
CA SER A 79 -23.55 -10.12 1.04
C SER A 79 -24.27 -8.81 1.37
N ASN A 80 -23.51 -7.78 1.79
CA ASN A 80 -24.06 -6.45 1.99
C ASN A 80 -23.99 -5.64 0.69
N GLY A 81 -23.42 -6.20 -0.38
CA GLY A 81 -23.36 -5.51 -1.69
C GLY A 81 -22.05 -4.78 -1.94
N GLY A 82 -21.19 -4.63 -0.91
CA GLY A 82 -19.86 -4.05 -1.16
C GLY A 82 -19.06 -4.93 -2.11
N LEU A 83 -18.34 -4.35 -3.07
CA LEU A 83 -17.65 -5.17 -4.03
C LEU A 83 -16.43 -4.48 -4.63
N THR A 84 -15.55 -5.32 -5.18
CA THR A 84 -14.61 -4.95 -6.23
C THR A 84 -14.84 -5.90 -7.39
N ALA A 85 -14.60 -5.43 -8.60
CA ALA A 85 -14.81 -6.19 -9.81
C ALA A 85 -13.95 -5.60 -10.91
N GLY A 86 -13.71 -6.41 -11.93
CA GLY A 86 -13.00 -5.98 -13.10
C GLY A 86 -12.82 -7.15 -14.05
N ARG A 87 -11.84 -7.02 -14.93
CA ARG A 87 -11.54 -8.07 -15.89
C ARG A 87 -10.02 -8.28 -15.93
N LYS A 88 -9.64 -9.54 -16.11
CA LYS A 88 -8.28 -10.00 -16.15
C LYS A 88 -7.64 -9.92 -14.75
N ASN A 89 -7.28 -8.74 -14.27
CA ASN A 89 -6.59 -8.60 -12.99
C ASN A 89 -6.93 -7.24 -12.35
N ALA A 90 -6.29 -6.95 -11.22
CA ALA A 90 -6.60 -5.79 -10.38
C ALA A 90 -6.16 -4.50 -11.08
N GLU A 91 -5.42 -4.60 -12.18
CA GLU A 91 -4.97 -3.41 -12.88
C GLU A 91 -6.06 -2.91 -13.85
N TYR A 92 -7.16 -3.66 -14.00
CA TYR A 92 -8.28 -3.25 -14.81
C TYR A 92 -9.55 -3.36 -13.95
N ALA A 93 -9.51 -2.73 -12.79
CA ALA A 93 -10.58 -2.75 -11.80
C ALA A 93 -11.63 -1.72 -12.21
N LEU A 94 -12.89 -2.12 -12.15
CA LEU A 94 -14.01 -1.22 -12.33
C LEU A 94 -14.28 -0.50 -11.00
N PHE A 95 -14.14 -1.24 -9.89
CA PHE A 95 -14.23 -0.70 -8.55
C PHE A 95 -12.96 -1.07 -7.79
N PRO A 96 -12.48 -0.19 -6.90
CA PRO A 96 -11.15 -0.31 -6.33
C PRO A 96 -10.87 -1.67 -5.66
N TYR A 97 -9.66 -2.17 -5.85
CA TYR A 97 -9.25 -3.48 -5.34
C TYR A 97 -8.59 -3.27 -3.97
N TYR A 98 -9.31 -3.57 -2.90
CA TYR A 98 -8.83 -3.49 -1.51
C TYR A 98 -9.12 -4.86 -0.86
N THR A 99 -8.63 -5.03 0.37
CA THR A 99 -8.87 -6.25 1.16
C THR A 99 -10.36 -6.39 1.47
N ASP A 100 -10.79 -7.60 1.80
CA ASP A 100 -12.22 -7.98 1.91
C ASP A 100 -12.94 -7.23 3.03
N ASP A 101 -12.23 -6.93 4.12
CA ASP A 101 -12.77 -6.12 5.21
C ASP A 101 -13.12 -4.72 4.67
N LYS A 102 -12.20 -4.11 3.90
CA LYS A 102 -12.42 -2.76 3.40
C LYS A 102 -13.51 -2.74 2.31
N ILE A 103 -13.61 -3.82 1.53
CA ILE A 103 -14.66 -3.93 0.54
C ILE A 103 -16.03 -3.91 1.25
N THR A 104 -16.19 -4.81 2.22
CA THR A 104 -17.41 -4.96 3.03
C THR A 104 -17.78 -3.61 3.68
N GLU A 105 -16.77 -2.84 4.08
CA GLU A 105 -16.97 -1.56 4.80
C GLU A 105 -17.31 -0.42 3.84
N SER A 106 -17.22 -0.63 2.52
CA SER A 106 -17.31 0.44 1.52
C SER A 106 -18.69 0.48 0.84
N ALA A 107 -19.64 -0.38 1.26
CA ALA A 107 -20.95 -0.55 0.56
C ALA A 107 -21.66 0.79 0.34
N ASP A 108 -21.52 1.75 1.26
CA ASP A 108 -22.26 3.02 1.18
C ASP A 108 -21.69 3.94 0.09
N ILE A 109 -20.38 3.84 -0.22
CA ILE A 109 -19.76 4.82 -1.12
C ILE A 109 -19.29 4.19 -2.43
N THR A 110 -19.23 2.85 -2.49
CA THR A 110 -18.69 2.17 -3.67
C THR A 110 -19.68 1.12 -4.16
N GLY A 111 -19.94 1.15 -5.46
CA GLY A 111 -20.77 0.14 -6.09
C GLY A 111 -22.20 0.59 -6.26
N SER A 112 -23.13 -0.33 -6.01
CA SER A 112 -24.55 -0.12 -6.26
C SER A 112 -25.13 0.87 -5.25
N LYS A 113 -25.92 1.83 -5.75
CA LYS A 113 -26.58 2.80 -4.90
C LYS A 113 -27.90 3.22 -5.56
N SER A 114 -28.96 3.27 -4.74
CA SER A 114 -30.35 3.46 -5.18
C SER A 114 -31.10 4.29 -4.15
N ILE A 115 -31.70 5.41 -4.60
CA ILE A 115 -32.53 6.27 -3.76
C ILE A 115 -33.82 6.59 -4.52
N PHE A 116 -34.95 6.38 -3.83
CA PHE A 116 -36.28 6.62 -4.39
C PHE A 116 -37.01 7.69 -3.56
N GLN A 117 -37.46 8.75 -4.24
CA GLN A 117 -38.38 9.75 -3.72
C GLN A 117 -39.80 9.35 -4.15
N ILE A 118 -40.63 8.92 -3.19
CA ILE A 118 -41.97 8.39 -3.45
C ILE A 118 -43.01 9.37 -2.91
N GLN A 119 -43.96 9.77 -3.77
CA GLN A 119 -45.14 10.62 -3.38
C GLN A 119 -46.23 9.72 -2.79
N TYR A 120 -46.53 9.91 -1.50
CA TYR A 120 -47.53 9.13 -0.74
C TYR A 120 -48.35 10.08 0.14
N ASN A 121 -49.65 10.19 -0.17
CA ASN A 121 -50.53 11.26 0.34
C ASN A 121 -49.98 12.60 -0.20
N ASN A 122 -49.70 13.56 0.71
CA ASN A 122 -49.10 14.82 0.33
C ASN A 122 -47.62 14.82 0.78
N GLU A 123 -47.11 13.65 1.21
CA GLU A 123 -45.74 13.51 1.76
C GLU A 123 -44.76 12.99 0.69
N LEU A 124 -43.53 13.50 0.73
CA LEU A 124 -42.43 12.94 -0.02
C LEU A 124 -41.58 12.04 0.88
N ILE A 125 -41.52 10.75 0.54
CA ILE A 125 -40.88 9.74 1.32
C ILE A 125 -39.63 9.25 0.57
N VAL A 126 -38.50 9.22 1.28
CA VAL A 126 -37.25 8.80 0.74
C VAL A 126 -36.95 7.38 1.26
N TRP A 127 -36.70 6.45 0.31
CA TRP A 127 -36.31 5.09 0.59
C TRP A 127 -34.99 4.80 -0.14
N GLU A 128 -34.03 4.24 0.59
CA GLU A 128 -32.68 3.96 0.09
C GLU A 128 -32.34 2.52 0.43
N PRO A 129 -32.77 1.58 -0.42
CA PRO A 129 -32.56 0.17 -0.10
C PRO A 129 -31.06 -0.17 -0.05
N PHE A 130 -30.74 -1.14 0.81
CA PHE A 130 -29.42 -1.71 0.98
C PHE A 130 -28.50 -0.80 1.80
N SER A 131 -28.92 0.42 2.12
CA SER A 131 -28.09 1.34 2.89
C SER A 131 -28.41 1.22 4.38
N GLU A 132 -27.58 1.89 5.18
CA GLU A 132 -27.74 2.01 6.62
C GLU A 132 -28.04 3.47 6.96
N ARG A 133 -28.64 4.20 6.02
CA ARG A 133 -28.84 5.66 6.13
C ARG A 133 -30.16 6.02 6.82
N PHE A 134 -31.07 5.05 6.92
CA PHE A 134 -32.42 5.28 7.46
C PHE A 134 -32.79 4.14 8.41
N THR A 135 -31.99 3.97 9.46
CA THR A 135 -32.07 2.79 10.33
C THR A 135 -33.45 2.71 10.99
N ASN A 136 -34.15 1.59 10.76
CA ASN A 136 -35.48 1.27 11.33
C ASN A 136 -36.53 2.33 10.96
N LYS A 137 -36.33 3.02 9.85
CA LYS A 137 -37.29 3.98 9.36
C LYS A 137 -38.51 3.23 8.82
N PHE A 138 -38.27 2.04 8.23
CA PHE A 138 -39.28 1.21 7.60
C PHE A 138 -39.15 -0.23 8.08
N LYS A 139 -40.24 -0.99 8.04
CA LYS A 139 -40.14 -2.46 8.09
C LYS A 139 -39.62 -2.94 6.74
N ILE A 140 -38.47 -3.63 6.74
CA ILE A 140 -37.91 -4.11 5.48
C ILE A 140 -37.51 -5.57 5.62
N THR A 141 -37.49 -6.24 4.46
CA THR A 141 -36.91 -7.56 4.34
C THR A 141 -35.81 -7.54 3.27
N ARG A 142 -34.62 -8.05 3.60
CA ARG A 142 -33.53 -8.16 2.67
C ARG A 142 -33.33 -9.65 2.35
N ASN A 143 -33.31 -9.98 1.05
CA ASN A 143 -33.04 -11.34 0.56
C ASN A 143 -31.84 -11.28 -0.39
N LEU A 144 -31.09 -12.39 -0.42
CA LEU A 144 -29.91 -12.55 -1.27
C LEU A 144 -30.04 -13.84 -2.09
N TYR A 145 -29.74 -13.77 -3.39
CA TYR A 145 -29.88 -14.94 -4.27
C TYR A 145 -28.60 -15.14 -5.08
N LYS A 146 -28.19 -16.41 -5.20
CA LYS A 146 -27.11 -16.78 -6.09
C LYS A 146 -27.57 -18.03 -6.86
N ASN A 147 -27.31 -18.06 -8.18
CA ASN A 147 -27.85 -19.10 -9.05
C ASN A 147 -27.01 -20.36 -8.87
N TYR A 148 -27.54 -21.47 -9.38
CA TYR A 148 -26.90 -22.78 -9.30
C TYR A 148 -25.51 -22.77 -9.96
N TYR A 149 -25.27 -21.92 -10.97
CA TYR A 149 -23.99 -21.93 -11.67
C TYR A 149 -22.95 -21.05 -10.96
N GLY A 150 -23.42 -20.11 -10.14
CA GLY A 150 -22.57 -19.23 -9.37
C GLY A 150 -22.10 -18.02 -10.16
N ASN A 151 -22.71 -17.75 -11.32
CA ASN A 151 -22.30 -16.62 -12.16
C ASN A 151 -23.33 -15.48 -12.16
N LYS A 152 -24.37 -15.57 -11.32
CA LYS A 152 -25.30 -14.47 -11.13
C LYS A 152 -25.68 -14.32 -9.66
N ILE A 153 -25.83 -13.07 -9.20
CA ILE A 153 -26.25 -12.79 -7.83
C ILE A 153 -27.32 -11.69 -7.84
N ILE A 154 -28.33 -11.85 -6.99
CA ILE A 154 -29.44 -10.88 -6.90
C ILE A 154 -29.57 -10.35 -5.48
N PHE A 155 -29.65 -9.01 -5.35
CA PHE A 155 -29.89 -8.34 -4.11
C PHE A 155 -31.30 -7.79 -4.14
N GLU A 156 -32.07 -8.07 -3.08
CA GLU A 156 -33.45 -7.73 -3.03
C GLU A 156 -33.79 -7.06 -1.69
N GLU A 157 -34.52 -5.94 -1.73
CA GLU A 157 -35.12 -5.36 -0.54
C GLU A 157 -36.61 -5.10 -0.76
N ILE A 158 -37.43 -5.69 0.11
CA ILE A 158 -38.85 -5.46 0.22
C ILE A 158 -39.09 -4.37 1.27
N ASN A 159 -39.67 -3.24 0.83
CA ASN A 159 -40.17 -2.24 1.74
C ASN A 159 -41.62 -2.63 2.06
N GLU A 160 -41.82 -3.23 3.24
CA GLU A 160 -43.11 -3.79 3.63
C GLU A 160 -44.15 -2.67 3.83
N ASP A 161 -43.68 -1.49 4.24
CA ASP A 161 -44.57 -0.37 4.56
C ASP A 161 -45.19 0.18 3.27
N LEU A 162 -44.42 0.20 2.17
CA LEU A 162 -44.89 0.78 0.91
C LEU A 162 -45.39 -0.31 -0.05
N GLY A 163 -45.13 -1.57 0.26
CA GLY A 163 -45.35 -2.67 -0.66
C GLY A 163 -44.60 -2.49 -1.97
N LEU A 164 -43.34 -2.02 -1.88
CA LEU A 164 -42.43 -1.91 -3.01
C LEU A 164 -41.27 -2.90 -2.82
N THR A 165 -40.80 -3.50 -3.91
CA THR A 165 -39.60 -4.33 -3.89
C THR A 165 -38.60 -3.81 -4.92
N TYR A 166 -37.34 -3.64 -4.51
CA TYR A 166 -36.28 -3.29 -5.45
C TYR A 166 -35.26 -4.44 -5.48
N ARG A 167 -34.95 -4.88 -6.69
CA ARG A 167 -33.94 -5.89 -6.93
C ARG A 167 -32.89 -5.34 -7.88
N TYR A 168 -31.63 -5.74 -7.69
CA TYR A 168 -30.65 -5.63 -8.77
C TYR A 168 -29.85 -6.93 -8.81
N GLN A 169 -29.38 -7.27 -10.01
CA GLN A 169 -28.69 -8.52 -10.27
C GLN A 169 -27.43 -8.23 -11.05
N TRP A 170 -26.29 -8.82 -10.63
CA TRP A 170 -25.04 -8.70 -11.39
C TRP A 170 -24.90 -9.93 -12.30
N CYS A 171 -24.64 -9.68 -13.58
CA CYS A 171 -24.38 -10.71 -14.61
C CYS A 171 -23.08 -10.33 -15.33
N SER A 172 -22.47 -11.33 -16.02
CA SER A 172 -21.29 -11.08 -16.84
C SER A 172 -21.58 -11.32 -18.32
N SER A 173 -20.90 -10.55 -19.16
CA SER A 173 -20.99 -10.59 -20.60
C SER A 173 -19.58 -10.41 -21.16
N ASN A 174 -19.10 -11.40 -21.90
CA ASN A 174 -17.81 -11.35 -22.55
C ASN A 174 -17.75 -10.10 -23.43
N GLN A 175 -18.79 -9.88 -24.23
CA GLN A 175 -18.86 -8.73 -25.14
C GLN A 175 -18.98 -7.39 -24.40
N PHE A 176 -19.81 -7.31 -23.36
CA PHE A 176 -20.30 -5.99 -22.87
C PHE A 176 -19.78 -5.63 -21.46
N GLY A 177 -19.32 -6.63 -20.69
CA GLY A 177 -18.68 -6.39 -19.41
C GLY A 177 -19.53 -6.87 -18.26
N PHE A 178 -19.89 -5.94 -17.36
CA PHE A 178 -20.79 -6.26 -16.25
C PHE A 178 -22.16 -5.68 -16.57
N VAL A 179 -23.21 -6.44 -16.24
CA VAL A 179 -24.59 -6.01 -16.48
C VAL A 179 -25.35 -6.08 -15.16
N ARG A 180 -25.92 -4.94 -14.76
CA ARG A 180 -26.71 -4.83 -13.58
C ARG A 180 -28.16 -4.63 -14.03
N LYS A 181 -28.99 -5.65 -13.79
CA LYS A 181 -30.38 -5.66 -14.16
C LYS A 181 -31.19 -5.26 -12.94
N SER A 182 -32.00 -4.20 -13.10
CA SER A 182 -32.79 -3.62 -12.02
C SER A 182 -34.28 -3.92 -12.24
N GLU A 183 -35.02 -4.15 -11.15
CA GLU A 183 -36.49 -4.29 -11.19
C GLU A 183 -37.04 -3.56 -9.97
N LEU A 184 -37.97 -2.63 -10.20
CA LEU A 184 -38.75 -1.97 -9.17
C LEU A 184 -40.19 -2.45 -9.29
N SER A 185 -40.68 -3.15 -8.26
CA SER A 185 -41.97 -3.84 -8.30
C SER A 185 -42.92 -3.24 -7.26
N ASN A 186 -44.11 -2.82 -7.70
CA ASN A 186 -45.17 -2.29 -6.84
C ASN A 186 -46.20 -3.39 -6.65
N HIS A 187 -46.16 -4.07 -5.49
CA HIS A 187 -47.14 -5.10 -5.14
C HIS A 187 -48.18 -4.54 -4.14
N SER A 188 -48.27 -3.22 -3.99
CA SER A 188 -49.28 -2.60 -3.16
C SER A 188 -50.56 -2.40 -3.99
N LYS A 189 -51.59 -1.82 -3.37
CA LYS A 189 -52.82 -1.44 -4.07
C LYS A 189 -52.75 0.04 -4.45
N ASN A 190 -51.65 0.71 -4.11
CA ASN A 190 -51.45 2.14 -4.30
C ASN A 190 -50.75 2.41 -5.64
N VAL A 191 -50.85 3.65 -6.09
CA VAL A 191 -50.20 4.18 -7.27
C VAL A 191 -49.20 5.23 -6.78
N TYR A 192 -47.93 5.11 -7.16
CA TYR A 192 -46.87 5.98 -6.66
C TYR A 192 -46.23 6.78 -7.80
N GLU A 193 -46.06 8.09 -7.60
CA GLU A 193 -45.16 8.91 -8.40
C GLU A 193 -43.76 8.80 -7.77
N ILE A 194 -42.83 8.20 -8.49
CA ILE A 194 -41.48 7.97 -7.99
C ILE A 194 -40.47 8.74 -8.84
N SER A 195 -39.62 9.51 -8.15
CA SER A 195 -38.37 10.00 -8.71
C SER A 195 -37.22 9.12 -8.18
N LEU A 196 -36.55 8.39 -9.08
CA LEU A 196 -35.50 7.51 -8.65
C LEU A 196 -34.14 8.07 -9.08
N LEU A 197 -33.12 7.74 -8.26
CA LEU A 197 -31.73 7.93 -8.61
C LEU A 197 -31.02 6.60 -8.36
N ASP A 198 -30.55 5.96 -9.44
CA ASP A 198 -30.03 4.62 -9.39
C ASP A 198 -28.78 4.53 -10.26
N GLY A 199 -27.79 3.79 -9.76
CA GLY A 199 -26.53 3.67 -10.49
C GLY A 199 -25.44 3.00 -9.68
N ILE A 200 -24.21 3.32 -10.06
CA ILE A 200 -23.03 2.77 -9.47
C ILE A 200 -22.05 3.92 -9.21
N GLN A 201 -21.29 3.82 -8.12
CA GLN A 201 -20.40 4.90 -7.71
C GLN A 201 -19.00 4.38 -7.33
N ASN A 202 -18.07 5.34 -7.23
CA ASN A 202 -16.66 5.11 -7.01
C ASN A 202 -16.14 4.18 -8.12
N ILE A 203 -16.47 4.54 -9.37
CA ILE A 203 -16.03 3.87 -10.54
C ILE A 203 -14.60 4.30 -10.79
N MET A 204 -13.72 3.32 -10.93
CA MET A 204 -12.33 3.59 -11.25
C MET A 204 -12.24 4.09 -12.68
N PRO A 205 -11.32 5.03 -12.95
CA PRO A 205 -10.92 5.33 -14.31
C PRO A 205 -9.92 4.26 -14.75
N TYR A 206 -9.80 4.06 -16.06
CA TYR A 206 -8.78 3.21 -16.64
C TYR A 206 -7.42 3.77 -16.25
N GLY A 207 -6.49 2.88 -15.91
CA GLY A 207 -5.04 3.21 -15.94
C GLY A 207 -4.42 3.52 -14.58
N VAL A 208 -5.14 3.22 -13.51
CA VAL A 208 -4.62 3.37 -12.16
C VAL A 208 -4.15 2.01 -11.68
N SER A 209 -2.86 1.92 -11.29
CA SER A 209 -2.32 0.69 -10.71
C SER A 209 -3.02 0.43 -9.37
N SER A 210 -3.18 -0.85 -9.03
CA SER A 210 -3.78 -1.24 -7.78
C SER A 210 -2.93 -0.75 -6.59
N ASP A 211 -1.59 -0.63 -6.76
CA ASP A 211 -0.73 -0.20 -5.64
C ASP A 211 -1.01 1.29 -5.35
N LEU A 212 -1.12 2.09 -6.39
CA LEU A 212 -1.35 3.52 -6.25
C LEU A 212 -2.74 3.79 -5.66
N GLN A 213 -3.75 3.06 -6.10
CA GLN A 213 -5.10 3.24 -5.61
C GLN A 213 -5.14 2.87 -4.13
N SER A 214 -4.39 1.83 -3.74
CA SER A 214 -4.36 1.36 -2.35
C SER A 214 -3.74 2.41 -1.40
N SER A 215 -2.65 3.05 -1.83
CA SER A 215 -1.82 3.83 -0.93
C SER A 215 -2.03 5.34 -1.11
N THR A 216 -2.52 5.77 -2.29
CA THR A 216 -2.50 7.19 -2.64
C THR A 216 -3.77 7.59 -3.40
N SER A 217 -4.92 7.09 -2.93
CA SER A 217 -6.21 7.31 -3.58
C SER A 217 -6.53 8.79 -3.76
N ASN A 218 -6.11 9.63 -2.80
CA ASN A 218 -6.38 11.08 -2.85
C ASN A 218 -5.69 11.73 -4.05
N LEU A 219 -4.43 11.37 -4.33
CA LEU A 219 -3.68 11.97 -5.44
C LEU A 219 -4.38 11.60 -6.76
N VAL A 220 -4.88 10.37 -6.84
CA VAL A 220 -5.49 9.85 -8.06
C VAL A 220 -6.71 10.71 -8.43
N ASP A 221 -7.49 11.12 -7.41
CA ASP A 221 -8.68 11.96 -7.60
C ASP A 221 -8.35 13.18 -8.46
N ALA A 222 -7.18 13.76 -8.26
CA ALA A 222 -6.83 15.00 -8.92
C ALA A 222 -6.65 14.83 -10.43
N TYR A 223 -6.52 13.59 -10.90
CA TYR A 223 -6.37 13.30 -12.33
C TYR A 223 -7.66 12.76 -12.96
N LYS A 224 -8.73 12.62 -12.18
CA LYS A 224 -9.99 12.06 -12.68
C LYS A 224 -10.76 13.09 -13.52
N ARG A 225 -11.32 12.59 -14.63
CA ARG A 225 -12.27 13.31 -15.44
C ARG A 225 -13.35 12.33 -15.89
N SER A 226 -14.58 12.60 -15.47
CA SER A 226 -15.74 11.83 -15.80
C SER A 226 -16.64 12.64 -16.75
N GLU A 227 -17.03 12.01 -17.86
CA GLU A 227 -17.75 12.69 -18.91
C GLU A 227 -18.95 11.86 -19.35
N LEU A 228 -19.98 12.56 -19.81
CA LEU A 228 -21.11 11.94 -20.44
C LEU A 228 -21.09 12.25 -21.92
N HIS A 229 -21.35 11.22 -22.74
CA HIS A 229 -21.67 11.38 -24.18
C HIS A 229 -23.18 11.56 -24.32
N PRO A 230 -23.68 12.81 -24.46
CA PRO A 230 -25.13 13.06 -24.41
C PRO A 230 -26.00 12.28 -25.43
N LYS A 231 -25.52 12.11 -26.67
CA LYS A 231 -26.28 11.37 -27.70
C LYS A 231 -26.61 9.93 -27.25
N SER A 232 -25.74 9.33 -26.44
CA SER A 232 -25.85 7.94 -26.09
C SER A 232 -26.24 7.77 -24.62
N GLY A 233 -25.95 8.75 -23.78
CA GLY A 233 -26.02 8.58 -22.31
C GLY A 233 -24.86 7.77 -21.73
N LEU A 234 -23.81 7.54 -22.52
CA LEU A 234 -22.69 6.72 -22.07
C LEU A 234 -21.77 7.56 -21.21
N GLY A 235 -21.39 7.01 -20.06
CA GLY A 235 -20.39 7.62 -19.17
C GLY A 235 -19.00 7.10 -19.45
N ILE A 236 -18.04 8.02 -19.55
CA ILE A 236 -16.61 7.76 -19.77
C ILE A 236 -15.83 8.18 -18.51
N PHE A 237 -15.09 7.22 -17.95
CA PHE A 237 -14.34 7.39 -16.74
C PHE A 237 -12.86 7.18 -17.04
N ALA A 238 -12.12 8.30 -17.09
CA ALA A 238 -10.72 8.32 -17.50
C ALA A 238 -9.89 9.23 -16.60
N LEU A 239 -8.56 9.23 -16.85
CA LEU A 239 -7.62 10.13 -16.24
C LEU A 239 -7.26 11.21 -17.25
N SER A 240 -6.82 12.37 -16.75
CA SER A 240 -6.33 13.44 -17.60
C SER A 240 -4.93 13.10 -18.13
N ALA A 241 -4.23 12.26 -17.37
CA ALA A 241 -2.93 11.71 -17.71
C ALA A 241 -2.66 10.47 -16.83
N ILE A 242 -1.98 9.47 -17.39
CA ILE A 242 -1.51 8.32 -16.61
C ILE A 242 -0.51 8.87 -15.58
N ILE A 243 -0.64 8.46 -14.33
CA ILE A 243 0.18 9.02 -13.27
C ILE A 243 1.51 8.30 -13.28
N VAL A 244 2.58 9.06 -13.39
CA VAL A 244 3.88 8.51 -13.64
C VAL A 244 4.91 9.42 -12.97
N ASP A 245 5.97 8.84 -12.42
CA ASP A 245 6.99 9.60 -11.69
C ASP A 245 7.92 10.34 -12.68
N LYS A 246 7.97 9.89 -13.94
CA LYS A 246 8.82 10.50 -14.98
C LYS A 246 8.28 11.86 -15.43
N ALA A 247 9.18 12.74 -15.85
CA ALA A 247 8.86 14.09 -16.29
C ALA A 247 8.67 14.10 -17.81
N GLU A 248 7.65 13.38 -18.28
CA GLU A 248 7.40 13.24 -19.70
C GLU A 248 5.90 13.09 -19.93
N PRO A 249 5.40 13.36 -21.16
CA PRO A 249 3.99 13.22 -21.48
C PRO A 249 3.48 11.80 -21.22
N SER A 250 2.22 11.69 -20.81
CA SER A 250 1.66 10.43 -20.41
C SER A 250 0.15 10.40 -20.69
N GLU A 251 -0.20 10.21 -21.96
CA GLU A 251 -1.55 10.22 -22.46
C GLU A 251 -2.32 9.01 -21.93
N ALA A 252 -3.58 9.24 -21.58
CA ALA A 252 -4.48 8.21 -21.11
C ALA A 252 -5.54 8.01 -22.19
N LEU A 253 -5.32 6.99 -23.03
CA LEU A 253 -6.08 6.81 -24.24
C LEU A 253 -7.02 5.62 -24.10
N LYS A 254 -7.35 5.24 -22.86
CA LYS A 254 -8.44 4.30 -22.63
C LYS A 254 -9.22 4.75 -21.40
N ALA A 255 -10.38 4.11 -21.18
CA ALA A 255 -11.33 4.52 -20.17
C ALA A 255 -12.15 3.32 -19.70
N ASN A 256 -12.75 3.42 -18.51
CA ASN A 256 -13.85 2.57 -18.15
C ASN A 256 -15.14 3.28 -18.60
N ILE A 257 -16.20 2.50 -18.84
CA ILE A 257 -17.47 3.05 -19.33
C ILE A 257 -18.62 2.43 -18.54
N ALA A 258 -19.72 3.20 -18.55
CA ALA A 258 -21.01 2.73 -18.08
C ALA A 258 -22.08 3.37 -18.95
N TRP A 259 -23.14 2.60 -19.23
CA TRP A 259 -24.28 3.05 -20.04
C TRP A 259 -25.54 2.29 -19.58
N SER A 260 -26.71 2.68 -20.09
CA SER A 260 -27.96 2.07 -19.66
C SER A 260 -29.00 1.99 -20.78
N LEU A 261 -29.96 1.09 -20.56
CA LEU A 261 -31.16 0.92 -21.34
C LEU A 261 -32.35 0.78 -20.39
N GLY A 262 -33.53 1.16 -20.88
CA GLY A 262 -34.83 0.85 -20.27
C GLY A 262 -35.52 2.06 -19.62
N LEU A 263 -34.82 3.18 -19.43
CA LEU A 263 -35.44 4.35 -18.79
C LEU A 263 -35.75 5.40 -19.86
N ASN A 264 -36.93 6.05 -19.75
CA ASN A 264 -37.34 7.11 -20.66
C ASN A 264 -36.67 8.43 -20.26
N ASN A 265 -35.90 9.01 -21.19
CA ASN A 265 -35.35 10.38 -21.11
C ASN A 265 -34.79 10.65 -19.70
N PRO A 266 -33.77 9.89 -19.23
CA PRO A 266 -33.18 10.17 -17.93
C PRO A 266 -32.24 11.39 -17.92
N LYS A 267 -32.10 11.96 -16.73
CA LYS A 267 -31.02 12.87 -16.41
C LYS A 267 -29.87 12.02 -15.89
N TYR A 268 -28.63 12.43 -16.17
CA TYR A 268 -27.43 11.67 -15.72
C TYR A 268 -26.58 12.48 -14.74
N LEU A 269 -26.04 11.80 -13.73
CA LEU A 269 -24.88 12.25 -12.95
C LEU A 269 -23.68 11.39 -13.34
N VAL A 270 -22.48 12.02 -13.35
CA VAL A 270 -21.22 11.26 -13.55
C VAL A 270 -20.33 11.40 -12.30
N SER A 271 -20.97 11.64 -11.16
CA SER A 271 -20.33 11.79 -9.86
C SER A 271 -21.37 11.56 -8.77
N SER A 272 -20.90 11.46 -7.53
CA SER A 272 -21.73 11.34 -6.37
C SER A 272 -21.94 12.70 -5.66
N LEU A 273 -21.50 13.81 -6.25
CA LEU A 273 -21.57 15.12 -5.59
C LEU A 273 -22.97 15.47 -5.08
N GLN A 274 -24.03 15.12 -5.82
CA GLN A 274 -25.39 15.62 -5.55
C GLN A 274 -26.22 14.54 -4.84
N LEU A 275 -25.55 13.47 -4.43
CA LEU A 275 -26.22 12.32 -3.93
C LEU A 275 -27.01 12.68 -2.66
N ASN A 276 -26.39 13.44 -1.79
CA ASN A 276 -26.98 13.85 -0.53
C ASN A 276 -28.17 14.81 -0.72
N HIS A 277 -28.11 15.70 -1.71
CA HIS A 277 -29.24 16.58 -2.03
C HIS A 277 -30.47 15.72 -2.33
N PHE A 278 -30.28 14.67 -3.13
CA PHE A 278 -31.39 13.80 -3.53
C PHE A 278 -31.89 13.04 -2.31
N ARG A 279 -30.94 12.57 -1.48
CA ARG A 279 -31.25 11.85 -0.28
C ARG A 279 -32.14 12.70 0.62
N ASN A 280 -31.99 14.04 0.55
CA ASN A 280 -32.73 14.97 1.40
C ASN A 280 -33.96 15.49 0.66
N GLY A 281 -34.38 14.82 -0.41
CA GLY A 281 -35.66 15.06 -1.05
C GLY A 281 -35.63 16.18 -2.07
N LYS A 282 -34.42 16.63 -2.45
CA LYS A 282 -34.27 17.72 -3.42
C LYS A 282 -34.05 17.09 -4.82
N SER A 283 -34.18 17.90 -5.86
CA SER A 283 -33.94 17.46 -7.23
C SER A 283 -32.48 17.75 -7.63
N ILE A 284 -31.98 17.06 -8.65
CA ILE A 284 -30.57 17.16 -9.04
C ILE A 284 -30.46 17.91 -10.37
N SER A 285 -29.27 18.46 -10.64
CA SER A 285 -28.89 18.99 -11.98
C SER A 285 -28.10 17.95 -12.75
N PRO A 286 -28.34 17.78 -14.07
CA PRO A 286 -27.53 16.90 -14.90
C PRO A 286 -26.05 17.28 -14.89
N GLU A 287 -25.17 16.28 -14.98
CA GLU A 287 -23.75 16.49 -15.08
C GLU A 287 -23.22 15.79 -16.34
N ASP A 288 -22.32 16.44 -17.07
CA ASP A 288 -21.70 15.80 -18.23
C ASP A 288 -20.16 15.91 -18.22
N ASP A 289 -19.57 16.61 -17.23
CA ASP A 289 -18.12 16.84 -17.21
C ASP A 289 -17.68 17.29 -15.80
N ILE A 290 -17.20 16.35 -15.00
CA ILE A 290 -16.76 16.54 -13.62
C ILE A 290 -15.28 16.15 -13.51
N LYS A 291 -14.48 17.04 -12.92
CA LYS A 291 -13.04 16.87 -12.76
C LYS A 291 -12.69 16.81 -11.27
N GLY A 292 -11.76 15.92 -10.91
CA GLY A 292 -11.21 15.93 -9.58
C GLY A 292 -12.02 15.10 -8.60
N GLU A 293 -12.96 14.29 -9.08
CA GLU A 293 -13.86 13.57 -8.20
C GLU A 293 -13.97 12.12 -8.65
N LYS A 294 -14.29 11.25 -7.68
CA LYS A 294 -14.61 9.86 -7.98
C LYS A 294 -15.67 9.80 -9.09
N GLY A 295 -15.48 8.90 -10.05
CA GLY A 295 -16.48 8.62 -11.06
C GLY A 295 -17.73 7.99 -10.46
N ALA A 296 -18.89 8.31 -11.03
CA ALA A 296 -20.12 7.56 -10.77
C ALA A 296 -20.98 7.61 -12.02
N TYR A 297 -22.00 6.75 -12.06
CA TYR A 297 -22.94 6.73 -13.14
C TYR A 297 -24.34 6.54 -12.54
N PHE A 298 -25.11 7.64 -12.52
CA PHE A 298 -26.47 7.65 -11.97
C PHE A 298 -27.49 8.10 -13.02
N LEU A 299 -28.63 7.41 -13.02
CA LEU A 299 -29.78 7.77 -13.81
C LEU A 299 -30.87 8.31 -12.89
N ASN A 300 -31.46 9.43 -13.31
CA ASN A 300 -32.58 10.01 -12.64
C ASN A 300 -33.74 10.10 -13.64
N THR A 301 -34.86 9.51 -13.24
CA THR A 301 -36.11 9.67 -13.97
C THR A 301 -37.28 9.71 -12.99
N VAL A 302 -38.40 10.25 -13.49
CA VAL A 302 -39.67 10.30 -12.81
C VAL A 302 -40.60 9.32 -13.53
N MET A 303 -41.42 8.59 -12.78
CA MET A 303 -42.35 7.67 -13.37
C MET A 303 -43.55 7.45 -12.45
N THR A 304 -44.63 6.91 -13.03
CA THR A 304 -45.81 6.54 -12.29
C THR A 304 -45.87 5.02 -12.27
N LEU A 305 -45.72 4.44 -11.07
CA LEU A 305 -45.72 3.02 -10.91
C LEU A 305 -47.09 2.55 -10.42
N GLU A 306 -47.86 2.00 -11.37
CA GLU A 306 -49.22 1.52 -11.11
C GLU A 306 -49.13 0.28 -10.20
N ALA A 307 -50.23 0.02 -9.49
CA ALA A 307 -50.38 -1.14 -8.63
C ALA A 307 -50.16 -2.42 -9.44
N ASN A 308 -49.49 -3.40 -8.81
CA ASN A 308 -49.26 -4.71 -9.40
C ASN A 308 -48.54 -4.57 -10.76
N THR A 309 -47.59 -3.63 -10.85
CA THR A 309 -46.73 -3.53 -12.03
C THR A 309 -45.26 -3.43 -11.60
N GLN A 310 -44.37 -3.66 -12.55
CA GLN A 310 -42.93 -3.76 -12.36
C GLN A 310 -42.23 -2.98 -13.47
N LYS A 311 -41.28 -2.10 -13.12
CA LYS A 311 -40.44 -1.40 -14.09
C LYS A 311 -39.02 -2.00 -14.07
N GLU A 312 -38.41 -2.08 -15.24
CA GLU A 312 -37.11 -2.72 -15.45
C GLU A 312 -36.15 -1.79 -16.18
N TRP A 313 -34.86 -1.89 -15.83
CA TRP A 313 -33.79 -1.25 -16.62
C TRP A 313 -32.45 -1.97 -16.37
N MET A 314 -31.43 -1.60 -17.12
CA MET A 314 -30.12 -2.18 -16.89
C MET A 314 -29.01 -1.14 -17.07
N ILE A 315 -27.92 -1.38 -16.36
CA ILE A 315 -26.71 -0.63 -16.52
C ILE A 315 -25.59 -1.61 -16.91
N ILE A 316 -24.80 -1.20 -17.89
CA ILE A 316 -23.71 -1.98 -18.42
C ILE A 316 -22.43 -1.20 -18.15
N ALA A 317 -21.41 -1.90 -17.65
CA ALA A 317 -20.12 -1.25 -17.42
C ALA A 317 -19.02 -2.16 -17.94
N ASN A 318 -17.98 -1.56 -18.50
CA ASN A 318 -16.89 -2.33 -19.04
C ASN A 318 -15.59 -1.59 -18.74
N VAL A 319 -14.48 -2.33 -18.81
CA VAL A 319 -13.17 -1.80 -18.54
C VAL A 319 -12.32 -1.83 -19.83
N ASN A 320 -11.27 -1.01 -19.85
CA ASN A 320 -10.17 -1.15 -20.78
C ASN A 320 -10.69 -0.89 -22.19
N GLN A 321 -11.34 0.26 -22.39
CA GLN A 321 -12.02 0.65 -23.63
C GLN A 321 -11.25 1.78 -24.32
N ASP A 322 -10.89 1.55 -25.58
CA ASP A 322 -10.23 2.56 -26.40
C ASP A 322 -11.31 3.31 -27.19
N HIS A 323 -10.89 4.31 -27.98
N HIS A 323 -10.89 4.32 -27.97
CA HIS A 323 -11.81 5.17 -28.71
CA HIS A 323 -11.81 5.18 -28.73
C HIS A 323 -12.73 4.33 -29.61
C HIS A 323 -12.73 4.33 -29.61
N SER A 324 -12.16 3.37 -30.35
CA SER A 324 -12.97 2.52 -31.26
C SER A 324 -13.97 1.68 -30.45
N ASP A 325 -13.58 1.18 -29.28
CA ASP A 325 -14.50 0.39 -28.47
C ASP A 325 -15.70 1.25 -28.05
N ILE A 326 -15.44 2.50 -27.68
CA ILE A 326 -16.47 3.37 -27.17
C ILE A 326 -17.43 3.78 -28.29
N ILE A 327 -16.88 4.16 -29.44
CA ILE A 327 -17.70 4.53 -30.59
C ILE A 327 -18.60 3.36 -31.02
N ALA A 328 -18.11 2.13 -30.99
CA ALA A 328 -18.94 0.97 -31.34
C ALA A 328 -20.14 0.88 -30.41
N ILE A 329 -19.94 1.19 -29.11
CA ILE A 329 -21.01 1.15 -28.13
C ILE A 329 -21.99 2.32 -28.38
N THR A 330 -21.47 3.54 -28.60
CA THR A 330 -22.32 4.72 -28.82
C THR A 330 -23.18 4.51 -30.07
N GLU A 331 -22.62 3.86 -31.09
CA GLU A 331 -23.32 3.56 -32.35
C GLU A 331 -24.41 2.51 -32.10
N THR A 332 -24.08 1.45 -31.35
CA THR A 332 -25.04 0.41 -31.06
C THR A 332 -26.20 0.99 -30.24
N ILE A 333 -25.91 1.86 -29.26
CA ILE A 333 -26.96 2.48 -28.46
C ILE A 333 -27.95 3.22 -29.38
N GLN A 334 -27.44 3.99 -30.35
CA GLN A 334 -28.26 4.88 -31.17
C GLN A 334 -28.96 4.09 -32.30
N ASN A 335 -28.32 3.04 -32.86
CA ASN A 335 -28.78 2.42 -34.12
C ASN A 335 -29.33 0.99 -33.95
N ASN A 336 -28.95 0.27 -32.89
CA ASN A 336 -29.31 -1.16 -32.78
C ASN A 336 -30.53 -1.31 -31.87
N LYS A 337 -31.71 -1.46 -32.48
CA LYS A 337 -33.01 -1.57 -31.79
C LYS A 337 -33.07 -2.86 -30.92
N LYS A 338 -32.19 -3.84 -31.17
CA LYS A 338 -32.22 -5.13 -30.47
C LYS A 338 -31.07 -5.23 -29.42
N ILE A 339 -30.44 -4.10 -29.04
CA ILE A 339 -29.25 -4.11 -28.18
C ILE A 339 -29.54 -4.85 -26.86
N ALA A 340 -30.68 -4.60 -26.24
CA ALA A 340 -31.03 -5.27 -24.97
C ALA A 340 -31.03 -6.80 -25.13
N GLU A 341 -31.61 -7.25 -26.25
CA GLU A 341 -31.72 -8.67 -26.58
C GLU A 341 -30.32 -9.27 -26.78
N ASP A 342 -29.40 -8.51 -27.39
CA ASP A 342 -28.03 -8.95 -27.62
C ASP A 342 -27.26 -9.09 -26.28
N ILE A 343 -27.51 -8.19 -25.34
CA ILE A 343 -26.88 -8.25 -24.05
C ILE A 343 -27.36 -9.53 -23.36
N ASN A 344 -28.67 -9.73 -23.33
CA ASN A 344 -29.27 -10.88 -22.67
C ASN A 344 -28.75 -12.18 -23.30
N THR A 345 -28.64 -12.20 -24.64
CA THR A 345 -28.12 -13.35 -25.38
C THR A 345 -26.67 -13.63 -24.95
N ASP A 346 -25.84 -12.59 -24.82
CA ASP A 346 -24.42 -12.78 -24.51
C ASP A 346 -24.24 -13.27 -23.07
N ILE A 347 -25.09 -12.78 -22.15
CA ILE A 347 -25.11 -13.25 -20.79
C ILE A 347 -25.38 -14.77 -20.79
N GLU A 348 -26.41 -15.20 -21.51
CA GLU A 348 -26.81 -16.62 -21.54
C GLU A 348 -25.73 -17.48 -22.25
N LEU A 349 -25.02 -16.90 -23.22
CA LEU A 349 -23.91 -17.58 -23.83
C LEU A 349 -22.80 -17.83 -22.78
N GLY A 350 -22.62 -16.86 -21.86
CA GLY A 350 -21.66 -17.00 -20.80
C GLY A 350 -21.98 -18.23 -19.95
N THR A 351 -23.24 -18.34 -19.53
CA THR A 351 -23.68 -19.51 -18.76
C THR A 351 -23.40 -20.80 -19.55
N LYS A 352 -23.70 -20.76 -20.86
CA LYS A 352 -23.62 -21.93 -21.68
C LYS A 352 -22.15 -22.39 -21.75
N ARG A 353 -21.24 -21.45 -22.01
CA ARG A 353 -19.80 -21.74 -22.08
C ARG A 353 -19.31 -22.26 -20.72
N LEU A 354 -19.86 -21.73 -19.63
CA LEU A 354 -19.51 -22.13 -18.29
C LEU A 354 -19.90 -23.60 -18.08
N ILE A 355 -21.12 -23.93 -18.46
CA ILE A 355 -21.62 -25.28 -18.37
C ILE A 355 -20.72 -26.20 -19.20
N GLU A 356 -20.34 -25.80 -20.42
CA GLU A 356 -19.49 -26.68 -21.26
C GLU A 356 -18.14 -26.96 -20.59
N LEU A 357 -17.53 -25.93 -19.98
CA LEU A 357 -16.23 -26.09 -19.38
C LEU A 357 -16.36 -27.10 -18.23
N ASN A 358 -17.36 -26.90 -17.39
CA ASN A 358 -17.51 -27.61 -16.13
C ASN A 358 -18.00 -29.03 -16.41
N ALA A 359 -18.96 -29.18 -17.33
CA ALA A 359 -19.53 -30.46 -17.69
C ALA A 359 -18.44 -31.40 -18.24
N SER A 360 -17.40 -30.84 -18.86
CA SER A 360 -16.34 -31.63 -19.47
C SER A 360 -15.49 -32.29 -18.38
N SER A 361 -15.53 -31.74 -17.14
CA SER A 361 -14.88 -32.32 -15.96
C SER A 361 -15.88 -32.99 -15.01
N ASP A 362 -17.00 -33.44 -15.58
CA ASP A 362 -18.05 -34.19 -14.89
C ASP A 362 -18.73 -33.39 -13.77
N ALA A 363 -19.01 -32.12 -14.03
CA ALA A 363 -19.63 -31.27 -12.99
C ALA A 363 -21.09 -31.63 -12.78
N LEU A 364 -21.78 -32.21 -13.79
CA LEU A 364 -23.27 -32.24 -13.77
C LEU A 364 -23.78 -33.54 -13.14
N GLN A 365 -24.60 -33.38 -12.11
CA GLN A 365 -25.26 -34.45 -11.37
C GLN A 365 -26.69 -33.99 -11.07
N LEU A 366 -27.64 -34.93 -11.08
CA LEU A 366 -29.00 -34.68 -10.68
C LEU A 366 -29.46 -35.80 -9.76
N THR A 367 -29.63 -35.44 -8.47
CA THR A 367 -30.07 -36.37 -7.43
C THR A 367 -31.30 -35.75 -6.77
N ALA A 368 -31.81 -36.35 -5.69
CA ALA A 368 -32.89 -35.74 -4.91
C ALA A 368 -32.35 -34.54 -4.12
N ASP A 369 -31.03 -34.44 -3.96
CA ASP A 369 -30.46 -33.42 -3.13
C ASP A 369 -29.72 -32.37 -3.97
N ASN A 370 -30.42 -31.29 -4.30
CA ASN A 370 -29.92 -30.25 -5.15
C ASN A 370 -28.71 -29.54 -4.51
N LEU A 371 -28.66 -29.51 -3.16
CA LEU A 371 -27.56 -28.89 -2.47
C LEU A 371 -26.27 -29.63 -2.80
N ARG A 372 -26.29 -30.97 -2.73
CA ARG A 372 -25.09 -31.79 -3.05
C ARG A 372 -24.77 -31.59 -4.56
N ASP A 373 -25.81 -31.52 -5.39
CA ASP A 373 -25.63 -31.34 -6.85
C ASP A 373 -24.87 -30.04 -7.11
N THR A 374 -25.33 -28.97 -6.45
CA THR A 374 -24.81 -27.64 -6.67
C THR A 374 -23.38 -27.55 -6.12
N ARG A 375 -23.15 -28.19 -4.97
CA ARG A 375 -21.84 -28.20 -4.34
C ARG A 375 -20.85 -28.95 -5.25
N HIS A 376 -21.29 -30.05 -5.86
CA HIS A 376 -20.42 -30.77 -6.81
C HIS A 376 -20.07 -29.87 -7.99
N PHE A 377 -21.06 -29.11 -8.51
CA PHE A 377 -20.81 -28.20 -9.63
C PHE A 377 -19.75 -27.17 -9.24
N SER A 378 -19.97 -26.45 -8.13
CA SER A 378 -19.00 -25.42 -7.69
C SER A 378 -17.65 -26.04 -7.30
N ASN A 379 -17.65 -27.21 -6.66
CA ASN A 379 -16.39 -27.88 -6.37
C ASN A 379 -15.59 -28.06 -7.66
N THR A 380 -16.24 -28.52 -8.72
CA THR A 380 -15.59 -28.84 -9.99
C THR A 380 -15.08 -27.55 -10.63
N LEU A 381 -15.89 -26.50 -10.57
CA LEU A 381 -15.51 -25.26 -11.18
C LEU A 381 -14.25 -24.69 -10.50
N PHE A 382 -14.20 -24.68 -9.16
CA PHE A 382 -13.02 -24.17 -8.46
C PHE A 382 -11.80 -25.06 -8.78
N ASN A 383 -12.00 -26.37 -8.98
CA ASN A 383 -10.92 -27.23 -9.32
C ASN A 383 -10.36 -26.87 -10.70
N ILE A 384 -11.24 -26.68 -11.69
CA ILE A 384 -10.74 -26.40 -13.05
C ILE A 384 -10.25 -24.95 -13.13
N MET A 385 -10.88 -24.02 -12.40
CA MET A 385 -10.37 -22.63 -12.36
C MET A 385 -8.91 -22.58 -11.88
N ARG A 386 -8.52 -23.45 -10.93
CA ARG A 386 -7.19 -23.35 -10.37
C ARG A 386 -6.19 -24.21 -11.14
N GLY A 387 -6.58 -25.41 -11.58
CA GLY A 387 -5.66 -26.33 -12.27
C GLY A 387 -5.81 -26.36 -13.79
N GLY A 388 -6.93 -25.83 -14.30
CA GLY A 388 -7.21 -25.83 -15.71
C GLY A 388 -8.11 -26.98 -16.13
N ILE A 389 -8.56 -26.89 -17.39
CA ILE A 389 -9.43 -27.84 -18.05
C ILE A 389 -8.88 -28.04 -19.46
N PHE A 390 -8.99 -29.26 -19.98
CA PHE A 390 -8.49 -29.55 -21.32
C PHE A 390 -9.40 -28.87 -22.34
N ASP A 391 -8.76 -28.42 -23.41
CA ASP A 391 -9.34 -27.60 -24.44
C ASP A 391 -10.56 -28.30 -25.06
N ASN A 392 -10.37 -29.55 -25.48
CA ASN A 392 -11.36 -30.27 -26.26
C ASN A 392 -11.00 -31.76 -26.25
N ASN A 393 -11.47 -32.46 -25.23
CA ASN A 393 -11.25 -33.90 -25.13
C ASN A 393 -9.73 -34.12 -25.22
N TYR A 394 -9.31 -34.99 -26.14
CA TYR A 394 -7.90 -35.33 -26.35
C TYR A 394 -7.37 -34.67 -27.63
N GLN A 395 -8.06 -33.62 -28.11
CA GLN A 395 -7.70 -33.00 -29.37
C GLN A 395 -6.61 -31.95 -29.14
N ILE A 396 -5.67 -31.84 -30.09
CA ILE A 396 -4.55 -30.90 -30.05
C ILE A 396 -4.52 -30.13 -31.37
N GLU A 397 -4.29 -28.81 -31.31
CA GLU A 397 -4.01 -27.99 -32.50
C GLU A 397 -2.49 -27.94 -32.77
N LYS A 398 -2.13 -28.11 -34.05
CA LYS A 398 -0.75 -28.16 -34.53
C LYS A 398 -0.02 -26.84 -34.26
N GLY A 399 -0.69 -25.70 -34.46
CA GLY A 399 -0.10 -24.39 -34.25
C GLY A 399 0.42 -24.25 -32.82
N ASP A 400 -0.43 -24.58 -31.84
CA ASP A 400 -0.09 -24.47 -30.44
C ASP A 400 1.01 -25.49 -30.08
N PHE A 401 0.87 -26.72 -30.59
CA PHE A 401 1.81 -27.80 -30.28
C PHE A 401 3.19 -27.44 -30.80
N SER A 402 3.22 -26.91 -32.03
CA SER A 402 4.46 -26.57 -32.74
C SER A 402 5.21 -25.45 -31.98
N ASN A 403 4.49 -24.41 -31.56
CA ASN A 403 5.07 -23.29 -30.78
C ASN A 403 5.67 -23.80 -29.47
N TYR A 404 4.94 -24.70 -28.80
CA TYR A 404 5.38 -25.37 -27.58
C TYR A 404 6.75 -26.05 -27.81
N ILE A 405 6.87 -26.82 -28.90
CA ILE A 405 8.11 -27.51 -29.19
C ILE A 405 9.23 -26.49 -29.46
N LYS A 406 8.88 -25.41 -30.15
CA LYS A 406 9.84 -24.39 -30.51
C LYS A 406 10.47 -23.81 -29.23
N LYS A 407 9.63 -23.39 -28.28
CA LYS A 407 10.07 -22.77 -27.01
C LYS A 407 10.86 -23.79 -26.17
N ALA A 408 10.54 -25.09 -26.28
CA ALA A 408 11.09 -26.16 -25.44
C ALA A 408 12.50 -26.56 -25.88
N ASN A 409 12.70 -26.80 -27.18
CA ASN A 409 13.95 -27.34 -27.67
C ASN A 409 14.11 -26.99 -29.16
N LYS A 410 15.03 -26.05 -29.46
CA LYS A 410 15.25 -25.52 -30.82
C LYS A 410 15.75 -26.65 -31.73
N LEU A 411 16.52 -27.59 -31.19
CA LEU A 411 17.12 -28.67 -31.99
C LEU A 411 16.09 -29.77 -32.30
N VAL A 412 15.18 -30.04 -31.37
CA VAL A 412 14.09 -30.97 -31.65
C VAL A 412 13.15 -30.33 -32.69
N PHE A 413 12.87 -29.03 -32.54
CA PHE A 413 11.98 -28.31 -33.42
C PHE A 413 12.45 -28.34 -34.87
N ASP A 414 13.77 -28.12 -35.11
CA ASP A 414 14.35 -28.10 -36.48
C ASP A 414 14.40 -29.51 -37.08
N LYS A 415 14.59 -30.54 -36.25
CA LYS A 415 14.78 -31.91 -36.69
C LYS A 415 13.44 -32.58 -37.05
N ILE A 416 12.40 -32.37 -36.23
CA ILE A 416 11.13 -33.07 -36.37
C ILE A 416 10.23 -32.30 -37.33
N ASP A 417 9.81 -32.97 -38.42
CA ASP A 417 8.90 -32.43 -39.45
C ASP A 417 7.45 -32.81 -39.08
N LEU A 418 6.57 -31.82 -38.98
CA LEU A 418 5.19 -32.03 -38.49
C LEU A 418 4.16 -32.01 -39.63
N ASN A 419 4.62 -32.19 -40.88
CA ASN A 419 3.73 -32.22 -42.06
C ASN A 419 2.70 -33.34 -41.90
N ALA A 420 3.14 -34.50 -41.39
CA ALA A 420 2.36 -35.75 -41.33
C ALA A 420 1.18 -35.66 -40.34
N LEU A 421 1.13 -34.62 -39.50
CA LEU A 421 -0.01 -34.36 -38.62
C LEU A 421 -0.89 -33.29 -39.29
N GLY A 422 -2.22 -33.43 -39.16
CA GLY A 422 -3.13 -32.43 -39.67
C GLY A 422 -3.14 -31.21 -38.76
N GLU A 423 -3.99 -30.23 -39.08
CA GLU A 423 -4.11 -29.02 -38.31
C GLU A 423 -4.65 -29.36 -36.92
N ILE A 424 -5.42 -30.45 -36.81
CA ILE A 424 -5.97 -30.95 -35.56
C ILE A 424 -5.71 -32.46 -35.51
N PHE A 425 -5.23 -32.95 -34.36
CA PHE A 425 -5.00 -34.38 -34.20
C PHE A 425 -5.18 -34.75 -32.71
N SER A 426 -5.33 -36.06 -32.47
CA SER A 426 -5.57 -36.59 -31.13
C SER A 426 -4.24 -36.90 -30.43
N LEU A 427 -4.33 -37.10 -29.11
CA LEU A 427 -3.24 -37.58 -28.29
C LEU A 427 -2.73 -38.92 -28.82
N ASN A 428 -3.63 -39.81 -29.23
CA ASN A 428 -3.24 -41.10 -29.82
C ASN A 428 -2.54 -40.89 -31.16
N ASP A 429 -2.94 -39.87 -31.92
CA ASP A 429 -2.25 -39.56 -33.18
C ASP A 429 -0.81 -39.13 -32.84
N LEU A 430 -0.66 -38.28 -31.81
CA LEU A 430 0.64 -37.75 -31.46
C LEU A 430 1.55 -38.90 -31.01
N ASN A 431 1.02 -39.83 -30.21
CA ASN A 431 1.73 -40.98 -29.72
C ASN A 431 2.21 -41.85 -30.91
N GLU A 432 1.33 -42.09 -31.90
CA GLU A 432 1.68 -42.94 -33.07
C GLU A 432 2.76 -42.23 -33.89
N PHE A 433 2.64 -40.91 -34.04
CA PHE A 433 3.63 -40.09 -34.70
C PHE A 433 4.99 -40.13 -33.97
N ALA A 434 4.98 -39.90 -32.65
CA ALA A 434 6.18 -39.86 -31.83
C ALA A 434 7.00 -41.14 -31.98
N SER A 435 6.32 -42.30 -31.99
CA SER A 435 6.97 -43.61 -32.10
C SER A 435 7.72 -43.78 -33.44
N LYS A 436 7.44 -42.94 -34.45
CA LYS A 436 8.11 -43.02 -35.76
C LYS A 436 9.33 -42.09 -35.83
N GLN A 437 9.52 -41.19 -34.85
CA GLN A 437 10.58 -40.16 -34.93
C GLN A 437 11.85 -40.63 -34.22
N LYS A 438 11.74 -41.57 -33.28
CA LYS A 438 12.89 -42.24 -32.59
C LYS A 438 13.82 -41.18 -31.94
N ASP A 439 13.22 -40.17 -31.33
CA ASP A 439 13.93 -39.09 -30.65
C ASP A 439 13.34 -38.97 -29.24
N VAL A 440 14.14 -39.30 -28.22
CA VAL A 440 13.67 -39.39 -26.85
C VAL A 440 13.29 -38.00 -26.31
N ASP A 441 13.86 -36.94 -26.87
CA ASP A 441 13.54 -35.59 -26.42
C ASP A 441 12.14 -35.22 -26.94
N PHE A 442 11.83 -35.65 -28.17
CA PHE A 442 10.52 -35.42 -28.76
C PHE A 442 9.48 -36.30 -28.06
N ASP A 443 9.83 -37.56 -27.75
CA ASP A 443 8.94 -38.45 -26.96
C ASP A 443 8.52 -37.76 -25.65
N ARG A 444 9.50 -37.19 -24.94
CA ARG A 444 9.27 -36.57 -23.67
C ARG A 444 8.36 -35.34 -23.87
N LEU A 445 8.70 -34.47 -24.82
CA LEU A 445 7.99 -33.21 -24.98
C LEU A 445 6.54 -33.44 -25.44
N ALA A 446 6.33 -34.41 -26.35
CA ALA A 446 5.00 -34.76 -26.82
C ALA A 446 4.14 -35.22 -25.64
N LEU A 447 4.73 -36.08 -24.80
CA LEU A 447 4.04 -36.73 -23.72
C LEU A 447 3.71 -35.72 -22.61
N GLU A 448 4.55 -34.70 -22.44
CA GLU A 448 4.34 -33.69 -21.38
C GLU A 448 3.31 -32.65 -21.79
N TYR A 449 2.99 -32.55 -23.08
CA TYR A 449 2.12 -31.51 -23.58
C TYR A 449 0.72 -31.68 -22.98
N LEU A 450 0.21 -30.61 -22.38
CA LEU A 450 -1.09 -30.62 -21.75
C LEU A 450 -1.85 -29.39 -22.22
N PRO A 451 -2.86 -29.54 -23.11
CA PRO A 451 -3.58 -28.41 -23.66
C PRO A 451 -4.67 -27.90 -22.69
N LEU A 452 -4.20 -27.40 -21.55
CA LEU A 452 -5.05 -26.83 -20.52
C LEU A 452 -5.34 -25.36 -20.82
N LYS A 453 -6.54 -24.93 -20.45
CA LYS A 453 -6.97 -23.55 -20.46
C LYS A 453 -7.79 -23.29 -19.20
N PHE A 454 -8.05 -22.00 -18.94
CA PHE A 454 -9.00 -21.50 -17.94
C PHE A 454 -8.35 -21.39 -16.56
N SER A 455 -7.09 -21.81 -16.39
CA SER A 455 -6.44 -21.77 -15.08
C SER A 455 -6.04 -20.34 -14.75
N ARG A 456 -6.02 -20.02 -13.44
CA ARG A 456 -5.50 -18.73 -12.96
C ARG A 456 -5.00 -18.88 -11.51
N ARG A 457 -4.00 -18.08 -11.13
CA ARG A 457 -3.52 -18.04 -9.72
C ARG A 457 -4.68 -17.60 -8.82
N HIS A 458 -4.68 -18.03 -7.56
CA HIS A 458 -5.86 -17.90 -6.71
C HIS A 458 -5.75 -16.75 -5.68
N GLY A 459 -5.48 -15.54 -6.14
CA GLY A 459 -5.61 -14.33 -5.34
C GLY A 459 -7.01 -13.74 -5.36
N ASP A 460 -7.30 -12.94 -4.33
CA ASP A 460 -8.51 -12.20 -4.19
C ASP A 460 -8.37 -11.33 -2.94
N PRO A 461 -9.33 -10.41 -2.65
CA PRO A 461 -9.25 -9.55 -1.47
C PRO A 461 -9.13 -10.29 -0.14
N SER A 462 -9.60 -11.54 -0.05
CA SER A 462 -9.43 -12.35 1.17
C SER A 462 -8.11 -13.17 1.15
N ARG A 463 -7.38 -13.15 0.01
CA ARG A 463 -6.03 -13.77 -0.11
C ARG A 463 -5.12 -12.75 -0.77
N PRO A 464 -4.98 -11.54 -0.19
CA PRO A 464 -4.46 -10.40 -0.93
C PRO A 464 -2.94 -10.45 -1.21
N TRP A 465 -2.24 -11.36 -0.54
CA TRP A 465 -0.81 -11.65 -0.78
C TRP A 465 -0.61 -12.46 -2.07
N ASN A 466 -1.67 -13.01 -2.66
CA ASN A 466 -1.60 -13.73 -3.93
C ASN A 466 -2.05 -12.78 -5.06
N LYS A 467 -1.15 -12.47 -6.00
CA LYS A 467 -1.46 -11.66 -7.20
C LYS A 467 -2.13 -12.59 -8.22
N PHE A 468 -3.38 -12.32 -8.60
CA PHE A 468 -4.09 -13.15 -9.62
C PHE A 468 -4.12 -12.43 -10.96
N SER A 469 -4.30 -13.22 -12.02
CA SER A 469 -4.53 -12.72 -13.38
C SER A 469 -5.21 -13.80 -14.23
N ILE A 470 -6.41 -13.49 -14.74
CA ILE A 470 -7.19 -14.38 -15.59
C ILE A 470 -6.83 -14.08 -17.04
N ASN A 471 -5.87 -14.85 -17.55
CA ASN A 471 -5.19 -14.61 -18.83
C ASN A 471 -5.73 -15.59 -19.87
N THR A 472 -7.06 -15.63 -20.02
CA THR A 472 -7.76 -16.69 -20.73
C THR A 472 -8.20 -16.25 -22.12
N GLN A 473 -8.11 -14.95 -22.40
CA GLN A 473 -8.42 -14.39 -23.70
C GLN A 473 -7.18 -13.61 -24.15
N SER A 474 -6.75 -13.78 -25.40
CA SER A 474 -5.47 -13.20 -25.86
C SER A 474 -5.60 -11.69 -25.92
N GLU A 475 -4.49 -11.00 -25.57
CA GLU A 475 -4.39 -9.54 -25.67
C GLU A 475 -4.69 -9.12 -27.12
N ILE A 476 -4.21 -9.91 -28.09
CA ILE A 476 -4.36 -9.66 -29.55
C ILE A 476 -5.86 -9.65 -29.96
N ASP A 477 -6.53 -10.82 -29.99
CA ASP A 477 -7.84 -10.96 -30.69
C ASP A 477 -8.95 -11.52 -29.77
N GLY A 478 -8.70 -11.67 -28.47
CA GLY A 478 -9.70 -12.19 -27.53
C GLY A 478 -9.96 -13.70 -27.62
N SER A 479 -9.12 -14.45 -28.38
CA SER A 479 -9.26 -15.92 -28.58
C SER A 479 -8.66 -16.70 -27.39
N LYS A 480 -8.92 -18.00 -27.34
CA LYS A 480 -8.55 -18.82 -26.18
C LYS A 480 -7.02 -18.91 -26.09
N VAL A 481 -6.56 -19.10 -24.85
CA VAL A 481 -5.17 -19.20 -24.51
C VAL A 481 -4.96 -20.55 -23.84
N LEU A 482 -4.08 -21.36 -24.44
CA LEU A 482 -3.68 -22.64 -23.86
C LEU A 482 -2.38 -22.38 -23.11
N ASP A 483 -2.47 -22.28 -21.80
CA ASP A 483 -1.34 -22.04 -20.94
C ASP A 483 -1.76 -22.38 -19.51
N TYR A 484 -0.77 -22.61 -18.67
CA TYR A 484 -1.03 -22.83 -17.26
C TYR A 484 0.23 -22.49 -16.46
N GLU A 485 0.02 -22.06 -15.21
CA GLU A 485 1.07 -21.92 -14.23
C GLU A 485 0.45 -22.15 -12.84
N GLY A 486 1.21 -22.79 -11.95
CA GLY A 486 0.73 -23.07 -10.62
C GLY A 486 1.83 -23.50 -9.68
N ASN A 487 1.56 -23.32 -8.38
CA ASN A 487 2.43 -23.81 -7.35
C ASN A 487 2.32 -25.34 -7.37
N TRP A 488 3.46 -25.98 -7.14
CA TRP A 488 3.66 -27.41 -7.26
C TRP A 488 2.50 -28.19 -6.65
N ARG A 489 2.30 -28.08 -5.33
CA ARG A 489 1.31 -28.93 -4.66
C ARG A 489 -0.13 -28.52 -5.06
N ASP A 490 -0.37 -27.24 -5.36
CA ASP A 490 -1.74 -26.79 -5.68
C ASP A 490 -2.21 -27.43 -7.00
N ILE A 491 -1.37 -27.36 -8.02
CA ILE A 491 -1.76 -27.76 -9.34
C ILE A 491 -1.77 -29.30 -9.45
N PHE A 492 -0.78 -30.00 -8.89
CA PHE A 492 -0.76 -31.48 -8.99
C PHE A 492 -1.92 -32.08 -8.17
N GLN A 493 -2.35 -31.39 -7.12
CA GLN A 493 -3.58 -31.79 -6.40
C GLN A 493 -4.81 -31.65 -7.31
N ASN A 494 -5.00 -30.47 -7.91
CA ASN A 494 -6.11 -30.19 -8.82
C ASN A 494 -6.15 -31.25 -9.92
N TRP A 495 -4.98 -31.61 -10.46
CA TRP A 495 -4.86 -32.54 -11.60
C TRP A 495 -5.27 -33.97 -11.22
N GLU A 496 -5.21 -34.34 -9.94
CA GLU A 496 -5.60 -35.69 -9.55
C GLU A 496 -7.09 -35.85 -9.86
N ALA A 497 -7.89 -34.86 -9.49
CA ALA A 497 -9.33 -34.86 -9.74
C ALA A 497 -9.57 -34.77 -11.23
N LEU A 498 -8.85 -33.86 -11.90
CA LEU A 498 -9.05 -33.62 -13.33
C LEU A 498 -8.87 -34.91 -14.12
N ALA A 499 -7.84 -35.68 -13.75
CA ALA A 499 -7.44 -36.88 -14.48
C ALA A 499 -8.59 -37.91 -14.53
N HIS A 500 -9.45 -37.94 -13.51
CA HIS A 500 -10.57 -38.86 -13.49
C HIS A 500 -11.49 -38.63 -14.70
N SER A 501 -11.61 -37.39 -15.18
CA SER A 501 -12.48 -37.08 -16.30
C SER A 501 -11.75 -37.23 -17.65
N PHE A 502 -10.42 -37.31 -17.61
CA PHE A 502 -9.58 -37.40 -18.81
C PHE A 502 -8.44 -38.38 -18.56
N PRO A 503 -8.74 -39.67 -18.28
CA PRO A 503 -7.72 -40.59 -17.79
C PRO A 503 -6.47 -40.75 -18.67
N ASN A 504 -6.59 -40.57 -19.99
CA ASN A 504 -5.49 -40.93 -20.92
C ASN A 504 -4.39 -39.86 -20.87
N PHE A 505 -4.64 -38.77 -20.14
CA PHE A 505 -3.63 -37.74 -19.88
C PHE A 505 -2.81 -38.07 -18.63
N ILE A 506 -3.10 -39.16 -17.94
CA ILE A 506 -2.39 -39.44 -16.68
C ILE A 506 -0.88 -39.55 -16.97
N ASP A 507 -0.49 -40.24 -18.05
CA ASP A 507 0.93 -40.41 -18.42
C ASP A 507 1.60 -39.04 -18.55
N SER A 508 0.91 -38.12 -19.23
CA SER A 508 1.41 -36.79 -19.45
C SER A 508 1.74 -36.13 -18.10
N MET A 509 0.81 -36.25 -17.14
CA MET A 509 0.94 -35.63 -15.87
C MET A 509 2.11 -36.24 -15.09
N ILE A 510 2.29 -37.56 -15.19
CA ILE A 510 3.34 -38.28 -14.47
C ILE A 510 4.71 -37.86 -15.00
N HIS A 511 4.89 -37.86 -16.33
CA HIS A 511 6.12 -37.41 -16.93
C HIS A 511 6.39 -35.95 -16.54
N LYS A 512 5.35 -35.11 -16.55
CA LYS A 512 5.55 -33.72 -16.23
C LYS A 512 6.14 -33.58 -14.81
N PHE A 513 5.57 -34.32 -13.87
CA PHE A 513 5.97 -34.33 -12.45
C PHE A 513 7.40 -34.86 -12.30
N LEU A 514 7.65 -36.05 -12.85
CA LEU A 514 8.95 -36.72 -12.67
C LEU A 514 10.07 -35.89 -13.31
N ASN A 515 9.84 -35.40 -14.52
CA ASN A 515 10.88 -34.71 -15.28
C ASN A 515 11.19 -33.32 -14.69
N ALA A 516 10.26 -32.76 -13.91
CA ALA A 516 10.49 -31.48 -13.24
C ALA A 516 11.05 -31.70 -11.84
N SER A 517 11.36 -32.96 -11.47
CA SER A 517 12.04 -33.31 -10.20
C SER A 517 13.56 -33.34 -10.38
N THR A 518 14.29 -32.92 -9.32
CA THR A 518 15.74 -32.78 -9.31
C THR A 518 16.43 -34.12 -9.00
N PHE A 519 17.73 -34.20 -9.25
CA PHE A 519 18.47 -35.45 -9.05
C PHE A 519 18.54 -35.79 -7.55
N ASP A 520 18.56 -34.75 -6.70
CA ASP A 520 18.67 -34.92 -5.23
C ASP A 520 17.28 -35.13 -4.62
N GLY A 521 16.25 -35.23 -5.46
CA GLY A 521 14.96 -35.80 -5.05
C GLY A 521 13.93 -34.78 -4.63
N TYR A 522 14.04 -33.55 -5.14
CA TYR A 522 13.08 -32.47 -4.83
C TYR A 522 12.55 -31.89 -6.15
N ASN A 523 12.04 -30.65 -6.13
CA ASN A 523 11.39 -30.04 -7.25
C ASN A 523 11.34 -28.53 -7.07
N PRO A 524 11.18 -27.75 -8.18
CA PRO A 524 10.95 -26.32 -8.09
C PRO A 524 9.55 -26.03 -7.56
N TYR A 525 9.28 -24.76 -7.22
CA TYR A 525 8.05 -24.38 -6.54
C TYR A 525 6.88 -24.19 -7.51
N ARG A 526 7.15 -24.00 -8.80
CA ARG A 526 6.09 -23.75 -9.80
C ARG A 526 6.32 -24.63 -11.03
N VAL A 527 5.22 -25.08 -11.64
CA VAL A 527 5.24 -25.63 -12.97
C VAL A 527 4.38 -24.74 -13.89
N THR A 528 4.79 -24.72 -15.16
CA THR A 528 4.16 -23.98 -16.24
C THR A 528 4.12 -24.87 -17.49
N LYS A 529 3.38 -24.44 -18.51
CA LYS A 529 3.40 -25.11 -19.80
C LYS A 529 4.82 -25.09 -20.39
N GLU A 530 5.51 -23.95 -20.25
CA GLU A 530 6.89 -23.77 -20.75
C GLU A 530 7.81 -24.80 -20.07
N GLY A 531 7.73 -24.90 -18.74
CA GLY A 531 8.48 -25.88 -17.96
C GLY A 531 8.28 -25.71 -16.47
N PHE A 532 9.16 -24.92 -15.83
CA PHE A 532 9.10 -24.69 -14.40
C PHE A 532 9.90 -23.44 -14.01
N ASP A 533 9.59 -22.93 -12.83
CA ASP A 533 10.26 -21.80 -12.24
C ASP A 533 10.68 -22.19 -10.82
N TRP A 534 11.81 -21.66 -10.40
CA TRP A 534 12.30 -21.82 -9.05
C TRP A 534 12.39 -20.44 -8.39
N GLU A 535 12.30 -20.42 -7.06
CA GLU A 535 12.48 -19.22 -6.28
C GLU A 535 13.96 -18.80 -6.31
N THR A 536 14.19 -17.49 -6.34
CA THR A 536 15.52 -16.88 -6.26
C THR A 536 15.64 -16.11 -4.94
N ILE A 537 16.87 -15.70 -4.62
CA ILE A 537 17.22 -14.89 -3.44
C ILE A 537 17.04 -13.41 -3.81
N GLU A 538 16.71 -12.58 -2.81
CA GLU A 538 16.57 -11.09 -2.91
C GLU A 538 17.86 -10.40 -2.47
N GLU A 539 18.26 -9.34 -3.20
CA GLU A 539 19.31 -8.35 -2.82
C GLU A 539 20.52 -9.06 -2.18
N ASP A 540 20.96 -8.55 -1.00
CA ASP A 540 21.85 -9.28 -0.07
C ASP A 540 21.12 -9.43 1.29
N ASP A 541 19.80 -9.63 1.21
CA ASP A 541 18.85 -9.67 2.35
C ASP A 541 19.07 -10.97 3.13
N PRO A 542 19.43 -10.90 4.43
CA PRO A 542 19.84 -12.10 5.17
C PRO A 542 18.70 -13.09 5.47
N TRP A 543 17.46 -12.60 5.50
CA TRP A 543 16.26 -13.39 5.85
C TRP A 543 15.58 -13.93 4.56
N SER A 544 16.29 -13.84 3.42
CA SER A 544 15.82 -14.34 2.13
C SER A 544 16.59 -15.61 1.76
N TYR A 545 15.89 -16.74 1.76
CA TYR A 545 16.50 -18.03 1.52
C TYR A 545 15.52 -18.94 0.76
N ILE A 546 16.07 -19.91 0.03
CA ILE A 546 15.28 -20.81 -0.78
C ILE A 546 15.29 -22.20 -0.15
N GLY A 547 14.51 -23.10 -0.74
CA GLY A 547 14.56 -24.49 -0.36
C GLY A 547 13.48 -25.34 -1.00
N TYR A 548 13.28 -26.51 -0.37
CA TYR A 548 12.42 -27.55 -0.86
C TYR A 548 11.43 -27.91 0.24
N TRP A 549 10.16 -28.03 -0.16
CA TRP A 549 9.06 -28.42 0.71
C TRP A 549 9.06 -29.94 0.83
N GLY A 550 8.99 -30.45 2.08
CA GLY A 550 9.19 -31.86 2.38
C GLY A 550 8.07 -32.79 1.93
N ASP A 551 6.87 -32.27 1.64
CA ASP A 551 5.70 -33.09 1.32
C ASP A 551 5.46 -33.16 -0.20
N HIS A 552 6.21 -32.37 -0.96
CA HIS A 552 5.91 -32.10 -2.38
C HIS A 552 6.04 -33.36 -3.25
N GLN A 553 6.81 -34.37 -2.80
CA GLN A 553 7.20 -35.43 -3.69
C GLN A 553 6.28 -36.66 -3.53
N ILE A 554 6.29 -37.28 -2.34
CA ILE A 554 5.79 -38.63 -2.22
C ILE A 554 4.27 -38.73 -2.47
N ILE A 555 3.44 -38.03 -1.68
CA ILE A 555 2.01 -38.34 -1.76
C ILE A 555 1.41 -37.92 -3.10
N TYR A 556 1.87 -36.80 -3.68
CA TYR A 556 1.28 -36.24 -4.91
C TYR A 556 1.67 -37.10 -6.13
N LEU A 557 2.91 -37.57 -6.18
CA LEU A 557 3.33 -38.54 -7.19
C LEU A 557 2.50 -39.82 -7.05
N LEU A 558 2.33 -40.28 -5.83
CA LEU A 558 1.74 -41.57 -5.60
C LEU A 558 0.31 -41.60 -6.14
N LYS A 559 -0.47 -40.54 -5.93
CA LYS A 559 -1.84 -40.55 -6.36
C LYS A 559 -1.91 -40.78 -7.88
N PHE A 560 -0.94 -40.23 -8.62
CA PHE A 560 -0.87 -40.42 -10.08
C PHE A 560 -0.47 -41.86 -10.40
N LEU A 561 0.47 -42.43 -9.64
CA LEU A 561 0.94 -43.81 -9.96
C LEU A 561 -0.20 -44.82 -9.69
N GLU A 562 -0.92 -44.60 -8.60
CA GLU A 562 -2.08 -45.43 -8.28
C GLU A 562 -3.10 -45.36 -9.42
N PHE A 563 -3.32 -44.15 -9.94
CA PHE A 563 -4.33 -43.89 -10.96
C PHE A 563 -3.98 -44.67 -12.23
N ILE A 564 -2.74 -44.51 -12.74
CA ILE A 564 -2.34 -45.16 -13.99
C ILE A 564 -2.31 -46.69 -13.83
N GLU A 565 -1.95 -47.19 -12.66
CA GLU A 565 -1.89 -48.65 -12.46
C GLU A 565 -3.31 -49.23 -12.40
N LYS A 566 -4.27 -48.41 -11.94
CA LYS A 566 -5.68 -48.81 -11.96
C LYS A 566 -6.27 -48.79 -13.37
N HIS A 567 -5.97 -47.73 -14.14
CA HIS A 567 -6.58 -47.53 -15.48
C HIS A 567 -5.83 -48.31 -16.57
N GLN A 568 -4.49 -48.41 -16.46
CA GLN A 568 -3.66 -49.04 -17.50
C GLN A 568 -2.63 -49.94 -16.84
N PRO A 569 -3.05 -51.09 -16.27
CA PRO A 569 -2.13 -52.00 -15.61
C PRO A 569 -1.01 -52.42 -16.57
N GLY A 570 0.22 -52.45 -16.06
CA GLY A 570 1.40 -52.81 -16.90
C GLY A 570 2.05 -51.60 -17.56
N LYS A 571 1.43 -50.43 -17.52
CA LYS A 571 1.98 -49.30 -18.28
C LYS A 571 3.27 -48.78 -17.59
N LEU A 572 3.26 -48.71 -16.26
CA LEU A 572 4.44 -48.26 -15.53
C LEU A 572 5.61 -49.23 -15.80
N HIS A 573 5.32 -50.54 -15.84
CA HIS A 573 6.28 -51.60 -16.18
C HIS A 573 7.03 -51.27 -17.47
N SER A 574 6.32 -50.70 -18.45
CA SER A 574 6.90 -50.39 -19.78
C SER A 574 7.84 -49.19 -19.69
N TYR A 575 7.83 -48.46 -18.56
CA TYR A 575 8.76 -47.34 -18.42
C TYR A 575 10.02 -47.76 -17.65
N PHE A 576 10.01 -48.94 -17.05
CA PHE A 576 11.09 -49.35 -16.14
C PHE A 576 12.48 -49.18 -16.78
N GLU A 577 12.64 -49.55 -18.07
CA GLU A 577 13.95 -49.58 -18.76
C GLU A 577 14.04 -48.47 -19.80
N SER A 578 12.98 -47.69 -19.93
CA SER A 578 12.90 -46.68 -20.96
C SER A 578 13.53 -45.38 -20.43
N GLU A 579 14.66 -45.00 -21.03
CA GLU A 579 15.46 -43.86 -20.63
C GLU A 579 14.95 -42.62 -21.36
N CYS A 580 13.75 -42.17 -20.98
CA CYS A 580 13.11 -41.00 -21.57
C CYS A 580 12.89 -39.90 -20.53
N PHE A 581 13.22 -40.17 -19.26
CA PHE A 581 13.05 -39.20 -18.18
C PHE A 581 14.34 -38.40 -18.01
N VAL A 582 14.20 -37.20 -17.44
CA VAL A 582 15.28 -36.22 -17.29
C VAL A 582 15.27 -35.69 -15.85
N TYR A 583 16.20 -34.79 -15.55
CA TYR A 583 16.37 -34.20 -14.27
C TYR A 583 16.26 -32.68 -14.43
N ALA A 584 15.36 -32.07 -13.65
CA ALA A 584 15.28 -30.63 -13.55
C ALA A 584 16.53 -30.11 -12.84
N ALA A 585 17.17 -29.13 -13.47
CA ALA A 585 18.35 -28.48 -12.90
C ALA A 585 17.89 -27.27 -12.10
N VAL A 586 17.59 -27.47 -10.81
CA VAL A 586 17.33 -26.36 -9.91
C VAL A 586 18.65 -26.02 -9.23
N PRO A 587 19.14 -24.77 -9.35
CA PRO A 587 20.46 -24.40 -8.87
C PRO A 587 20.51 -24.16 -7.35
N TYR A 588 20.13 -25.18 -6.58
CA TYR A 588 20.16 -25.18 -5.14
C TYR A 588 21.21 -26.21 -4.72
N THR A 589 22.06 -25.81 -3.77
CA THR A 589 23.13 -26.65 -3.23
C THR A 589 22.76 -27.06 -1.80
N ILE A 590 22.33 -28.31 -1.63
CA ILE A 590 22.08 -28.85 -0.31
C ILE A 590 23.45 -29.16 0.32
N LYS A 591 23.71 -28.61 1.51
CA LYS A 591 25.05 -28.59 2.10
C LYS A 591 25.48 -29.97 2.58
N PRO A 592 26.79 -30.17 2.85
CA PRO A 592 27.28 -31.42 3.46
C PRO A 592 26.56 -31.79 4.76
N TYR A 593 26.56 -33.10 5.08
CA TYR A 593 25.74 -33.65 6.16
C TYR A 593 26.15 -33.04 7.52
N GLU A 594 27.45 -32.97 7.78
CA GLU A 594 27.97 -32.47 9.07
C GLU A 594 27.54 -31.01 9.31
N GLU A 595 27.38 -30.21 8.25
CA GLU A 595 26.93 -28.81 8.34
C GLU A 595 25.42 -28.73 8.65
N ILE A 596 24.66 -29.68 8.11
CA ILE A 596 23.22 -29.76 8.34
C ILE A 596 22.98 -30.16 9.80
N LEU A 597 23.70 -31.20 10.23
CA LEU A 597 23.61 -31.76 11.58
C LEU A 597 23.96 -30.66 12.59
N ASN A 598 24.93 -29.83 12.23
CA ASN A 598 25.42 -28.73 13.05
C ASN A 598 24.39 -27.58 13.11
N ASN A 599 23.76 -27.23 11.98
CA ASN A 599 22.73 -26.18 11.98
C ASN A 599 21.70 -26.49 10.90
N PRO A 600 20.65 -27.27 11.25
CA PRO A 600 19.67 -27.72 10.26
C PRO A 600 18.69 -26.65 9.78
N LYS A 601 18.93 -25.39 10.14
CA LYS A 601 18.19 -24.26 9.60
C LYS A 601 18.98 -23.56 8.48
N ASP A 602 20.27 -23.91 8.34
CA ASP A 602 21.20 -23.32 7.35
C ASP A 602 21.77 -24.45 6.47
N THR A 603 20.97 -24.88 5.48
CA THR A 603 21.17 -26.15 4.79
C THR A 603 21.18 -26.04 3.26
N ILE A 604 20.67 -24.96 2.67
CA ILE A 604 20.64 -24.87 1.22
C ILE A 604 21.10 -23.50 0.76
N GLY A 605 22.16 -23.50 -0.05
CA GLY A 605 22.69 -22.33 -0.73
C GLY A 605 22.22 -22.27 -2.19
N TYR A 606 22.05 -21.03 -2.70
CA TYR A 606 21.81 -20.74 -4.09
C TYR A 606 23.14 -20.76 -4.83
N ASN A 607 23.20 -21.55 -5.92
CA ASN A 607 24.39 -21.70 -6.73
C ASN A 607 24.27 -20.80 -7.97
N HIS A 608 24.85 -19.59 -7.88
CA HIS A 608 24.72 -18.51 -8.86
C HIS A 608 25.48 -18.86 -10.16
N GLU A 609 26.54 -19.65 -10.04
CA GLU A 609 27.36 -20.03 -11.18
C GLU A 609 26.62 -21.07 -12.03
N TRP A 610 25.86 -21.92 -11.35
CA TRP A 610 25.04 -22.94 -11.98
C TRP A 610 23.84 -22.28 -12.70
N GLU A 611 23.33 -21.19 -12.13
CA GLU A 611 22.31 -20.36 -12.76
C GLU A 611 22.85 -19.75 -14.07
N LYS A 612 24.12 -19.33 -14.10
CA LYS A 612 24.72 -18.72 -15.31
C LYS A 612 24.66 -19.73 -16.45
N VAL A 613 25.08 -20.97 -16.16
CA VAL A 613 25.15 -22.08 -17.13
C VAL A 613 23.74 -22.42 -17.66
N ILE A 614 22.73 -22.41 -16.79
CA ILE A 614 21.35 -22.76 -17.18
C ILE A 614 20.80 -21.66 -18.10
N ASN A 615 21.15 -20.40 -17.80
CA ASN A 615 20.68 -19.25 -18.56
C ASN A 615 21.30 -19.27 -19.96
N GLU A 616 22.57 -19.67 -20.05
CA GLU A 616 23.24 -19.80 -21.34
C GLU A 616 22.54 -20.90 -22.16
N ARG A 617 22.33 -22.05 -21.54
CA ARG A 617 21.70 -23.20 -22.20
C ARG A 617 20.27 -22.84 -22.63
N LYS A 618 19.60 -21.98 -21.87
CA LYS A 618 18.23 -21.57 -22.19
C LYS A 618 18.22 -20.63 -23.41
N LYS A 619 19.28 -19.82 -23.58
CA LYS A 619 19.41 -18.92 -24.74
C LYS A 619 19.60 -19.76 -26.01
N SER A 620 20.20 -20.95 -25.86
CA SER A 620 20.79 -21.75 -26.93
C SER A 620 19.90 -22.94 -27.35
N ILE A 621 19.23 -23.59 -26.39
CA ILE A 621 18.34 -24.74 -26.59
C ILE A 621 16.88 -24.29 -26.47
N GLY A 622 16.57 -23.48 -25.44
CA GLY A 622 15.19 -23.18 -24.98
C GLY A 622 14.96 -23.72 -23.57
N ALA A 623 13.70 -23.93 -23.20
CA ALA A 623 13.35 -24.39 -21.83
C ALA A 623 14.11 -25.67 -21.41
N ASP A 624 14.46 -26.54 -22.37
CA ASP A 624 15.13 -27.80 -22.11
C ASP A 624 16.56 -27.55 -21.59
N GLY A 625 17.03 -26.30 -21.64
CA GLY A 625 18.34 -25.93 -21.09
C GLY A 625 18.38 -26.00 -19.57
N ALA A 626 17.22 -26.06 -18.94
CA ALA A 626 17.08 -26.20 -17.52
C ALA A 626 17.07 -27.68 -17.10
N LEU A 627 17.59 -28.58 -17.94
CA LEU A 627 17.72 -29.99 -17.56
C LEU A 627 19.20 -30.29 -17.37
N LEU A 628 19.52 -31.28 -16.51
CA LEU A 628 20.86 -31.72 -16.31
C LEU A 628 21.40 -32.33 -17.61
N LYS A 629 22.58 -31.85 -18.01
CA LYS A 629 23.39 -32.45 -19.04
C LYS A 629 24.20 -33.57 -18.39
N SER A 630 24.84 -34.40 -19.20
CA SER A 630 25.90 -35.25 -18.75
C SER A 630 27.19 -34.83 -19.46
N ASN A 631 28.26 -35.58 -19.20
CA ASN A 631 29.56 -35.36 -19.82
C ASN A 631 29.47 -35.62 -21.33
N ASP A 632 28.69 -36.64 -21.74
CA ASP A 632 28.55 -36.99 -23.19
C ASP A 632 27.42 -36.16 -23.84
N LYS A 633 26.23 -36.12 -23.21
CA LYS A 633 24.97 -35.73 -23.90
C LYS A 633 24.45 -34.40 -23.35
N SER A 634 24.12 -33.47 -24.24
CA SER A 634 23.59 -32.16 -23.83
C SER A 634 22.38 -32.32 -22.90
N ILE A 635 21.70 -33.49 -22.92
CA ILE A 635 20.60 -33.76 -21.97
C ILE A 635 20.71 -35.22 -21.51
N TYR A 636 20.66 -35.42 -20.19
CA TYR A 636 20.90 -36.74 -19.62
C TYR A 636 19.55 -37.42 -19.39
N HIS A 637 19.50 -38.70 -19.77
CA HIS A 637 18.27 -39.46 -19.78
C HIS A 637 18.41 -40.67 -18.86
N VAL A 638 17.39 -40.89 -18.02
CA VAL A 638 17.35 -42.00 -17.11
C VAL A 638 15.97 -42.65 -17.20
N ASN A 639 15.85 -43.83 -16.58
CA ASN A 639 14.60 -44.58 -16.66
C ASN A 639 13.75 -44.36 -15.40
N PHE A 640 12.58 -45.02 -15.38
CA PHE A 640 11.60 -44.78 -14.35
C PHE A 640 12.11 -45.28 -12.99
N ILE A 641 12.81 -46.41 -13.00
CA ILE A 641 13.34 -47.01 -11.78
C ILE A 641 14.31 -46.01 -11.11
N GLU A 642 15.17 -45.40 -11.91
CA GLU A 642 16.13 -44.44 -11.40
C GLU A 642 15.40 -43.24 -10.78
N LYS A 643 14.35 -42.75 -11.43
CA LYS A 643 13.59 -41.58 -10.92
C LYS A 643 12.89 -41.92 -9.60
N ILE A 644 12.34 -43.14 -9.46
CA ILE A 644 11.74 -43.51 -8.21
C ILE A 644 12.84 -43.60 -7.15
N LEU A 645 13.99 -44.16 -7.51
CA LEU A 645 15.07 -44.28 -6.55
C LEU A 645 15.55 -42.88 -6.07
N ALA A 646 15.65 -41.93 -7.00
CA ALA A 646 16.14 -40.63 -6.67
C ALA A 646 15.30 -40.04 -5.54
N THR A 647 13.97 -40.09 -5.69
CA THR A 647 13.09 -39.46 -4.72
C THR A 647 13.04 -40.31 -3.44
N VAL A 648 13.05 -41.63 -3.55
CA VAL A 648 12.94 -42.49 -2.39
C VAL A 648 14.24 -42.45 -1.55
N LEU A 649 15.42 -42.46 -2.20
CA LEU A 649 16.68 -42.42 -1.46
C LEU A 649 16.82 -41.10 -0.72
N ALA A 650 16.37 -39.99 -1.34
CA ALA A 650 16.39 -38.67 -0.71
C ALA A 650 15.60 -38.73 0.59
N LYS A 651 14.39 -39.30 0.54
CA LYS A 651 13.57 -39.42 1.74
C LYS A 651 14.22 -40.35 2.76
N MET A 652 14.67 -41.53 2.32
CA MET A 652 15.26 -42.51 3.24
C MET A 652 16.55 -41.95 3.86
N SER A 653 17.19 -41.00 3.19
CA SER A 653 18.46 -40.44 3.64
C SER A 653 18.23 -39.47 4.80
N ASN A 654 16.96 -39.08 5.01
CA ASN A 654 16.53 -38.18 6.06
C ASN A 654 15.65 -38.91 7.09
N PHE A 655 15.63 -40.23 7.03
CA PHE A 655 14.85 -41.06 7.92
C PHE A 655 15.54 -41.19 9.29
N ILE A 656 14.89 -40.66 10.31
CA ILE A 656 15.30 -40.84 11.69
C ILE A 656 14.41 -41.91 12.31
N PRO A 657 14.95 -43.12 12.58
CA PRO A 657 14.15 -44.22 13.11
C PRO A 657 13.38 -43.82 14.37
N GLU A 658 12.07 -44.14 14.36
CA GLU A 658 11.08 -43.91 15.39
C GLU A 658 10.65 -42.43 15.42
N ALA A 659 11.12 -41.59 14.50
CA ALA A 659 10.87 -40.15 14.55
C ALA A 659 10.19 -39.64 13.28
N GLY A 660 10.65 -40.11 12.12
CA GLY A 660 10.04 -39.79 10.80
C GLY A 660 11.10 -39.29 9.82
N ILE A 661 10.66 -38.44 8.88
CA ILE A 661 11.55 -37.81 7.93
C ILE A 661 11.92 -36.40 8.41
N TRP A 662 13.22 -36.19 8.62
CA TRP A 662 13.79 -34.97 9.12
C TRP A 662 13.45 -33.80 8.18
N LEU A 663 12.96 -32.68 8.73
CA LEU A 663 12.69 -31.46 7.95
C LEU A 663 13.89 -30.51 8.03
N ASN A 664 14.65 -30.42 6.93
CA ASN A 664 15.93 -29.74 6.95
C ASN A 664 16.21 -29.07 5.60
N THR A 665 15.17 -28.67 4.87
CA THR A 665 15.34 -28.16 3.50
C THR A 665 14.82 -26.73 3.37
N GLN A 666 14.73 -26.01 4.50
CA GLN A 666 14.50 -24.55 4.57
C GLN A 666 13.09 -24.20 4.08
N ARG A 667 12.21 -25.19 4.00
CA ARG A 667 10.79 -24.95 3.72
C ARG A 667 9.98 -25.97 4.54
N PRO A 668 8.75 -25.63 4.92
CA PRO A 668 7.91 -26.54 5.69
C PRO A 668 7.23 -27.57 4.76
N GLU A 669 6.24 -28.30 5.30
CA GLU A 669 5.40 -29.16 4.51
C GLU A 669 4.08 -28.42 4.24
N TRP A 670 2.95 -29.12 4.31
CA TRP A 670 1.68 -28.59 3.94
C TRP A 670 1.33 -27.35 4.78
N ASN A 671 1.51 -27.45 6.11
CA ASN A 671 1.06 -26.39 7.02
C ASN A 671 2.15 -25.33 7.15
N ASP A 672 1.97 -24.21 6.46
CA ASP A 672 2.92 -23.09 6.46
C ASP A 672 2.94 -22.39 7.84
N ALA A 673 1.91 -22.59 8.67
CA ALA A 673 1.82 -21.90 9.95
C ALA A 673 2.62 -22.63 11.02
N ASN A 674 3.20 -23.80 10.69
CA ASN A 674 4.13 -24.49 11.59
C ASN A 674 5.52 -24.51 10.94
N ASN A 675 5.87 -23.40 10.27
CA ASN A 675 7.11 -23.33 9.50
C ASN A 675 8.36 -23.31 10.39
N ALA A 676 8.21 -23.05 11.69
CA ALA A 676 9.35 -23.03 12.59
C ALA A 676 9.79 -24.47 12.94
N LEU A 677 8.99 -25.48 12.58
CA LEU A 677 9.39 -26.90 12.76
C LEU A 677 10.52 -27.29 11.79
N VAL A 678 10.80 -26.43 10.81
CA VAL A 678 11.90 -26.64 9.90
C VAL A 678 13.18 -26.50 10.72
N GLY A 679 13.99 -27.56 10.73
CA GLY A 679 15.24 -27.58 11.47
C GLY A 679 15.32 -28.82 12.35
N ASN A 680 14.54 -28.82 13.43
CA ASN A 680 14.57 -29.87 14.42
C ASN A 680 13.28 -30.68 14.36
N GLY A 681 12.38 -30.30 13.47
CA GLY A 681 11.15 -31.04 13.29
C GLY A 681 11.35 -32.27 12.42
N VAL A 682 10.47 -33.25 12.59
CA VAL A 682 10.53 -34.51 11.92
C VAL A 682 9.10 -34.92 11.53
N SER A 683 8.91 -35.27 10.25
CA SER A 683 7.59 -35.55 9.72
C SER A 683 7.26 -37.04 9.74
N MET A 684 6.34 -37.44 10.64
CA MET A 684 5.71 -38.76 10.59
C MET A 684 4.64 -38.78 9.52
N VAL A 685 4.08 -37.60 9.23
CA VAL A 685 3.08 -37.44 8.16
C VAL A 685 3.63 -38.01 6.86
N THR A 686 4.80 -37.52 6.44
CA THR A 686 5.42 -37.96 5.22
C THR A 686 5.79 -39.46 5.29
N LEU A 687 6.11 -39.96 6.49
CA LEU A 687 6.49 -41.37 6.64
C LEU A 687 5.26 -42.25 6.41
N TYR A 688 4.09 -41.85 6.94
CA TYR A 688 2.89 -42.60 6.72
C TYR A 688 2.64 -42.72 5.20
N TYR A 689 2.85 -41.63 4.45
CA TYR A 689 2.58 -41.67 3.01
C TYR A 689 3.66 -42.49 2.29
N LEU A 690 4.88 -42.43 2.82
CA LEU A 690 6.02 -43.17 2.26
C LEU A 690 5.77 -44.68 2.41
N ARG A 691 5.13 -45.07 3.52
CA ARG A 691 4.71 -46.46 3.67
C ARG A 691 3.79 -46.85 2.51
N ARG A 692 2.76 -46.04 2.25
CA ARG A 692 1.80 -46.35 1.21
C ARG A 692 2.54 -46.46 -0.14
N PHE A 693 3.48 -45.54 -0.36
CA PHE A 693 4.23 -45.41 -1.57
C PHE A 693 5.10 -46.64 -1.83
N LEU A 694 5.84 -47.06 -0.80
CA LEU A 694 6.75 -48.16 -0.91
C LEU A 694 6.00 -49.50 -0.95
N LYS A 695 4.82 -49.58 -0.32
CA LYS A 695 3.99 -50.77 -0.43
C LYS A 695 3.51 -50.92 -1.87
N PHE A 696 3.11 -49.80 -2.47
CA PHE A 696 2.67 -49.78 -3.84
C PHE A 696 3.83 -50.20 -4.76
N PHE A 697 5.03 -49.66 -4.51
CA PHE A 697 6.17 -49.91 -5.37
C PHE A 697 6.58 -51.39 -5.27
N ASP A 698 6.53 -51.94 -4.06
CA ASP A 698 6.83 -53.36 -3.78
C ASP A 698 5.88 -54.29 -4.58
N GLN A 699 4.58 -53.97 -4.61
CA GLN A 699 3.62 -54.75 -5.39
C GLN A 699 3.95 -54.60 -6.88
N LEU A 700 4.26 -53.38 -7.30
CA LEU A 700 4.63 -53.09 -8.67
C LEU A 700 5.81 -53.97 -9.11
N LEU A 701 6.85 -54.08 -8.27
CA LEU A 701 8.04 -54.83 -8.63
C LEU A 701 7.70 -56.34 -8.67
N GLU A 702 6.93 -56.84 -7.68
CA GLU A 702 6.56 -58.26 -7.62
C GLU A 702 5.87 -58.69 -8.92
N ASN A 703 5.08 -57.78 -9.52
CA ASN A 703 4.31 -58.07 -10.73
C ASN A 703 5.19 -57.95 -11.99
N SER A 704 6.35 -57.29 -11.89
CA SER A 704 7.33 -57.21 -13.01
C SER A 704 7.92 -58.60 -13.30
N THR A 705 8.28 -58.81 -14.57
CA THR A 705 9.03 -60.01 -15.00
C THR A 705 10.51 -59.66 -15.27
N LEU A 706 10.87 -58.39 -15.16
CA LEU A 706 12.25 -57.97 -15.41
C LEU A 706 13.13 -58.49 -14.30
N GLU A 707 14.35 -58.87 -14.68
CA GLU A 707 15.29 -59.48 -13.75
C GLU A 707 16.31 -58.45 -13.27
N ASN A 708 16.47 -57.35 -14.02
CA ASN A 708 17.52 -56.38 -13.80
C ASN A 708 16.97 -54.96 -13.67
N ILE A 709 17.84 -54.03 -13.24
CA ILE A 709 17.58 -52.60 -13.31
C ILE A 709 18.86 -51.94 -13.83
N LYS A 710 18.73 -50.68 -14.23
CA LYS A 710 19.77 -49.94 -14.86
C LYS A 710 19.70 -48.49 -14.36
N ILE A 711 20.77 -48.06 -13.65
CA ILE A 711 20.84 -46.78 -12.98
C ILE A 711 22.20 -46.12 -13.23
N SER A 712 22.24 -44.80 -13.10
CA SER A 712 23.45 -44.02 -13.14
C SER A 712 24.51 -44.65 -12.23
N ASN A 713 25.77 -44.69 -12.70
CA ASN A 713 26.90 -45.28 -11.98
C ASN A 713 27.07 -44.59 -10.63
N GLU A 714 26.90 -43.26 -10.63
CA GLU A 714 27.09 -42.42 -9.47
C GLU A 714 26.09 -42.80 -8.37
N MET A 715 24.90 -43.30 -8.72
CA MET A 715 23.82 -43.61 -7.77
C MET A 715 24.07 -44.97 -7.09
N VAL A 716 24.88 -45.82 -7.72
CA VAL A 716 25.10 -47.17 -7.24
C VAL A 716 25.59 -47.15 -5.77
N GLU A 717 26.64 -46.39 -5.48
CA GLU A 717 27.20 -46.28 -4.12
C GLU A 717 26.12 -45.79 -3.11
N PHE A 718 25.40 -44.74 -3.47
CA PHE A 718 24.34 -44.19 -2.65
C PHE A 718 23.29 -45.25 -2.34
N TYR A 719 22.73 -45.84 -3.39
CA TYR A 719 21.70 -46.87 -3.29
C TYR A 719 22.20 -48.01 -2.41
N HIS A 720 23.42 -48.49 -2.69
CA HIS A 720 23.96 -49.65 -1.97
C HIS A 720 24.20 -49.29 -0.49
N LYS A 721 24.67 -48.08 -0.23
CA LYS A 721 25.02 -47.71 1.14
C LYS A 721 23.73 -47.61 1.96
N VAL A 722 22.67 -47.03 1.39
CA VAL A 722 21.38 -46.91 2.09
C VAL A 722 20.83 -48.33 2.34
N ARG A 723 20.84 -49.18 1.31
CA ARG A 723 20.30 -50.53 1.44
C ARG A 723 21.05 -51.31 2.53
N GLU A 724 22.38 -51.26 2.46
CA GLU A 724 23.28 -51.99 3.36
C GLU A 724 23.05 -51.51 4.79
N THR A 725 22.91 -50.19 4.98
CA THR A 725 22.72 -49.60 6.32
C THR A 725 21.48 -50.24 6.98
N LEU A 726 20.40 -50.34 6.21
CA LEU A 726 19.14 -50.81 6.73
C LEU A 726 19.25 -52.32 6.99
N MET A 727 19.89 -53.03 6.06
CA MET A 727 20.02 -54.49 6.10
C MET A 727 20.75 -54.93 7.38
N GLU A 728 21.84 -54.25 7.71
CA GLU A 728 22.70 -54.67 8.80
C GLU A 728 22.16 -54.14 10.13
N ASN A 729 21.11 -53.32 10.11
CA ASN A 729 20.48 -52.82 11.34
C ASN A 729 19.10 -53.44 11.55
N GLN A 730 18.68 -54.33 10.63
CA GLN A 730 17.35 -54.99 10.64
C GLN A 730 17.08 -55.59 12.03
N HIS A 731 18.12 -56.19 12.62
CA HIS A 731 18.06 -56.92 13.87
C HIS A 731 17.58 -56.03 15.02
N LEU A 732 17.81 -54.72 14.94
CA LEU A 732 17.38 -53.76 15.98
C LEU A 732 15.83 -53.67 16.06
N LEU A 733 15.11 -54.10 15.02
CA LEU A 733 13.66 -53.93 14.92
C LEU A 733 12.91 -54.88 15.88
N ALA A 734 13.64 -55.77 16.54
CA ALA A 734 13.09 -56.72 17.51
C ALA A 734 12.59 -55.97 18.76
N GLY A 735 13.14 -54.77 18.99
CA GLY A 735 12.83 -53.92 20.14
C GLY A 735 12.86 -52.45 19.77
N SER A 736 12.85 -51.60 20.80
CA SER A 736 12.97 -50.19 20.58
C SER A 736 14.45 -49.87 20.26
N ILE A 737 14.64 -48.83 19.46
CA ILE A 737 15.98 -48.41 19.05
C ILE A 737 16.45 -47.30 19.99
N SER A 738 17.68 -47.48 20.50
CA SER A 738 18.33 -46.53 21.39
C SER A 738 18.66 -45.23 20.66
N ASP A 739 18.80 -44.16 21.44
CA ASP A 739 19.25 -42.85 20.94
C ASP A 739 20.62 -42.97 20.26
N THR A 740 21.51 -43.82 20.80
CA THR A 740 22.85 -44.07 20.19
C THR A 740 22.71 -44.68 18.78
N ASP A 741 21.96 -45.78 18.67
CA ASP A 741 21.75 -46.46 17.39
C ASP A 741 21.02 -45.52 16.41
N ARG A 742 20.13 -44.68 16.92
CA ARG A 742 19.38 -43.75 16.10
C ARG A 742 20.37 -42.91 15.26
N LYS A 743 21.41 -42.40 15.92
CA LYS A 743 22.39 -41.52 15.30
C LYS A 743 23.35 -42.30 14.38
N VAL A 744 23.73 -43.52 14.78
CA VAL A 744 24.55 -44.39 13.93
C VAL A 744 23.86 -44.54 12.58
N ILE A 745 22.54 -44.76 12.60
CA ILE A 745 21.78 -45.00 11.38
C ILE A 745 21.65 -43.71 10.57
N LEU A 746 21.21 -42.61 11.19
CA LEU A 746 21.06 -41.34 10.47
C LEU A 746 22.39 -40.90 9.84
N ASP A 747 23.49 -41.05 10.58
CA ASP A 747 24.83 -40.67 10.10
C ASP A 747 25.15 -41.44 8.81
N LYS A 748 24.96 -42.77 8.79
CA LYS A 748 25.28 -43.58 7.59
C LYS A 748 24.40 -43.10 6.42
N LEU A 749 23.08 -42.97 6.66
CA LEU A 749 22.11 -42.59 5.60
C LEU A 749 22.41 -41.19 5.05
N GLY A 750 22.69 -40.25 5.95
CA GLY A 750 22.88 -38.86 5.58
C GLY A 750 24.22 -38.62 4.91
N ASN A 751 25.24 -39.35 5.35
CA ASN A 751 26.55 -39.24 4.73
C ASN A 751 26.50 -39.75 3.29
N ALA A 752 25.72 -40.81 3.06
CA ALA A 752 25.63 -41.44 1.77
C ALA A 752 24.97 -40.46 0.77
N ALA A 753 23.85 -39.85 1.17
CA ALA A 753 23.21 -38.81 0.33
C ALA A 753 24.18 -37.65 0.08
N ALA A 754 24.88 -37.19 1.13
CA ALA A 754 25.78 -36.03 1.05
C ALA A 754 26.91 -36.27 0.02
N ASP A 755 27.46 -37.48 0.03
CA ASP A 755 28.53 -37.87 -0.87
C ASP A 755 28.02 -37.84 -2.32
N TYR A 756 26.79 -38.28 -2.53
CA TYR A 756 26.20 -38.40 -3.85
C TYR A 756 25.98 -37.00 -4.43
N ARG A 757 25.28 -36.14 -3.68
CA ARG A 757 25.00 -34.80 -4.17
C ARG A 757 26.30 -34.02 -4.37
N PHE A 758 27.32 -34.23 -3.52
CA PHE A 758 28.57 -33.50 -3.67
C PHE A 758 29.19 -33.83 -5.03
N GLN A 759 29.24 -35.14 -5.35
CA GLN A 759 29.81 -35.61 -6.59
C GLN A 759 29.07 -35.00 -7.79
N ILE A 760 27.73 -35.04 -7.80
CA ILE A 760 26.94 -34.54 -8.92
C ILE A 760 27.07 -33.02 -9.01
N TYR A 761 26.98 -32.31 -7.87
CA TYR A 761 27.11 -30.84 -7.86
C TYR A 761 28.47 -30.43 -8.49
N ASN A 762 29.51 -31.24 -8.29
CA ASN A 762 30.91 -30.83 -8.59
C ASN A 762 31.43 -31.41 -9.92
N SER A 763 31.18 -32.69 -10.24
CA SER A 763 31.63 -33.27 -11.54
C SER A 763 30.47 -33.75 -12.44
N GLY A 764 29.22 -33.61 -11.99
CA GLY A 764 28.05 -33.99 -12.75
C GLY A 764 27.93 -35.48 -13.01
N PHE A 765 26.88 -35.85 -13.75
CA PHE A 765 26.66 -37.19 -14.22
C PHE A 765 27.60 -37.45 -15.39
N TRP A 766 28.28 -38.60 -15.36
CA TRP A 766 29.23 -38.92 -16.40
C TRP A 766 28.51 -39.45 -17.63
N GLY A 767 27.40 -40.18 -17.42
CA GLY A 767 26.54 -40.68 -18.47
C GLY A 767 26.53 -42.20 -18.60
N LYS A 768 27.36 -42.89 -17.83
CA LYS A 768 27.39 -44.35 -17.84
C LYS A 768 26.44 -44.89 -16.78
N LYS A 769 25.80 -46.01 -17.09
CA LYS A 769 24.86 -46.68 -16.20
C LYS A 769 25.32 -48.12 -15.95
N ARG A 770 24.88 -48.71 -14.84
CA ARG A 770 25.30 -50.03 -14.49
C ARG A 770 24.06 -50.89 -14.27
N THR A 771 24.21 -52.20 -14.49
CA THR A 771 23.15 -53.19 -14.37
C THR A 771 23.19 -53.84 -12.98
N HIS A 772 22.06 -53.81 -12.28
CA HIS A 772 21.94 -54.42 -10.97
C HIS A 772 20.65 -55.26 -10.94
N SER A 773 20.44 -56.02 -9.86
CA SER A 773 19.41 -57.02 -9.82
C SER A 773 18.11 -56.39 -9.34
N MET A 774 17.01 -56.81 -9.98
CA MET A 774 15.67 -56.45 -9.57
C MET A 774 15.42 -56.97 -8.15
N GLN A 775 16.03 -58.13 -7.84
CA GLN A 775 15.88 -58.78 -6.57
C GLN A 775 16.45 -57.88 -5.48
N GLY A 776 17.61 -57.27 -5.71
CA GLY A 776 18.19 -56.28 -4.78
C GLY A 776 17.24 -55.10 -4.52
N LEU A 777 16.51 -54.64 -5.55
CA LEU A 777 15.61 -53.50 -5.42
C LEU A 777 14.40 -53.91 -4.57
N LYS A 778 13.92 -55.13 -4.76
CA LYS A 778 12.81 -55.67 -3.96
C LYS A 778 13.25 -55.79 -2.51
N ASN A 779 14.51 -56.21 -2.29
CA ASN A 779 15.07 -56.33 -0.97
C ASN A 779 15.14 -54.95 -0.30
N PHE A 780 15.61 -53.94 -1.05
CA PHE A 780 15.68 -52.59 -0.57
C PHE A 780 14.27 -52.12 -0.14
N THR A 781 13.27 -52.41 -0.97
CA THR A 781 11.91 -52.00 -0.70
C THR A 781 11.37 -52.71 0.54
N LYS A 782 11.58 -54.02 0.65
CA LYS A 782 11.08 -54.81 1.79
C LYS A 782 11.69 -54.31 3.12
N VAL A 783 13.01 -54.10 3.15
CA VAL A 783 13.67 -53.67 4.36
C VAL A 783 13.28 -52.22 4.73
N SER A 784 13.13 -51.34 3.75
CA SER A 784 12.67 -49.98 3.98
C SER A 784 11.30 -50.02 4.67
N LEU A 785 10.42 -50.91 4.19
CA LEU A 785 9.11 -51.07 4.76
C LEU A 785 9.18 -51.63 6.18
N GLN A 786 10.12 -52.52 6.45
CA GLN A 786 10.27 -53.07 7.78
C GLN A 786 10.58 -51.90 8.75
N PHE A 787 11.52 -51.03 8.35
CA PHE A 787 11.91 -49.88 9.18
C PHE A 787 10.74 -48.91 9.33
N ILE A 788 10.01 -48.65 8.25
CA ILE A 788 8.94 -47.71 8.31
C ILE A 788 7.85 -48.24 9.24
N ASP A 789 7.50 -49.53 9.11
CA ASP A 789 6.44 -50.15 9.90
C ASP A 789 6.81 -50.07 11.40
N HIS A 790 8.05 -50.44 11.71
CA HIS A 790 8.55 -50.37 13.03
C HIS A 790 8.39 -48.95 13.58
N SER A 791 8.77 -47.95 12.79
CA SER A 791 8.67 -46.53 13.16
C SER A 791 7.21 -46.12 13.42
N ILE A 792 6.28 -46.61 12.58
CA ILE A 792 4.90 -46.26 12.74
C ILE A 792 4.36 -46.84 14.06
N LYS A 793 4.82 -48.05 14.42
CA LYS A 793 4.36 -48.70 15.63
C LYS A 793 4.88 -47.99 16.88
N ALA A 794 5.98 -47.24 16.78
CA ALA A 794 6.55 -46.46 17.89
C ALA A 794 5.91 -45.07 17.98
N ASN A 795 4.87 -44.79 17.15
CA ASN A 795 4.34 -43.45 17.04
C ASN A 795 2.83 -43.38 17.34
N GLN A 796 2.29 -44.40 18.00
CA GLN A 796 0.92 -44.33 18.48
C GLN A 796 0.89 -43.65 19.86
N ARG A 797 -0.09 -42.76 20.07
CA ARG A 797 -0.34 -42.13 21.36
C ARG A 797 -1.23 -43.02 22.23
N PRO A 798 -1.29 -42.80 23.54
CA PRO A 798 -2.19 -43.58 24.40
C PRO A 798 -3.66 -43.45 23.99
N ASP A 799 -4.07 -42.29 23.48
CA ASP A 799 -5.47 -42.07 23.09
C ASP A 799 -5.74 -42.66 21.70
N LYS A 800 -4.77 -43.35 21.11
CA LYS A 800 -4.89 -44.12 19.81
C LYS A 800 -4.72 -43.23 18.58
N LEU A 801 -4.60 -41.91 18.76
CA LEU A 801 -4.10 -41.05 17.67
C LEU A 801 -2.61 -41.33 17.43
N TYR A 802 -2.11 -40.91 16.27
CA TYR A 802 -0.72 -41.06 15.88
C TYR A 802 -0.05 -39.68 15.89
N HIS A 803 1.25 -39.67 16.19
CA HIS A 803 2.07 -38.49 16.05
C HIS A 803 2.16 -38.04 14.61
N ALA A 804 2.14 -36.71 14.42
CA ALA A 804 2.23 -36.06 13.12
C ALA A 804 3.65 -35.53 12.90
N TYR A 805 4.12 -34.67 13.80
CA TYR A 805 5.46 -34.08 13.74
C TYR A 805 6.11 -34.27 15.11
N ASN A 806 7.38 -34.69 15.07
CA ASN A 806 8.19 -34.89 16.22
C ASN A 806 9.35 -33.89 16.18
N LEU A 807 10.07 -33.78 17.30
CA LEU A 807 11.30 -33.00 17.42
C LEU A 807 12.45 -33.98 17.64
N MET A 808 13.61 -33.63 17.06
CA MET A 808 14.86 -34.36 17.29
C MET A 808 15.87 -33.37 17.85
N SER A 809 16.78 -33.86 18.69
CA SER A 809 17.95 -33.11 19.06
C SER A 809 19.17 -34.04 19.12
N VAL A 810 20.33 -33.48 18.79
CA VAL A 810 21.60 -34.15 18.90
C VAL A 810 22.14 -33.91 20.32
N GLU A 811 22.31 -35.00 21.08
CA GLU A 811 22.75 -34.98 22.47
C GLU A 811 24.14 -35.63 22.58
N LYS A 812 25.08 -34.93 23.25
CA LYS A 812 26.42 -35.48 23.59
C LYS A 812 27.19 -35.90 22.32
N ASN A 813 26.92 -35.23 21.19
CA ASN A 813 27.53 -35.48 19.85
C ASN A 813 27.38 -36.93 19.37
N LYS A 814 26.69 -37.80 20.15
CA LYS A 814 26.70 -39.26 19.96
C LYS A 814 25.27 -39.83 19.81
N GLU A 815 24.22 -39.09 20.19
CA GLU A 815 22.85 -39.62 20.34
C GLU A 815 21.88 -38.70 19.62
N ILE A 816 20.74 -39.25 19.20
CA ILE A 816 19.60 -38.44 18.76
C ILE A 816 18.38 -38.83 19.58
N ALA A 817 17.88 -37.86 20.35
CA ALA A 817 16.71 -37.99 21.22
C ALA A 817 15.48 -37.47 20.47
N ILE A 818 14.30 -38.01 20.82
CA ILE A 818 13.03 -37.66 20.22
C ILE A 818 12.12 -37.09 21.29
N SER A 819 11.37 -36.03 20.95
CA SER A 819 10.26 -35.60 21.80
C SER A 819 9.05 -35.30 20.91
N TYR A 820 7.91 -35.06 21.54
CA TYR A 820 6.66 -35.14 20.85
C TYR A 820 5.91 -33.83 20.97
N LEU A 821 4.95 -33.63 20.04
CA LEU A 821 4.10 -32.46 19.98
C LEU A 821 2.62 -32.85 20.11
N SER A 822 1.75 -31.82 20.12
CA SER A 822 0.30 -31.94 20.22
C SER A 822 -0.30 -32.92 19.20
N GLU A 823 -1.49 -33.42 19.53
CA GLU A 823 -2.34 -34.16 18.60
C GLU A 823 -2.65 -33.21 17.43
N MET A 824 -2.45 -33.70 16.19
CA MET A 824 -2.66 -32.90 15.00
C MET A 824 -3.49 -33.73 14.01
N LEU A 825 -4.50 -33.09 13.43
CA LEU A 825 -5.42 -33.75 12.52
C LEU A 825 -4.65 -34.36 11.34
N GLU A 826 -3.65 -33.64 10.86
CA GLU A 826 -2.92 -34.04 9.68
C GLU A 826 -2.28 -35.42 9.88
N GLY A 827 -1.84 -35.70 11.10
CA GLY A 827 -1.24 -37.01 11.40
C GLY A 827 -2.25 -38.14 11.31
N GLN A 828 -3.52 -37.84 11.64
CA GLN A 828 -4.55 -38.86 11.63
C GLN A 828 -4.95 -39.13 10.17
N VAL A 829 -5.04 -38.08 9.38
CA VAL A 829 -5.34 -38.21 7.98
C VAL A 829 -4.28 -39.10 7.34
N ALA A 830 -3.01 -38.83 7.65
CA ALA A 830 -1.89 -39.54 7.05
C ALA A 830 -1.87 -41.02 7.45
N VAL A 831 -1.99 -41.34 8.75
CA VAL A 831 -1.90 -42.73 9.16
C VAL A 831 -3.10 -43.53 8.65
N LEU A 832 -4.27 -42.89 8.59
CA LEU A 832 -5.50 -43.53 8.07
C LEU A 832 -5.38 -43.75 6.56
N SER A 833 -4.47 -43.02 5.89
CA SER A 833 -4.21 -43.16 4.44
C SER A 833 -3.06 -44.13 4.16
N SER A 834 -2.34 -44.56 5.19
CA SER A 834 -1.05 -45.22 5.05
C SER A 834 -1.19 -46.64 4.47
N GLY A 835 -2.38 -47.25 4.62
CA GLY A 835 -2.60 -48.67 4.23
C GLY A 835 -2.10 -49.66 5.28
N PHE A 836 -1.48 -49.17 6.36
CA PHE A 836 -0.73 -50.03 7.30
C PHE A 836 -1.65 -50.66 8.35
N LEU A 837 -2.65 -49.91 8.85
CA LEU A 837 -3.49 -50.37 9.93
C LEU A 837 -4.59 -51.29 9.39
N SER A 838 -5.05 -52.17 10.26
CA SER A 838 -6.25 -52.95 10.08
C SER A 838 -7.49 -52.05 10.22
N SER A 839 -8.62 -52.61 9.81
CA SER A 839 -9.87 -51.90 9.87
C SER A 839 -10.22 -51.57 11.32
N LYS A 840 -9.98 -52.49 12.25
CA LYS A 840 -10.28 -52.24 13.66
C LYS A 840 -9.39 -51.11 14.20
N GLU A 841 -8.12 -51.10 13.80
CA GLU A 841 -7.14 -50.11 14.22
C GLU A 841 -7.51 -48.72 13.64
N ASN A 842 -7.94 -48.68 12.37
CA ASN A 842 -8.39 -47.47 11.71
C ASN A 842 -9.57 -46.89 12.52
N LEU A 843 -10.49 -47.78 12.89
CA LEU A 843 -11.67 -47.37 13.64
C LEU A 843 -11.26 -46.80 15.00
N ALA A 844 -10.30 -47.45 15.66
CA ALA A 844 -9.82 -47.01 16.99
C ALA A 844 -9.19 -45.61 16.87
N VAL A 845 -8.51 -45.34 15.75
CA VAL A 845 -7.95 -44.03 15.55
C VAL A 845 -9.09 -43.01 15.51
N LEU A 846 -10.17 -43.33 14.77
CA LEU A 846 -11.24 -42.36 14.51
C LEU A 846 -12.06 -42.14 15.79
N ASP A 847 -12.27 -43.20 16.56
CA ASP A 847 -12.96 -43.07 17.84
C ASP A 847 -12.17 -42.12 18.74
N GLY A 848 -10.83 -42.28 18.76
CA GLY A 848 -9.98 -41.38 19.52
C GLY A 848 -10.10 -39.91 19.04
N LEU A 849 -10.09 -39.73 17.72
CA LEU A 849 -10.14 -38.43 17.12
C LEU A 849 -11.45 -37.73 17.54
N LYS A 850 -12.56 -38.47 17.43
CA LYS A 850 -13.87 -37.94 17.78
C LYS A 850 -13.86 -37.52 19.27
N ASN A 851 -13.18 -38.29 20.12
CA ASN A 851 -13.17 -38.04 21.57
C ASN A 851 -12.09 -37.02 21.97
N SER A 852 -11.28 -36.53 21.03
CA SER A 852 -10.15 -35.70 21.33
C SER A 852 -10.55 -34.23 21.37
N ALA A 853 -9.58 -33.39 21.78
CA ALA A 853 -9.69 -31.95 21.79
C ALA A 853 -9.62 -31.34 20.37
N LEU A 854 -9.46 -32.15 19.33
CA LEU A 854 -9.55 -31.63 17.95
C LEU A 854 -10.99 -31.45 17.49
N PHE A 855 -11.96 -32.07 18.16
CA PHE A 855 -13.35 -31.98 17.77
C PHE A 855 -13.96 -30.66 18.22
N ARG A 856 -14.49 -29.87 17.26
CA ARG A 856 -15.12 -28.58 17.56
C ARG A 856 -16.64 -28.78 17.45
N GLU A 857 -17.35 -28.54 18.55
CA GLU A 857 -18.76 -28.90 18.76
C GLU A 857 -19.68 -28.07 17.87
N ASP A 858 -19.50 -26.74 17.83
CA ASP A 858 -20.49 -25.86 17.19
C ASP A 858 -20.59 -26.15 15.68
N GLN A 859 -19.51 -26.62 15.05
CA GLN A 859 -19.46 -26.92 13.60
C GLN A 859 -19.35 -28.43 13.33
N TYR A 860 -19.34 -29.22 14.43
CA TYR A 860 -19.13 -30.67 14.45
C TYR A 860 -18.10 -31.11 13.41
N SER A 861 -16.91 -30.47 13.43
CA SER A 861 -15.77 -30.85 12.57
C SER A 861 -14.47 -30.68 13.37
N TYR A 862 -13.32 -30.66 12.68
CA TYR A 862 -12.03 -30.90 13.30
C TYR A 862 -11.09 -29.72 13.11
N LEU A 863 -10.49 -29.29 14.23
CA LEU A 863 -9.34 -28.38 14.27
C LEU A 863 -8.08 -29.09 13.75
N LEU A 864 -7.05 -28.30 13.42
CA LEU A 864 -5.78 -28.85 13.00
C LEU A 864 -4.96 -29.32 14.21
N TYR A 865 -5.16 -28.63 15.35
CA TYR A 865 -4.49 -28.91 16.63
C TYR A 865 -5.33 -28.29 17.75
N PRO A 866 -5.07 -28.63 19.03
CA PRO A 866 -5.91 -28.14 20.13
C PRO A 866 -5.99 -26.62 20.14
N ASN A 867 -7.18 -26.11 20.46
CA ASN A 867 -7.33 -24.73 20.85
C ASN A 867 -6.64 -24.59 22.21
N LYS A 868 -6.08 -23.43 22.53
CA LYS A 868 -5.50 -23.22 23.84
C LYS A 868 -5.60 -21.75 24.24
N GLU A 869 -5.58 -21.50 25.55
CA GLU A 869 -5.56 -20.19 26.11
C GLU A 869 -4.14 -19.66 25.97
N LEU A 870 -3.99 -18.52 25.28
CA LEU A 870 -2.73 -17.81 25.31
C LEU A 870 -2.73 -16.87 26.51
N PRO A 871 -1.57 -16.66 27.16
CA PRO A 871 -1.49 -15.75 28.30
C PRO A 871 -2.02 -14.36 27.92
N LYS A 872 -2.80 -13.79 28.82
CA LYS A 872 -3.32 -12.42 28.65
C LYS A 872 -2.14 -11.45 28.76
N PHE A 873 -2.28 -10.25 28.18
CA PHE A 873 -1.20 -9.30 28.04
C PHE A 873 -0.43 -9.11 29.35
N LEU A 874 -1.15 -8.96 30.47
CA LEU A 874 -0.52 -8.64 31.77
C LEU A 874 0.16 -9.87 32.39
N ASP A 875 -0.01 -11.04 31.77
CA ASP A 875 0.49 -12.29 32.32
C ASP A 875 1.65 -12.84 31.46
N LYS A 876 2.12 -12.15 30.40
CA LYS A 876 3.11 -12.85 29.53
C LYS A 876 4.59 -12.57 29.87
N ASN A 877 4.90 -11.50 30.61
CA ASN A 877 6.28 -10.99 30.68
C ASN A 877 6.59 -10.60 32.13
N THR A 878 6.56 -11.58 33.03
CA THR A 878 6.83 -11.33 34.46
C THR A 878 8.00 -12.22 34.90
N ILE A 879 9.07 -11.59 35.40
CA ILE A 879 10.25 -12.27 35.94
C ILE A 879 10.04 -12.46 37.45
N SER A 880 10.28 -13.69 37.93
CA SER A 880 10.05 -14.03 39.33
C SER A 880 10.98 -13.17 40.22
N LYS A 881 10.46 -12.73 41.39
CA LYS A 881 11.24 -11.91 42.34
C LYS A 881 12.55 -12.63 42.73
N GLU A 882 12.51 -13.96 42.85
CA GLU A 882 13.66 -14.79 43.30
C GLU A 882 14.80 -14.73 42.26
N ALA A 883 14.46 -14.93 40.97
CA ALA A 883 15.45 -14.96 39.87
C ALA A 883 16.19 -13.61 39.74
N VAL A 884 15.50 -12.52 40.08
CA VAL A 884 16.08 -11.17 40.03
C VAL A 884 17.11 -11.01 41.17
N SER A 885 16.71 -11.34 42.40
CA SER A 885 17.53 -11.08 43.61
C SER A 885 18.71 -12.06 43.72
N LYS A 886 18.70 -13.14 42.92
CA LYS A 886 19.82 -14.08 42.78
C LYS A 886 20.54 -13.87 41.44
N SER A 887 20.59 -12.62 40.95
CA SER A 887 21.37 -12.20 39.75
C SER A 887 21.96 -10.81 39.97
N GLU A 888 23.29 -10.73 40.08
CA GLU A 888 23.97 -9.47 40.41
C GLU A 888 23.72 -8.45 39.29
N LEU A 889 23.67 -8.93 38.05
CA LEU A 889 23.46 -8.06 36.86
C LEU A 889 22.07 -7.40 36.93
N LEU A 890 21.03 -8.23 37.03
CA LEU A 890 19.66 -7.74 37.02
C LEU A 890 19.40 -6.82 38.22
N SER A 891 19.94 -7.17 39.39
CA SER A 891 19.77 -6.37 40.61
C SER A 891 20.44 -5.00 40.46
N LEU A 892 21.60 -4.99 39.79
CA LEU A 892 22.36 -3.74 39.59
C LEU A 892 21.58 -2.82 38.64
N LEU A 893 20.99 -3.41 37.60
CA LEU A 893 20.19 -2.68 36.58
C LEU A 893 18.93 -2.07 37.21
N VAL A 894 18.31 -2.84 38.11
CA VAL A 894 17.18 -2.37 38.93
C VAL A 894 17.59 -1.14 39.77
N SER A 895 18.57 -1.28 40.66
CA SER A 895 18.90 -0.19 41.63
C SER A 895 19.46 1.06 40.94
N LYS A 896 20.01 0.90 39.72
CA LYS A 896 20.56 2.01 38.93
C LYS A 896 19.49 2.58 37.98
N SER A 897 18.28 1.97 37.96
CA SER A 897 17.09 2.43 37.20
C SER A 897 17.31 2.31 35.68
N ASN A 898 18.16 1.36 35.27
CA ASN A 898 18.41 1.06 33.87
C ASN A 898 17.27 0.17 33.36
N LYS A 899 16.72 0.55 32.20
CA LYS A 899 15.50 -0.08 31.64
C LYS A 899 15.77 -0.69 30.25
N GLN A 900 17.04 -0.90 29.91
CA GLN A 900 17.42 -1.44 28.59
C GLN A 900 17.03 -2.92 28.51
N VAL A 901 17.03 -3.61 29.66
CA VAL A 901 16.82 -5.07 29.75
C VAL A 901 15.65 -5.38 30.68
N ILE A 902 15.66 -4.81 31.89
CA ILE A 902 14.71 -5.16 32.96
C ILE A 902 14.11 -3.87 33.52
N GLU A 903 12.84 -3.96 33.93
CA GLU A 903 12.12 -2.86 34.53
C GLU A 903 11.24 -3.41 35.67
N LYS A 904 11.17 -2.61 36.74
CA LYS A 904 10.38 -2.83 37.91
C LYS A 904 9.17 -1.90 37.82
N ASP A 905 7.95 -2.46 37.88
CA ASP A 905 6.74 -1.64 37.86
C ASP A 905 6.51 -1.09 39.28
N SER A 906 5.44 -0.30 39.45
CA SER A 906 5.20 0.45 40.68
C SER A 906 4.58 -0.44 41.78
N ILE A 907 4.28 -1.72 41.48
CA ILE A 907 3.82 -2.68 42.50
C ILE A 907 4.92 -3.70 42.81
N GLY A 908 6.13 -3.50 42.29
CA GLY A 908 7.29 -4.33 42.64
C GLY A 908 7.50 -5.58 41.76
N GLU A 909 6.75 -5.74 40.67
CA GLU A 909 6.96 -6.90 39.75
C GLU A 909 7.95 -6.51 38.64
N TYR A 910 8.67 -7.49 38.11
CA TYR A 910 9.78 -7.27 37.19
C TYR A 910 9.41 -7.77 35.77
N HIS A 911 9.88 -7.03 34.76
CA HIS A 911 9.50 -7.30 33.36
C HIS A 911 10.70 -7.08 32.42
N PHE A 912 10.74 -7.87 31.34
CA PHE A 912 11.66 -7.58 30.26
C PHE A 912 11.13 -6.36 29.49
N ASN A 913 12.09 -5.56 29.03
CA ASN A 913 11.91 -4.41 28.13
C ASN A 913 10.86 -4.79 27.07
N GLY A 914 9.94 -3.86 26.84
CA GLY A 914 8.78 -4.09 26.00
C GLY A 914 9.10 -4.14 24.52
N GLU A 915 10.35 -3.83 24.14
CA GLU A 915 10.79 -3.83 22.73
C GLU A 915 11.25 -5.23 22.30
N PHE A 916 11.48 -6.14 23.26
CA PHE A 916 12.00 -7.45 22.95
C PHE A 916 10.92 -8.28 22.26
N ASN A 917 11.26 -8.88 21.12
CA ASN A 917 10.41 -9.82 20.43
C ASN A 917 10.89 -11.25 20.74
N ASN A 918 12.20 -11.41 20.92
CA ASN A 918 12.81 -12.71 21.14
C ASN A 918 14.22 -12.50 21.71
N ALA A 919 14.95 -13.60 21.90
CA ALA A 919 16.24 -13.58 22.61
C ALA A 919 17.26 -12.68 21.88
N SER A 920 17.16 -12.60 20.54
CA SER A 920 18.12 -11.84 19.74
C SER A 920 18.13 -10.37 20.17
N ASN A 921 16.95 -9.80 20.46
CA ASN A 921 16.83 -8.42 20.96
C ASN A 921 17.49 -8.30 22.35
N LEU A 922 17.32 -9.33 23.18
CA LEU A 922 17.94 -9.39 24.49
C LEU A 922 19.48 -9.41 24.35
N LYS A 923 20.01 -10.27 23.47
CA LYS A 923 21.47 -10.40 23.25
C LYS A 923 22.02 -9.04 22.77
N GLN A 924 21.33 -8.46 21.79
CA GLN A 924 21.65 -7.14 21.23
C GLN A 924 21.76 -6.11 22.35
N ALA A 925 20.79 -6.13 23.27
CA ALA A 925 20.74 -5.20 24.37
C ALA A 925 21.92 -5.47 25.31
N LEU A 926 22.27 -6.74 25.52
CA LEU A 926 23.37 -7.07 26.42
C LEU A 926 24.72 -6.61 25.81
N GLU A 927 24.87 -6.72 24.48
CA GLU A 927 26.02 -6.15 23.76
C GLU A 927 26.08 -4.64 24.06
N ASP A 928 24.94 -3.94 23.97
CA ASP A 928 24.86 -2.48 24.22
C ASP A 928 25.32 -2.13 25.64
N LEU A 929 25.03 -3.00 26.62
CA LEU A 929 25.40 -2.75 28.01
C LEU A 929 26.91 -3.00 28.21
N SER A 930 27.49 -3.91 27.43
CA SER A 930 28.89 -4.34 27.60
C SER A 930 29.86 -3.24 27.16
N GLN A 931 29.39 -2.35 26.28
CA GLN A 931 30.13 -1.16 25.86
C GLN A 931 29.99 -0.03 26.90
N GLN A 932 29.61 -0.36 28.15
CA GLN A 932 29.72 0.53 29.34
C GLN A 932 30.59 -0.17 30.39
N ASN A 933 31.44 0.61 31.10
CA ASN A 933 32.45 0.09 32.05
C ASN A 933 31.75 -0.54 33.28
N GLU A 934 30.69 0.11 33.77
CA GLU A 934 29.92 -0.32 34.95
C GLU A 934 29.38 -1.76 34.77
N TYR A 935 28.98 -2.14 33.55
CA TYR A 935 28.29 -3.44 33.31
C TYR A 935 29.16 -4.47 32.56
N LYS A 936 30.37 -4.09 32.09
CA LYS A 936 31.19 -4.92 31.17
C LYS A 936 31.51 -6.29 31.79
N ASP A 937 32.14 -6.29 32.96
CA ASP A 937 32.55 -7.53 33.64
C ASP A 937 31.30 -8.44 33.77
N LEU A 938 30.18 -7.84 34.19
CA LEU A 938 28.97 -8.59 34.55
C LEU A 938 28.26 -9.20 33.34
N VAL A 939 28.31 -8.54 32.18
CA VAL A 939 27.68 -9.07 30.95
C VAL A 939 28.33 -10.41 30.58
N ALA A 940 29.66 -10.41 30.44
CA ALA A 940 30.43 -11.61 30.12
C ALA A 940 30.13 -12.73 31.13
N LYS A 941 30.00 -12.37 32.41
CA LYS A 941 29.78 -13.33 33.51
C LYS A 941 28.38 -13.97 33.44
N GLU A 942 27.33 -13.14 33.30
CA GLU A 942 25.92 -13.55 33.64
C GLU A 942 24.98 -13.55 32.41
N SER A 943 25.54 -13.40 31.20
CA SER A 943 24.75 -13.28 30.00
C SER A 943 23.98 -14.59 29.69
N LYS A 944 24.66 -15.74 29.72
CA LYS A 944 23.99 -17.04 29.48
C LYS A 944 22.86 -17.22 30.51
N THR A 945 23.06 -16.74 31.74
CA THR A 945 22.08 -16.85 32.83
C THR A 945 20.83 -16.00 32.52
N VAL A 946 21.02 -14.77 32.05
CA VAL A 946 19.91 -13.87 31.79
C VAL A 946 19.14 -14.37 30.56
N GLU A 947 19.86 -14.91 29.55
CA GLU A 947 19.25 -15.56 28.39
C GLU A 947 18.41 -16.75 28.83
N ALA A 948 18.87 -17.45 29.88
CA ALA A 948 18.20 -18.64 30.38
C ALA A 948 16.91 -18.25 31.12
N ILE A 949 16.94 -17.13 31.84
CA ILE A 949 15.75 -16.59 32.52
C ILE A 949 14.73 -16.11 31.48
N PHE A 950 15.23 -15.46 30.42
CA PHE A 950 14.39 -15.03 29.31
C PHE A 950 13.66 -16.25 28.71
N GLU A 951 14.37 -17.38 28.54
CA GLU A 951 13.77 -18.59 27.95
C GLU A 951 12.74 -19.18 28.93
N ASP A 952 12.96 -19.05 30.24
CA ASP A 952 12.02 -19.57 31.21
C ASP A 952 10.71 -18.79 31.16
N VAL A 953 10.79 -17.47 31.00
CA VAL A 953 9.59 -16.62 30.93
C VAL A 953 8.78 -16.89 29.63
N PHE A 954 9.44 -17.05 28.48
CA PHE A 954 8.74 -17.00 27.16
C PHE A 954 8.56 -18.38 26.53
N ASN A 955 9.40 -19.35 26.91
CA ASN A 955 9.31 -20.73 26.47
C ASN A 955 9.32 -20.76 24.93
N HIS A 956 10.31 -20.09 24.34
CA HIS A 956 10.44 -20.02 22.89
C HIS A 956 11.02 -21.30 22.27
N LYS A 957 11.54 -22.21 23.10
CA LYS A 957 12.02 -23.52 22.61
C LYS A 957 10.82 -24.35 22.10
N ALA A 958 9.62 -24.03 22.60
CA ALA A 958 8.37 -24.76 22.25
C ALA A 958 7.64 -24.16 21.03
N PHE A 959 8.13 -23.03 20.51
CA PHE A 959 7.54 -22.33 19.37
C PHE A 959 7.60 -23.21 18.12
N THR A 960 6.45 -23.46 17.49
CA THR A 960 6.40 -24.24 16.24
C THR A 960 6.08 -23.34 15.05
N GLY A 961 5.69 -22.08 15.30
CA GLY A 961 5.22 -21.16 14.27
C GLY A 961 3.98 -20.39 14.70
N ARG A 962 3.47 -19.55 13.80
CA ARG A 962 2.37 -18.64 14.11
C ARG A 962 1.07 -19.41 14.39
N SER A 963 0.99 -20.69 14.00
CA SER A 963 -0.19 -21.52 14.27
C SER A 963 -0.70 -21.33 15.72
N GLY A 964 0.24 -21.33 16.68
CA GLY A 964 -0.08 -21.28 18.11
C GLY A 964 -0.20 -19.86 18.67
N THR A 965 -0.16 -18.83 17.81
CA THR A 965 -0.12 -17.43 18.26
C THR A 965 -1.05 -16.52 17.45
N PHE A 966 -2.06 -17.07 16.76
CA PHE A 966 -3.08 -16.23 16.17
C PHE A 966 -4.39 -17.01 16.08
N TYR A 967 -5.44 -16.33 15.57
CA TYR A 967 -6.83 -16.73 15.82
C TYR A 967 -7.64 -16.81 14.53
N GLY A 968 -6.97 -16.82 13.38
CA GLY A 968 -7.59 -17.12 12.09
C GLY A 968 -6.72 -18.03 11.24
N TYR A 969 -7.26 -18.42 10.09
CA TYR A 969 -6.55 -19.19 9.09
C TYR A 969 -6.25 -20.56 9.69
N GLU A 970 -4.96 -20.91 9.79
CA GLU A 970 -4.53 -22.19 10.35
C GLU A 970 -4.46 -22.14 11.88
N GLY A 971 -4.72 -21.00 12.49
CA GLY A 971 -4.48 -20.80 13.94
C GLY A 971 -5.57 -21.37 14.85
N LEU A 972 -5.53 -20.87 16.08
CA LEU A 972 -6.18 -21.50 17.25
C LEU A 972 -7.70 -21.40 17.12
N GLY A 973 -8.37 -22.56 17.23
CA GLY A 973 -9.82 -22.67 17.18
C GLY A 973 -10.37 -22.65 15.76
N SER A 974 -9.49 -22.64 14.76
CA SER A 974 -9.95 -22.50 13.39
C SER A 974 -10.00 -23.88 12.70
N ILE A 975 -11.11 -24.14 11.99
CA ILE A 975 -11.23 -25.33 11.13
C ILE A 975 -10.68 -24.97 9.75
N TYR A 976 -9.65 -25.71 9.32
CA TYR A 976 -9.08 -25.56 8.00
C TYR A 976 -9.64 -26.70 7.12
N TRP A 977 -10.58 -26.36 6.24
CA TRP A 977 -11.49 -27.32 5.63
C TRP A 977 -10.74 -28.29 4.73
N HIS A 978 -9.68 -27.85 4.03
CA HIS A 978 -8.99 -28.79 3.16
C HIS A 978 -8.59 -30.05 3.96
N MET A 979 -8.15 -29.87 5.20
CA MET A 979 -7.62 -31.02 5.97
C MET A 979 -8.77 -31.91 6.40
N VAL A 980 -9.94 -31.31 6.67
CA VAL A 980 -11.11 -32.06 7.03
C VAL A 980 -11.52 -32.92 5.82
N SER A 981 -11.49 -32.32 4.64
CA SER A 981 -11.87 -33.05 3.41
C SER A 981 -10.85 -34.15 3.06
N LYS A 982 -9.58 -33.95 3.41
CA LYS A 982 -8.60 -35.07 3.31
C LYS A 982 -8.96 -36.20 4.28
N LEU A 983 -9.42 -35.85 5.47
CA LEU A 983 -9.85 -36.85 6.45
C LEU A 983 -10.99 -37.67 5.85
N GLN A 984 -11.95 -36.95 5.27
CA GLN A 984 -13.15 -37.55 4.70
C GLN A 984 -12.73 -38.59 3.65
N LEU A 985 -11.82 -38.21 2.75
CA LEU A 985 -11.39 -39.14 1.69
C LEU A 985 -10.69 -40.35 2.33
N ALA A 986 -9.84 -40.08 3.32
CA ALA A 986 -9.11 -41.13 4.00
C ALA A 986 -10.11 -42.11 4.62
N VAL A 987 -11.12 -41.55 5.28
CA VAL A 987 -12.09 -42.38 5.97
C VAL A 987 -12.91 -43.16 4.93
N LEU A 988 -13.19 -42.55 3.78
CA LEU A 988 -13.87 -43.27 2.72
C LEU A 988 -13.04 -44.50 2.32
N GLU A 989 -11.74 -44.29 2.07
CA GLU A 989 -10.82 -45.39 1.69
C GLU A 989 -10.84 -46.46 2.77
N CYS A 990 -10.83 -46.08 4.06
CA CYS A 990 -10.89 -47.06 5.17
C CYS A 990 -12.18 -47.88 5.15
N CYS A 991 -13.29 -47.21 4.80
CA CYS A 991 -14.59 -47.85 4.70
C CYS A 991 -14.60 -48.91 3.59
N LEU A 992 -13.99 -48.59 2.44
CA LEU A 992 -13.95 -49.51 1.29
C LEU A 992 -13.11 -50.74 1.64
N LYS A 993 -12.00 -50.52 2.34
CA LYS A 993 -11.16 -51.61 2.79
C LYS A 993 -11.99 -52.55 3.70
N ALA A 994 -12.71 -51.99 4.67
CA ALA A 994 -13.52 -52.82 5.58
C ALA A 994 -14.57 -53.59 4.79
N VAL A 995 -15.19 -52.95 3.80
CA VAL A 995 -16.23 -53.64 3.01
C VAL A 995 -15.59 -54.74 2.15
N GLU A 996 -14.50 -54.42 1.47
CA GLU A 996 -13.90 -55.37 0.58
C GLU A 996 -13.32 -56.59 1.33
N GLU A 997 -12.96 -56.44 2.60
CA GLU A 997 -12.33 -57.50 3.38
C GLU A 997 -13.38 -58.24 4.23
N LYS A 998 -14.66 -57.89 4.08
CA LYS A 998 -15.79 -58.55 4.75
C LYS A 998 -15.57 -58.53 6.28
N GLU A 999 -15.25 -57.35 6.82
CA GLU A 999 -15.27 -57.13 8.25
C GLU A 999 -16.71 -57.26 8.74
N SER A 1000 -16.88 -57.39 10.06
CA SER A 1000 -18.19 -57.46 10.70
C SER A 1000 -19.02 -56.22 10.30
N GLU A 1001 -20.36 -56.32 10.45
CA GLU A 1001 -21.22 -55.19 10.14
C GLU A 1001 -21.07 -54.09 11.21
N GLU A 1002 -20.65 -54.47 12.42
CA GLU A 1002 -20.35 -53.53 13.50
C GLU A 1002 -19.18 -52.63 13.08
N VAL A 1003 -18.10 -53.25 12.59
CA VAL A 1003 -16.90 -52.49 12.23
C VAL A 1003 -17.20 -51.61 11.02
N ILE A 1004 -17.81 -52.19 9.99
CA ILE A 1004 -18.14 -51.43 8.78
C ILE A 1004 -19.07 -50.27 9.15
N GLY A 1005 -20.08 -50.56 9.96
CA GLY A 1005 -21.09 -49.60 10.34
C GLY A 1005 -20.48 -48.43 11.10
N ARG A 1006 -19.56 -48.74 12.02
CA ARG A 1006 -18.97 -47.71 12.86
C ARG A 1006 -18.06 -46.83 12.01
N LEU A 1007 -17.40 -47.40 11.00
CA LEU A 1007 -16.58 -46.59 10.09
C LEU A 1007 -17.48 -45.70 9.23
N LEU A 1008 -18.63 -46.23 8.79
CA LEU A 1008 -19.59 -45.43 8.01
C LEU A 1008 -20.12 -44.27 8.86
N GLU A 1009 -20.40 -44.56 10.13
CA GLU A 1009 -20.85 -43.53 11.09
C GLU A 1009 -19.87 -42.35 11.07
N HIS A 1010 -18.56 -42.64 11.11
CA HIS A 1010 -17.54 -41.61 11.05
C HIS A 1010 -17.59 -40.90 9.69
N TYR A 1011 -17.64 -41.69 8.59
CA TYR A 1011 -17.71 -41.15 7.25
C TYR A 1011 -18.86 -40.14 7.15
N TYR A 1012 -20.08 -40.54 7.54
CA TYR A 1012 -21.25 -39.68 7.28
C TYR A 1012 -21.21 -38.44 8.17
N GLU A 1013 -20.70 -38.56 9.40
CA GLU A 1013 -20.58 -37.42 10.32
C GLU A 1013 -19.53 -36.42 9.81
N ILE A 1014 -18.37 -36.92 9.37
CA ILE A 1014 -17.36 -36.03 8.83
C ILE A 1014 -17.94 -35.28 7.63
N ASN A 1015 -18.68 -35.99 6.77
CA ASN A 1015 -19.32 -35.42 5.60
C ASN A 1015 -20.28 -34.29 6.01
N GLU A 1016 -21.07 -34.52 7.05
CA GLU A 1016 -22.05 -33.56 7.52
C GLU A 1016 -21.34 -32.29 8.05
N GLY A 1017 -20.21 -32.48 8.74
CA GLY A 1017 -19.39 -31.43 9.23
C GLY A 1017 -18.95 -30.46 8.15
N ILE A 1018 -18.70 -30.96 6.93
CA ILE A 1018 -18.29 -30.16 5.77
C ILE A 1018 -19.35 -29.08 5.53
N GLY A 1019 -20.62 -29.40 5.81
CA GLY A 1019 -21.61 -28.37 6.08
C GLY A 1019 -22.54 -28.03 4.92
N VAL A 1020 -22.65 -28.90 3.91
CA VAL A 1020 -23.54 -28.64 2.77
C VAL A 1020 -25.00 -28.49 3.22
N HIS A 1021 -25.39 -29.18 4.30
CA HIS A 1021 -26.78 -29.11 4.79
C HIS A 1021 -26.92 -28.22 6.02
N LYS A 1022 -25.91 -27.42 6.34
CA LYS A 1022 -26.02 -26.52 7.49
C LYS A 1022 -26.89 -25.33 7.07
N SER A 1023 -27.49 -24.68 8.05
CA SER A 1023 -28.14 -23.42 7.79
C SER A 1023 -27.10 -22.39 7.37
N PRO A 1024 -27.49 -21.38 6.57
CA PRO A 1024 -26.57 -20.32 6.20
C PRO A 1024 -26.00 -19.63 7.43
N SER A 1025 -26.79 -19.48 8.48
CA SER A 1025 -26.31 -18.71 9.66
C SER A 1025 -25.18 -19.49 10.32
N LEU A 1026 -25.29 -20.82 10.42
CA LEU A 1026 -24.21 -21.62 10.99
C LEU A 1026 -23.01 -21.70 10.02
N TYR A 1027 -23.27 -21.92 8.72
CA TYR A 1027 -22.20 -22.03 7.74
C TYR A 1027 -21.47 -20.69 7.61
N GLY A 1028 -22.26 -19.60 7.54
CA GLY A 1028 -21.77 -18.24 7.46
C GLY A 1028 -21.69 -17.72 6.03
N ALA A 1029 -22.24 -18.48 5.08
CA ALA A 1029 -22.28 -18.16 3.65
C ALA A 1029 -23.26 -19.12 2.95
N PHE A 1030 -23.30 -19.13 1.61
CA PHE A 1030 -24.05 -20.17 0.89
C PHE A 1030 -23.35 -21.50 1.13
N PRO A 1031 -24.00 -22.49 1.76
CA PRO A 1031 -23.36 -23.76 2.05
C PRO A 1031 -22.91 -24.56 0.82
N THR A 1032 -23.30 -24.15 -0.39
CA THR A 1032 -22.92 -24.85 -1.60
C THR A 1032 -21.57 -24.34 -2.14
N ASP A 1033 -20.99 -23.34 -1.47
CA ASP A 1033 -19.74 -22.71 -1.86
C ASP A 1033 -18.64 -23.08 -0.85
N ALA A 1034 -17.48 -23.51 -1.36
CA ALA A 1034 -16.34 -23.83 -0.55
C ALA A 1034 -15.63 -22.56 -0.11
N TYR A 1035 -15.01 -22.66 1.08
CA TYR A 1035 -14.23 -21.70 1.77
C TYR A 1035 -13.02 -22.40 2.45
N SER A 1036 -11.87 -21.72 2.55
CA SER A 1036 -10.67 -22.26 3.14
C SER A 1036 -10.80 -22.53 4.65
N HIS A 1037 -11.43 -21.64 5.44
CA HIS A 1037 -11.49 -21.91 6.88
C HIS A 1037 -12.69 -21.21 7.53
N THR A 1038 -13.04 -21.73 8.71
CA THR A 1038 -14.01 -21.14 9.59
C THR A 1038 -13.39 -20.95 10.97
N PRO A 1039 -13.07 -19.71 11.39
CA PRO A 1039 -12.42 -19.47 12.68
C PRO A 1039 -13.43 -19.59 13.83
N ALA A 1040 -12.95 -19.45 15.06
CA ALA A 1040 -13.76 -19.73 16.22
C ALA A 1040 -14.92 -18.73 16.30
N GLY A 1041 -14.67 -17.48 15.89
CA GLY A 1041 -15.59 -16.37 16.17
C GLY A 1041 -16.18 -15.72 14.94
N LYS A 1042 -16.20 -16.44 13.80
CA LYS A 1042 -16.86 -16.03 12.57
C LYS A 1042 -17.32 -17.25 11.76
N GLY A 1043 -18.11 -16.99 10.71
CA GLY A 1043 -18.45 -17.97 9.69
C GLY A 1043 -17.32 -18.17 8.70
N ALA A 1044 -17.65 -18.84 7.60
CA ALA A 1044 -16.70 -19.26 6.59
C ALA A 1044 -15.98 -18.06 6.00
N GLN A 1045 -14.65 -18.19 5.83
CA GLN A 1045 -13.76 -17.15 5.31
C GLN A 1045 -12.99 -17.70 4.11
N GLN A 1046 -12.77 -16.83 3.12
CA GLN A 1046 -11.93 -17.07 1.92
C GLN A 1046 -12.67 -17.97 0.93
N PRO A 1047 -13.52 -17.35 0.09
CA PRO A 1047 -14.33 -18.09 -0.88
C PRO A 1047 -13.57 -18.64 -2.09
N GLY A 1048 -13.99 -19.81 -2.59
CA GLY A 1048 -13.65 -20.28 -3.94
C GLY A 1048 -12.53 -21.31 -3.99
N MET A 1049 -11.38 -20.91 -4.53
CA MET A 1049 -10.38 -21.85 -5.01
C MET A 1049 -9.51 -22.37 -3.87
N THR A 1050 -10.09 -23.25 -3.07
CA THR A 1050 -9.38 -24.04 -2.07
C THR A 1050 -9.16 -25.44 -2.67
N GLY A 1051 -8.02 -26.03 -2.31
CA GLY A 1051 -7.72 -27.44 -2.65
C GLY A 1051 -8.74 -28.41 -2.07
N GLN A 1052 -9.54 -27.96 -1.10
CA GLN A 1052 -10.59 -28.79 -0.53
C GLN A 1052 -11.41 -29.47 -1.63
N VAL A 1053 -11.69 -28.72 -2.71
CA VAL A 1053 -12.65 -29.14 -3.73
C VAL A 1053 -12.19 -30.44 -4.42
N LYS A 1054 -10.89 -30.55 -4.65
CA LYS A 1054 -10.29 -31.78 -5.25
C LYS A 1054 -10.68 -33.02 -4.44
N GLU A 1055 -10.58 -32.92 -3.12
CA GLU A 1055 -10.84 -34.03 -2.22
C GLU A 1055 -12.31 -34.41 -2.27
N ASP A 1056 -13.17 -33.38 -2.21
CA ASP A 1056 -14.61 -33.60 -2.19
C ASP A 1056 -15.11 -34.15 -3.55
N ILE A 1057 -14.39 -33.89 -4.65
CA ILE A 1057 -14.73 -34.51 -5.92
C ILE A 1057 -14.44 -36.01 -5.85
N LEU A 1058 -13.25 -36.38 -5.39
CA LEU A 1058 -12.87 -37.79 -5.30
C LEU A 1058 -13.80 -38.53 -4.34
N SER A 1059 -14.11 -37.92 -3.20
CA SER A 1059 -15.02 -38.52 -2.22
C SER A 1059 -16.39 -38.77 -2.85
N ARG A 1060 -16.92 -37.80 -3.60
CA ARG A 1060 -18.26 -37.93 -4.24
C ARG A 1060 -18.25 -39.14 -5.20
N PHE A 1061 -17.20 -39.27 -6.01
CA PHE A 1061 -17.03 -40.43 -6.92
C PHE A 1061 -16.97 -41.75 -6.13
N GLY A 1062 -16.21 -41.76 -5.03
CA GLY A 1062 -16.17 -42.94 -4.17
C GLY A 1062 -17.57 -43.29 -3.66
N GLU A 1063 -18.28 -42.28 -3.21
CA GLU A 1063 -19.60 -42.42 -2.63
C GLU A 1063 -20.58 -43.00 -3.67
N LEU A 1064 -20.43 -42.54 -4.93
CA LEU A 1064 -21.27 -43.00 -6.02
C LEU A 1064 -20.86 -44.42 -6.47
N GLY A 1065 -19.72 -44.92 -6.00
CA GLY A 1065 -19.29 -46.28 -6.31
C GLY A 1065 -18.62 -46.38 -7.68
N ILE A 1066 -17.92 -45.31 -8.10
CA ILE A 1066 -17.16 -45.32 -9.32
C ILE A 1066 -15.74 -45.80 -9.00
N PHE A 1067 -15.43 -47.06 -9.34
CA PHE A 1067 -14.13 -47.66 -9.05
C PHE A 1067 -13.49 -48.17 -10.33
N VAL A 1068 -12.18 -47.93 -10.46
CA VAL A 1068 -11.37 -48.45 -11.53
C VAL A 1068 -10.29 -49.36 -10.93
N LYS A 1069 -10.28 -50.62 -11.38
CA LYS A 1069 -9.29 -51.63 -11.01
C LYS A 1069 -9.08 -52.54 -12.20
N ASN A 1070 -7.81 -52.86 -12.48
CA ASN A 1070 -7.41 -53.81 -13.49
C ASN A 1070 -7.87 -53.36 -14.88
N GLY A 1071 -7.87 -52.04 -15.11
CA GLY A 1071 -8.24 -51.44 -16.39
C GLY A 1071 -9.75 -51.43 -16.62
N CYS A 1072 -10.51 -51.77 -15.61
CA CYS A 1072 -11.98 -52.01 -15.70
C CYS A 1072 -12.77 -51.00 -14.84
N LEU A 1073 -13.80 -50.37 -15.44
CA LEU A 1073 -14.69 -49.45 -14.73
C LEU A 1073 -15.81 -50.25 -14.07
N GLU A 1074 -15.99 -50.02 -12.77
CA GLU A 1074 -17.00 -50.63 -11.95
C GLU A 1074 -17.93 -49.51 -11.43
N LEU A 1075 -19.24 -49.74 -11.50
CA LEU A 1075 -20.23 -48.82 -11.00
C LEU A 1075 -21.11 -49.58 -10.01
N ASN A 1076 -20.73 -49.52 -8.74
CA ASN A 1076 -21.22 -50.48 -7.75
C ASN A 1076 -21.20 -49.84 -6.37
N PRO A 1077 -22.15 -48.93 -6.07
CA PRO A 1077 -22.14 -48.21 -4.80
C PRO A 1077 -22.35 -49.11 -3.58
N CYS A 1078 -21.56 -48.88 -2.54
CA CYS A 1078 -21.77 -49.46 -1.18
C CYS A 1078 -21.92 -48.37 -0.10
N LEU A 1079 -21.59 -47.12 -0.40
CA LEU A 1079 -21.66 -46.01 0.57
C LEU A 1079 -22.81 -45.04 0.23
N LEU A 1080 -23.49 -45.25 -0.90
CA LEU A 1080 -24.52 -44.34 -1.37
C LEU A 1080 -25.82 -44.55 -0.58
N ARG A 1081 -26.47 -43.44 -0.20
CA ARG A 1081 -27.72 -43.46 0.59
C ARG A 1081 -28.96 -43.52 -0.32
N LYS A 1082 -29.97 -44.27 0.11
CA LYS A 1082 -31.25 -44.39 -0.55
C LYS A 1082 -31.88 -43.00 -0.84
N ASP A 1083 -31.69 -42.03 0.08
CA ASP A 1083 -32.40 -40.77 0.01
C ASP A 1083 -31.82 -39.87 -1.07
N GLU A 1084 -30.72 -40.27 -1.72
CA GLU A 1084 -30.20 -39.53 -2.89
C GLU A 1084 -31.07 -39.78 -4.14
N PHE A 1085 -31.88 -40.84 -4.14
CA PHE A 1085 -32.67 -41.19 -5.33
C PHE A 1085 -33.90 -40.29 -5.40
N LEU A 1086 -34.27 -39.88 -6.63
CA LEU A 1086 -35.38 -38.96 -6.89
C LEU A 1086 -36.67 -39.53 -6.33
N LYS A 1087 -37.52 -38.62 -5.88
CA LYS A 1087 -38.84 -38.91 -5.27
C LYS A 1087 -39.92 -38.57 -6.29
N GLU A 1088 -39.53 -37.92 -7.40
CA GLU A 1088 -40.42 -37.55 -8.56
C GLU A 1088 -39.56 -37.48 -9.85
N ALA A 1089 -40.21 -37.46 -11.01
CA ALA A 1089 -39.58 -37.39 -12.34
C ALA A 1089 -38.90 -36.03 -12.52
N LYS A 1090 -37.73 -36.01 -13.17
CA LYS A 1090 -36.97 -34.78 -13.47
C LYS A 1090 -36.21 -34.99 -14.78
N THR A 1091 -35.87 -33.86 -15.41
CA THR A 1091 -35.14 -33.82 -16.67
C THR A 1091 -33.67 -33.53 -16.39
N PHE A 1092 -32.78 -34.40 -16.88
CA PHE A 1092 -31.32 -34.18 -16.76
C PHE A 1092 -30.78 -33.55 -18.05
N ASP A 1093 -30.35 -32.29 -17.95
CA ASP A 1093 -29.74 -31.54 -19.02
C ASP A 1093 -28.22 -31.63 -18.87
N TYR A 1094 -27.56 -32.25 -19.85
CA TYR A 1094 -26.13 -32.50 -19.81
C TYR A 1094 -25.50 -32.08 -21.14
N VAL A 1095 -24.18 -32.21 -21.22
CA VAL A 1095 -23.43 -31.93 -22.42
C VAL A 1095 -22.62 -33.18 -22.79
N THR A 1096 -22.73 -33.61 -24.06
CA THR A 1096 -21.96 -34.73 -24.58
C THR A 1096 -20.49 -34.34 -24.75
N VAL A 1097 -19.65 -35.33 -24.98
CA VAL A 1097 -18.24 -35.10 -25.33
C VAL A 1097 -18.13 -34.28 -26.63
N ASN A 1098 -19.17 -34.28 -27.46
CA ASN A 1098 -19.17 -33.53 -28.72
C ASN A 1098 -19.88 -32.17 -28.58
N PHE A 1099 -19.98 -31.63 -27.37
CA PHE A 1099 -20.51 -30.25 -27.10
C PHE A 1099 -22.00 -30.16 -27.43
N GLN A 1100 -22.72 -31.28 -27.48
CA GLN A 1100 -24.16 -31.24 -27.73
C GLN A 1100 -24.90 -31.12 -26.39
N HIS A 1101 -25.76 -30.10 -26.29
CA HIS A 1101 -26.65 -29.91 -25.14
C HIS A 1101 -27.86 -30.80 -25.32
N GLN A 1102 -28.02 -31.82 -24.47
CA GLN A 1102 -29.06 -32.87 -24.62
C GLN A 1102 -29.73 -33.13 -23.27
N SER A 1103 -30.77 -33.96 -23.30
CA SER A 1103 -31.64 -34.29 -22.18
C SER A 1103 -31.97 -35.78 -22.07
N LEU A 1104 -32.11 -36.23 -20.83
CA LEU A 1104 -32.66 -37.53 -20.46
C LEU A 1104 -33.76 -37.30 -19.42
N GLU A 1105 -34.85 -38.04 -19.54
CA GLU A 1105 -35.92 -38.05 -18.54
C GLU A 1105 -35.59 -39.09 -17.46
N LEU A 1106 -35.39 -38.64 -16.22
CA LEU A 1106 -35.24 -39.53 -15.07
C LEU A 1106 -36.62 -39.74 -14.44
N VAL A 1107 -36.84 -40.95 -13.93
CA VAL A 1107 -38.02 -41.27 -13.14
C VAL A 1107 -37.63 -41.36 -11.67
N GLU A 1108 -38.64 -41.38 -10.81
CA GLU A 1108 -38.59 -41.76 -9.41
C GLU A 1108 -37.66 -42.98 -9.27
N LYS A 1109 -36.94 -43.03 -8.15
CA LYS A 1109 -36.05 -44.13 -7.79
C LYS A 1109 -34.88 -44.21 -8.76
N SER A 1110 -34.43 -43.05 -9.28
CA SER A 1110 -33.23 -42.97 -10.07
C SER A 1110 -32.46 -41.66 -9.79
N LEU A 1111 -31.22 -41.59 -10.30
CA LEU A 1111 -30.41 -40.40 -10.28
C LEU A 1111 -29.38 -40.50 -11.39
N ALA A 1112 -28.69 -39.39 -11.67
CA ALA A 1112 -27.79 -39.35 -12.78
C ALA A 1112 -26.59 -38.47 -12.44
N PHE A 1113 -25.47 -38.81 -13.04
CA PHE A 1113 -24.26 -38.04 -13.03
C PHE A 1113 -23.52 -38.33 -14.35
N THR A 1114 -22.33 -37.75 -14.53
CA THR A 1114 -21.50 -38.07 -15.66
C THR A 1114 -20.11 -38.55 -15.21
N TYR A 1115 -19.52 -39.42 -16.03
CA TYR A 1115 -18.16 -39.87 -15.85
C TYR A 1115 -17.48 -39.92 -17.21
N CYS A 1116 -16.35 -39.21 -17.34
CA CYS A 1116 -15.71 -38.96 -18.63
C CYS A 1116 -16.75 -38.40 -19.60
N GLN A 1117 -17.69 -37.62 -19.04
CA GLN A 1117 -18.71 -36.87 -19.77
C GLN A 1117 -19.65 -37.82 -20.51
N ILE A 1118 -19.82 -39.03 -19.96
CA ILE A 1118 -20.85 -39.93 -20.35
C ILE A 1118 -21.92 -39.92 -19.27
N PRO A 1119 -23.20 -39.70 -19.62
CA PRO A 1119 -24.26 -39.74 -18.62
C PRO A 1119 -24.47 -41.15 -18.10
N ILE A 1120 -24.54 -41.26 -16.77
CA ILE A 1120 -24.73 -42.49 -16.05
C ILE A 1120 -25.99 -42.33 -15.19
N ILE A 1121 -26.89 -43.30 -15.30
CA ILE A 1121 -28.13 -43.31 -14.59
C ILE A 1121 -28.10 -44.53 -13.68
N TYR A 1122 -28.33 -44.29 -12.38
CA TYR A 1122 -28.57 -45.33 -11.40
C TYR A 1122 -30.09 -45.44 -11.20
N LYS A 1123 -30.66 -46.64 -11.30
CA LYS A 1123 -32.04 -46.88 -10.93
C LYS A 1123 -32.11 -48.08 -9.97
N ILE A 1124 -33.00 -47.97 -8.99
CA ILE A 1124 -33.29 -49.03 -8.07
C ILE A 1124 -34.11 -50.07 -8.83
N ALA A 1125 -33.71 -51.35 -8.70
CA ALA A 1125 -34.35 -52.47 -9.40
C ALA A 1125 -34.24 -53.75 -8.57
N ASN A 1126 -34.92 -54.80 -9.03
CA ASN A 1126 -34.99 -56.10 -8.35
C ASN A 1126 -33.74 -56.94 -8.63
N GLN A 1127 -33.04 -56.67 -9.74
CA GLN A 1127 -31.82 -57.40 -10.08
C GLN A 1127 -30.74 -56.41 -10.53
N LYS A 1128 -29.49 -56.73 -10.18
CA LYS A 1128 -28.34 -55.98 -10.64
C LYS A 1128 -28.16 -56.18 -12.15
N CYS A 1129 -27.80 -55.09 -12.82
CA CYS A 1129 -27.68 -55.06 -14.26
C CYS A 1129 -26.98 -53.77 -14.67
N ILE A 1130 -26.22 -53.86 -15.76
CA ILE A 1130 -25.65 -52.71 -16.38
C ILE A 1130 -26.02 -52.77 -17.86
N GLU A 1131 -26.30 -51.61 -18.43
CA GLU A 1131 -26.71 -51.50 -19.82
C GLU A 1131 -25.89 -50.38 -20.44
N VAL A 1132 -25.10 -50.70 -21.47
CA VAL A 1132 -24.26 -49.77 -22.19
C VAL A 1132 -24.93 -49.47 -23.54
N PHE A 1133 -25.31 -48.22 -23.76
CA PHE A 1133 -25.96 -47.75 -25.01
C PHE A 1133 -24.90 -47.09 -25.89
N THR A 1134 -24.77 -47.56 -27.13
CA THR A 1134 -23.74 -47.10 -28.06
C THR A 1134 -24.39 -46.22 -29.14
N ASN A 1135 -23.55 -45.35 -29.72
CA ASN A 1135 -23.87 -44.36 -30.79
C ASN A 1135 -24.46 -45.04 -32.04
N ASP A 1136 -24.22 -46.34 -32.19
CA ASP A 1136 -24.75 -47.14 -33.31
C ASP A 1136 -26.19 -47.62 -33.03
N GLY A 1137 -26.80 -47.18 -31.92
CA GLY A 1137 -28.21 -47.48 -31.60
C GLY A 1137 -28.42 -48.84 -30.95
N LYS A 1138 -27.33 -49.57 -30.66
CA LYS A 1138 -27.40 -50.82 -29.94
C LYS A 1138 -27.24 -50.57 -28.44
N SER A 1139 -27.63 -51.56 -27.65
CA SER A 1139 -27.30 -51.61 -26.25
C SER A 1139 -26.85 -53.03 -25.87
N ALA A 1140 -26.11 -53.12 -24.77
CA ALA A 1140 -25.57 -54.39 -24.26
C ALA A 1140 -25.73 -54.42 -22.75
N LYS A 1141 -26.21 -55.57 -22.23
CA LYS A 1141 -26.48 -55.78 -20.81
C LYS A 1141 -25.65 -56.94 -20.27
N ALA A 1142 -25.36 -56.85 -18.97
CA ALA A 1142 -24.77 -57.93 -18.17
C ALA A 1142 -25.23 -57.76 -16.71
N ALA A 1143 -25.37 -58.87 -15.95
CA ALA A 1143 -25.67 -58.80 -14.50
C ALA A 1143 -24.51 -58.15 -13.76
N SER A 1144 -23.27 -58.32 -14.24
CA SER A 1144 -22.10 -57.82 -13.55
C SER A 1144 -22.01 -56.29 -13.69
N LEU A 1145 -21.73 -55.61 -12.58
CA LEU A 1145 -21.53 -54.16 -12.55
C LEU A 1145 -20.05 -53.78 -12.78
N ILE A 1146 -19.22 -54.71 -13.27
CA ILE A 1146 -17.85 -54.43 -13.71
C ILE A 1146 -17.82 -54.57 -15.23
N LEU A 1147 -17.31 -53.53 -15.90
CA LEU A 1147 -17.17 -53.53 -17.36
C LEU A 1147 -15.78 -54.06 -17.69
N ASP A 1148 -15.68 -54.70 -18.84
CA ASP A 1148 -14.45 -55.21 -19.42
C ASP A 1148 -13.48 -54.04 -19.73
N LYS A 1149 -12.21 -54.39 -19.94
CA LYS A 1149 -11.12 -53.45 -20.23
C LYS A 1149 -11.48 -52.58 -21.44
N GLN A 1150 -11.95 -53.20 -22.51
CA GLN A 1150 -12.17 -52.54 -23.75
C GLN A 1150 -13.32 -51.53 -23.65
N THR A 1151 -14.48 -51.97 -23.14
CA THR A 1151 -15.59 -51.02 -22.88
C THR A 1151 -15.12 -49.88 -21.98
N SER A 1152 -14.32 -50.21 -20.96
CA SER A 1152 -13.79 -49.22 -20.05
C SER A 1152 -12.91 -48.17 -20.76
N GLN A 1153 -12.09 -48.63 -21.71
CA GLN A 1153 -11.23 -47.73 -22.47
C GLN A 1153 -12.09 -46.90 -23.45
N ASP A 1154 -13.24 -47.40 -23.89
CA ASP A 1154 -14.21 -46.59 -24.68
C ASP A 1154 -14.74 -45.44 -23.82
N VAL A 1155 -14.94 -45.68 -22.53
CA VAL A 1155 -15.38 -44.64 -21.58
C VAL A 1155 -14.23 -43.65 -21.39
N PHE A 1156 -13.07 -44.17 -21.00
CA PHE A 1156 -11.93 -43.32 -20.67
C PHE A 1156 -11.49 -42.52 -21.91
N GLY A 1157 -11.69 -43.08 -23.11
CA GLY A 1157 -11.12 -42.50 -24.30
C GLY A 1157 -11.91 -41.33 -24.89
N ARG A 1158 -13.15 -41.11 -24.42
CA ARG A 1158 -13.99 -40.00 -24.86
C ARG A 1158 -14.17 -39.97 -26.38
N THR A 1159 -14.27 -41.14 -27.02
CA THR A 1159 -14.45 -41.21 -28.47
C THR A 1159 -15.91 -40.95 -28.87
N GLY A 1160 -16.84 -40.96 -27.90
CA GLY A 1160 -18.24 -40.76 -28.24
C GLY A 1160 -18.90 -42.03 -28.78
N ILE A 1161 -18.27 -43.19 -28.61
CA ILE A 1161 -18.86 -44.47 -28.98
C ILE A 1161 -20.01 -44.83 -28.01
N ILE A 1162 -19.88 -44.49 -26.72
CA ILE A 1162 -20.93 -44.76 -25.73
C ILE A 1162 -21.73 -43.47 -25.50
N ASN A 1163 -23.05 -43.58 -25.63
CA ASN A 1163 -23.99 -42.47 -25.47
C ASN A 1163 -24.36 -42.34 -23.98
N LYS A 1164 -24.71 -43.46 -23.33
CA LYS A 1164 -25.05 -43.47 -21.92
C LYS A 1164 -24.89 -44.87 -21.32
N ILE A 1165 -24.95 -44.93 -19.99
CA ILE A 1165 -24.86 -46.15 -19.22
C ILE A 1165 -25.93 -46.10 -18.12
N GLU A 1166 -26.72 -47.18 -18.04
CA GLU A 1166 -27.70 -47.34 -17.00
C GLU A 1166 -27.30 -48.49 -16.08
N VAL A 1167 -27.33 -48.22 -14.78
CA VAL A 1167 -26.97 -49.19 -13.76
C VAL A 1167 -28.18 -49.44 -12.85
N SER A 1168 -28.60 -50.70 -12.83
CA SER A 1168 -29.66 -51.21 -12.00
C SER A 1168 -29.07 -51.73 -10.67
N ILE A 1169 -29.49 -51.10 -9.56
CA ILE A 1169 -28.89 -51.21 -8.20
C ILE A 1169 -29.91 -51.84 -7.26
N LEU A 1170 -29.48 -52.75 -6.38
CA LEU A 1170 -30.39 -53.33 -5.40
C LEU A 1170 -30.68 -52.29 -4.30
N GLU A 1171 -31.94 -52.17 -3.90
CA GLU A 1171 -32.34 -51.37 -2.75
C GLU A 1171 -31.50 -51.75 -1.52
N SER A 1172 -31.27 -53.05 -1.33
CA SER A 1172 -30.62 -53.60 -0.16
C SER A 1172 -29.14 -53.21 -0.10
N ASP A 1173 -28.56 -52.74 -1.21
CA ASP A 1173 -27.13 -52.32 -1.25
C ASP A 1173 -26.99 -50.81 -1.01
N LEU A 1174 -28.11 -50.10 -0.84
CA LEU A 1174 -28.14 -48.67 -0.49
C LEU A 1174 -28.29 -48.49 1.03
N ARG A 1175 -27.71 -47.41 1.53
CA ARG A 1175 -27.58 -47.15 2.96
C ARG A 1175 -28.71 -46.22 3.42
N SER B 38 -26.98 30.45 7.43
CA SER B 38 -26.83 29.02 7.83
C SER B 38 -25.40 28.80 8.35
N ILE B 39 -24.37 28.90 7.49
CA ILE B 39 -22.97 28.62 7.91
C ILE B 39 -22.25 29.92 8.35
N THR B 40 -22.13 30.09 9.67
CA THR B 40 -21.53 31.30 10.26
C THR B 40 -20.28 30.90 11.04
N MET B 41 -19.38 31.86 11.25
CA MET B 41 -18.26 31.68 12.16
C MET B 41 -18.21 32.79 13.21
N ASP B 42 -18.16 32.40 14.49
CA ASP B 42 -18.20 33.33 15.61
C ASP B 42 -17.16 32.97 16.65
N MET B 43 -16.67 33.99 17.36
CA MET B 43 -15.93 33.84 18.61
C MET B 43 -16.90 33.52 19.74
N VAL B 44 -16.65 32.45 20.47
CA VAL B 44 -17.51 32.00 21.54
C VAL B 44 -16.62 31.56 22.71
N SER B 45 -17.22 31.54 23.91
CA SER B 45 -16.61 31.02 25.14
C SER B 45 -17.12 29.59 25.40
N MET B 46 -16.20 28.63 25.45
CA MET B 46 -16.56 27.26 25.87
C MET B 46 -15.73 26.92 27.11
N ASN B 47 -16.43 26.69 28.23
CA ASN B 47 -15.81 26.45 29.55
C ASN B 47 -14.69 27.48 29.81
N GLY B 48 -14.99 28.77 29.62
CA GLY B 48 -14.06 29.86 29.93
C GLY B 48 -12.82 29.93 29.02
N GLU B 49 -12.87 29.28 27.85
CA GLU B 49 -11.79 29.41 26.83
C GLU B 49 -12.40 29.86 25.50
N MET B 50 -11.62 30.61 24.69
CA MET B 50 -12.13 31.15 23.44
C MET B 50 -11.88 30.17 22.27
N PHE B 51 -12.94 29.94 21.50
CA PHE B 51 -12.98 29.09 20.33
C PHE B 51 -13.65 29.81 19.16
N TYR B 52 -13.28 29.41 17.94
CA TYR B 52 -14.07 29.69 16.74
C TYR B 52 -15.12 28.60 16.58
N LYS B 53 -16.37 29.00 16.33
CA LYS B 53 -17.52 28.13 16.12
C LYS B 53 -17.94 28.23 14.66
N ILE B 54 -17.93 27.11 13.94
CA ILE B 54 -18.56 27.06 12.64
C ILE B 54 -19.93 26.44 12.89
N ALA B 55 -20.99 27.24 12.76
CA ALA B 55 -22.37 26.74 12.89
C ALA B 55 -22.76 25.98 11.62
N ASN B 56 -23.49 24.87 11.80
CA ASN B 56 -23.99 24.07 10.70
C ASN B 56 -22.82 23.59 9.83
N ASN B 57 -21.76 23.08 10.45
CA ASN B 57 -20.57 22.67 9.71
C ASN B 57 -20.92 21.52 8.74
N ASP B 58 -22.01 20.80 9.01
CA ASP B 58 -22.40 19.64 8.19
C ASP B 58 -23.04 20.10 6.86
N ALA B 59 -23.31 21.40 6.67
CA ALA B 59 -23.71 21.91 5.37
C ALA B 59 -22.48 22.20 4.48
N MET B 60 -21.27 22.02 5.01
CA MET B 60 -20.03 22.16 4.25
C MET B 60 -19.56 20.75 3.86
N ARG B 61 -18.97 20.64 2.67
CA ARG B 61 -18.28 19.45 2.33
C ARG B 61 -17.17 19.27 3.37
N PRO B 62 -17.05 18.07 4.00
CA PRO B 62 -16.11 17.88 5.11
C PRO B 62 -14.70 18.29 4.72
N PHE B 63 -14.00 18.99 5.62
CA PHE B 63 -12.64 19.48 5.35
C PHE B 63 -11.69 18.92 6.39
N PHE B 64 -10.40 18.96 6.07
CA PHE B 64 -9.40 18.24 6.82
C PHE B 64 -8.54 19.22 7.62
N MET B 65 -8.26 18.86 8.88
CA MET B 65 -7.53 19.68 9.86
C MET B 65 -6.37 18.88 10.45
N THR B 66 -5.37 19.63 10.95
CA THR B 66 -4.33 19.11 11.84
C THR B 66 -4.56 19.78 13.20
N ILE B 67 -4.51 18.98 14.26
CA ILE B 67 -4.59 19.47 15.64
C ILE B 67 -3.17 19.44 16.17
N VAL B 68 -2.65 20.60 16.57
CA VAL B 68 -1.24 20.73 16.94
C VAL B 68 -1.08 20.40 18.43
N SER B 69 0.09 19.88 18.78
CA SER B 69 0.48 19.65 20.14
C SER B 69 1.85 20.31 20.38
N ASP B 70 2.08 20.71 21.64
CA ASP B 70 3.41 21.16 22.11
C ASP B 70 4.35 19.95 22.23
N SER B 71 3.76 18.75 22.38
CA SER B 71 4.46 17.50 22.60
C SER B 71 4.53 16.74 21.27
N ASN B 72 4.44 15.40 21.25
CA ASN B 72 4.68 14.63 20.03
C ASN B 72 3.38 14.02 19.47
N HIS B 73 2.23 14.52 19.92
CA HIS B 73 0.95 14.06 19.41
C HIS B 73 0.78 14.51 17.96
N TRP B 74 0.20 13.64 17.13
CA TRP B 74 -0.36 14.06 15.87
C TRP B 74 -1.82 13.60 15.78
N MET B 75 -2.64 14.45 15.17
CA MET B 75 -4.04 14.19 14.98
C MET B 75 -4.48 14.91 13.69
N PHE B 76 -4.94 14.12 12.71
CA PHE B 76 -5.44 14.63 11.46
C PHE B 76 -6.90 14.22 11.37
N VAL B 77 -7.81 15.21 11.37
CA VAL B 77 -9.20 14.95 11.63
C VAL B 77 -10.06 15.77 10.65
N SER B 78 -11.14 15.16 10.18
CA SER B 78 -12.10 15.79 9.31
C SER B 78 -13.17 16.49 10.14
N SER B 79 -13.89 17.42 9.50
CA SER B 79 -14.92 18.20 10.16
C SER B 79 -16.15 17.32 10.43
N ASN B 80 -16.19 16.13 9.83
CA ASN B 80 -17.20 15.14 10.12
C ASN B 80 -16.77 14.26 11.31
N GLY B 81 -15.57 14.44 11.84
CA GLY B 81 -15.09 13.66 13.00
C GLY B 81 -14.24 12.44 12.63
N GLY B 82 -14.17 12.07 11.35
CA GLY B 82 -13.23 10.99 10.94
C GLY B 82 -11.78 11.41 11.22
N LEU B 83 -10.95 10.50 11.71
CA LEU B 83 -9.61 10.89 12.08
C LEU B 83 -8.63 9.71 12.05
N THR B 84 -7.35 10.08 12.01
CA THR B 84 -6.23 9.26 12.45
C THR B 84 -5.42 10.09 13.43
N ALA B 85 -4.80 9.42 14.42
CA ALA B 85 -4.07 10.07 15.45
C ALA B 85 -3.06 9.10 16.03
N GLY B 86 -2.05 9.65 16.69
CA GLY B 86 -1.06 8.89 17.36
C GLY B 86 -0.01 9.79 17.96
N ARG B 87 1.15 9.21 18.27
CA ARG B 87 2.27 9.97 18.79
C ARG B 87 3.53 9.57 18.02
N LYS B 88 4.40 10.56 17.85
CA LYS B 88 5.67 10.46 17.15
C LYS B 88 5.43 10.28 15.65
N ASN B 89 5.02 9.08 15.20
CA ASN B 89 4.86 8.85 13.77
C ASN B 89 3.75 7.81 13.53
N ALA B 90 3.55 7.42 12.26
CA ALA B 90 2.41 6.57 11.87
C ALA B 90 2.61 5.13 12.38
N GLU B 91 3.78 4.83 12.92
CA GLU B 91 4.04 3.49 13.42
C GLU B 91 3.53 3.36 14.86
N TYR B 92 3.05 4.45 15.48
CA TYR B 92 2.42 4.41 16.78
C TYR B 92 1.05 5.07 16.67
N ALA B 93 0.24 4.56 15.73
CA ALA B 93 -1.08 5.12 15.44
C ALA B 93 -2.06 4.54 16.46
N LEU B 94 -2.92 5.39 16.98
CA LEU B 94 -4.04 4.95 17.80
C LEU B 94 -5.20 4.53 16.88
N PHE B 95 -5.38 5.26 15.77
CA PHE B 95 -6.35 4.94 14.74
C PHE B 95 -5.64 4.89 13.39
N PRO B 96 -6.04 3.97 12.49
CA PRO B 96 -5.26 3.64 11.30
C PRO B 96 -4.88 4.86 10.44
N TYR B 97 -3.64 4.85 9.94
CA TYR B 97 -3.13 5.94 9.15
C TYR B 97 -3.39 5.67 7.67
N TYR B 98 -4.39 6.35 7.09
CA TYR B 98 -4.76 6.24 5.69
C TYR B 98 -4.75 7.66 5.08
N THR B 99 -4.95 7.76 3.77
CA THR B 99 -5.05 9.04 3.07
C THR B 99 -6.33 9.76 3.57
N ASP B 100 -6.37 11.10 3.37
CA ASP B 100 -7.40 11.99 3.97
C ASP B 100 -8.81 11.68 3.45
N ASP B 101 -8.94 11.26 2.19
CA ASP B 101 -10.22 10.80 1.63
C ASP B 101 -10.72 9.60 2.45
N LYS B 102 -9.86 8.61 2.73
CA LYS B 102 -10.27 7.40 3.42
C LYS B 102 -10.58 7.70 4.90
N ILE B 103 -9.82 8.63 5.50
CA ILE B 103 -10.07 9.05 6.86
C ILE B 103 -11.49 9.61 6.96
N THR B 104 -11.79 10.59 6.10
CA THR B 104 -13.07 11.26 6.02
C THR B 104 -14.21 10.24 5.85
N GLU B 105 -13.96 9.21 5.05
CA GLU B 105 -14.96 8.20 4.70
C GLU B 105 -15.14 7.15 5.81
N SER B 106 -14.29 7.15 6.84
CA SER B 106 -14.28 6.14 7.88
C SER B 106 -15.02 6.55 9.17
N ALA B 107 -15.65 7.73 9.20
CA ALA B 107 -16.24 8.30 10.43
C ALA B 107 -17.20 7.32 11.13
N ASP B 108 -17.93 6.50 10.38
CA ASP B 108 -18.93 5.59 10.99
C ASP B 108 -18.29 4.42 11.74
N ILE B 109 -17.08 3.99 11.34
CA ILE B 109 -16.52 2.75 11.89
C ILE B 109 -15.23 3.00 12.67
N THR B 110 -14.64 4.19 12.54
CA THR B 110 -13.37 4.48 13.19
C THR B 110 -13.48 5.78 13.99
N GLY B 111 -13.02 5.73 15.23
CA GLY B 111 -12.97 6.93 16.07
C GLY B 111 -14.16 7.03 17.00
N SER B 112 -14.69 8.23 17.14
CA SER B 112 -15.72 8.55 18.11
C SER B 112 -17.05 7.94 17.68
N LYS B 113 -17.76 7.33 18.61
CA LYS B 113 -19.08 6.78 18.35
C LYS B 113 -19.90 6.82 19.65
N SER B 114 -21.15 7.29 19.50
CA SER B 114 -22.06 7.60 20.60
C SER B 114 -23.49 7.22 20.20
N ILE B 115 -24.13 6.36 20.99
CA ILE B 115 -25.53 6.00 20.80
C ILE B 115 -26.26 6.11 22.14
N PHE B 116 -27.40 6.84 22.12
CA PHE B 116 -28.25 7.06 23.28
C PHE B 116 -29.62 6.42 23.05
N GLN B 117 -30.01 5.55 23.99
CA GLN B 117 -31.38 5.02 24.12
C GLN B 117 -32.11 5.90 25.16
N ILE B 118 -33.09 6.69 24.69
CA ILE B 118 -33.80 7.65 25.53
C ILE B 118 -35.24 7.19 25.71
N GLN B 119 -35.70 7.11 26.98
CA GLN B 119 -37.13 6.83 27.33
C GLN B 119 -37.95 8.12 27.24
N TYR B 120 -38.93 8.14 26.31
CA TYR B 120 -39.82 9.30 26.04
C TYR B 120 -41.26 8.78 25.92
N ASN B 121 -42.09 9.15 26.91
CA ASN B 121 -43.40 8.54 27.13
C ASN B 121 -43.17 7.07 27.51
N ASN B 122 -43.79 6.13 26.78
CA ASN B 122 -43.54 4.70 26.99
C ASN B 122 -42.68 4.16 25.82
N GLU B 123 -42.14 5.06 24.99
CA GLU B 123 -41.39 4.70 23.75
C GLU B 123 -39.87 4.81 23.98
N LEU B 124 -39.11 3.95 23.29
CA LEU B 124 -37.66 4.01 23.31
C LEU B 124 -37.13 4.67 22.02
N ILE B 125 -36.42 5.78 22.17
CA ILE B 125 -35.89 6.55 21.08
C ILE B 125 -34.36 6.38 21.03
N VAL B 126 -33.85 6.05 19.83
CA VAL B 126 -32.42 5.92 19.57
C VAL B 126 -31.91 7.19 18.86
N TRP B 127 -30.89 7.83 19.45
CA TRP B 127 -30.22 9.00 18.88
C TRP B 127 -28.72 8.69 18.80
N GLU B 128 -28.13 8.92 17.61
CA GLU B 128 -26.74 8.59 17.33
C GLU B 128 -26.09 9.83 16.71
N PRO B 129 -25.63 10.77 17.53
CA PRO B 129 -25.09 12.02 16.99
C PRO B 129 -23.82 11.77 16.15
N PHE B 130 -23.64 12.62 15.15
CA PHE B 130 -22.51 12.67 14.24
C PHE B 130 -22.57 11.54 13.20
N SER B 131 -23.54 10.62 13.30
CA SER B 131 -23.67 9.55 12.30
C SER B 131 -24.62 9.97 11.17
N GLU B 132 -24.64 9.13 10.13
CA GLU B 132 -25.53 9.25 9.01
C GLU B 132 -26.47 8.04 9.02
N ARG B 133 -26.70 7.47 10.21
CA ARG B 133 -27.47 6.22 10.39
C ARG B 133 -28.98 6.47 10.50
N PHE B 134 -29.38 7.71 10.79
CA PHE B 134 -30.79 8.04 11.00
C PHE B 134 -31.14 9.34 10.25
N THR B 135 -30.94 9.34 8.94
CA THR B 135 -31.02 10.55 8.12
C THR B 135 -32.40 11.21 8.28
N ASN B 136 -32.39 12.49 8.70
CA ASN B 136 -33.59 13.34 8.87
C ASN B 136 -34.62 12.71 9.83
N LYS B 137 -34.15 11.86 10.76
CA LYS B 137 -35.05 11.32 11.77
C LYS B 137 -35.44 12.43 12.77
N PHE B 138 -34.52 13.36 13.01
CA PHE B 138 -34.63 14.45 13.95
C PHE B 138 -34.17 15.76 13.30
N LYS B 139 -34.73 16.89 13.73
CA LYS B 139 -34.14 18.19 13.45
C LYS B 139 -32.87 18.29 14.33
N ILE B 140 -31.71 18.47 13.70
CA ILE B 140 -30.47 18.59 14.44
C ILE B 140 -29.70 19.79 13.91
N THR B 141 -28.82 20.31 14.78
CA THR B 141 -27.80 21.27 14.42
C THR B 141 -26.44 20.71 14.82
N ARG B 142 -25.49 20.76 13.88
CA ARG B 142 -24.12 20.35 14.13
C ARG B 142 -23.25 21.60 14.11
N ASN B 143 -22.44 21.76 15.16
CA ASN B 143 -21.50 22.86 15.27
C ASN B 143 -20.11 22.28 15.50
N LEU B 144 -19.10 22.99 14.99
CA LEU B 144 -17.69 22.58 15.12
C LEU B 144 -16.88 23.73 15.73
N TYR B 145 -16.04 23.42 16.72
CA TYR B 145 -15.24 24.45 17.37
C TYR B 145 -13.76 24.08 17.41
N LYS B 146 -12.91 25.08 17.15
CA LYS B 146 -11.48 24.93 17.32
C LYS B 146 -10.97 26.17 18.04
N ASN B 147 -10.09 25.96 19.03
CA ASN B 147 -9.65 27.06 19.91
C ASN B 147 -8.62 27.89 19.15
N TYR B 148 -8.35 29.08 19.70
CA TYR B 148 -7.42 30.05 19.15
C TYR B 148 -6.01 29.43 19.02
N TYR B 149 -5.64 28.48 19.87
CA TYR B 149 -4.26 27.94 19.85
C TYR B 149 -4.16 26.77 18.85
N GLY B 150 -5.30 26.17 18.51
CA GLY B 150 -5.37 25.13 17.48
C GLY B 150 -5.04 23.75 18.04
N ASN B 151 -5.04 23.60 19.37
CA ASN B 151 -4.71 22.32 20.02
C ASN B 151 -5.95 21.71 20.69
N LYS B 152 -7.15 22.27 20.47
CA LYS B 152 -8.39 21.65 20.96
C LYS B 152 -9.49 21.79 19.91
N ILE B 153 -10.30 20.73 19.75
CA ILE B 153 -11.43 20.75 18.83
C ILE B 153 -12.64 20.14 19.53
N ILE B 154 -13.82 20.71 19.28
CA ILE B 154 -15.07 20.28 19.88
C ILE B 154 -16.08 19.97 18.77
N PHE B 155 -16.72 18.81 18.86
CA PHE B 155 -17.82 18.41 18.01
C PHE B 155 -19.09 18.45 18.83
N GLU B 156 -20.13 19.10 18.30
CA GLU B 156 -21.34 19.33 19.01
C GLU B 156 -22.53 18.99 18.13
N GLU B 157 -23.49 18.24 18.69
CA GLU B 157 -24.77 18.04 18.04
C GLU B 157 -25.93 18.35 19.00
N ILE B 158 -26.76 19.32 18.58
CA ILE B 158 -28.01 19.67 19.24
C ILE B 158 -29.14 18.88 18.59
N ASN B 159 -29.79 18.01 19.37
CA ASN B 159 -31.02 17.36 18.97
C ASN B 159 -32.17 18.31 19.37
N GLU B 160 -32.70 19.03 18.38
CA GLU B 160 -33.71 20.10 18.61
C GLU B 160 -35.02 19.48 19.11
N ASP B 161 -35.31 18.25 18.68
CA ASP B 161 -36.57 17.57 18.99
C ASP B 161 -36.59 17.22 20.48
N LEU B 162 -35.45 16.78 21.05
CA LEU B 162 -35.39 16.31 22.43
C LEU B 162 -34.88 17.40 23.39
N GLY B 163 -34.35 18.50 22.83
CA GLY B 163 -33.63 19.48 23.62
C GLY B 163 -32.44 18.87 24.37
N LEU B 164 -31.71 17.98 23.69
CA LEU B 164 -30.46 17.40 24.20
C LEU B 164 -29.30 17.90 23.34
N THR B 165 -28.14 18.15 23.97
CA THR B 165 -26.91 18.44 23.23
C THR B 165 -25.82 17.47 23.68
N TYR B 166 -25.11 16.87 22.73
CA TYR B 166 -23.92 16.09 23.01
C TYR B 166 -22.70 16.77 22.40
N ARG B 167 -21.66 16.93 23.22
CA ARG B 167 -20.37 17.47 22.81
C ARG B 167 -19.28 16.45 23.15
N TYR B 168 -18.28 16.31 22.28
CA TYR B 168 -17.02 15.74 22.71
C TYR B 168 -15.88 16.61 22.18
N GLN B 169 -14.79 16.64 22.95
CA GLN B 169 -13.66 17.51 22.67
C GLN B 169 -12.38 16.67 22.71
N TRP B 170 -11.50 16.89 21.74
CA TRP B 170 -10.19 16.21 21.75
C TRP B 170 -9.15 17.16 22.31
N CYS B 171 -8.44 16.70 23.35
CA CYS B 171 -7.33 17.40 23.96
C CYS B 171 -6.09 16.48 23.93
N SER B 172 -4.91 17.08 24.11
CA SER B 172 -3.67 16.33 24.20
C SER B 172 -3.02 16.55 25.57
N SER B 173 -2.36 15.48 26.04
CA SER B 173 -1.66 15.41 27.29
C SER B 173 -0.35 14.66 27.06
N ASN B 174 0.78 15.33 27.34
CA ASN B 174 2.09 14.72 27.27
C ASN B 174 2.12 13.45 28.12
N GLN B 175 1.61 13.54 29.35
CA GLN B 175 1.61 12.44 30.30
C GLN B 175 0.66 11.30 29.88
N PHE B 176 -0.55 11.63 29.41
CA PHE B 176 -1.66 10.67 29.40
C PHE B 176 -2.10 10.26 27.98
N GLY B 177 -1.77 11.08 26.97
CA GLY B 177 -2.04 10.74 25.56
C GLY B 177 -3.12 11.63 24.98
N PHE B 178 -4.21 11.02 24.51
CA PHE B 178 -5.34 11.78 24.02
C PHE B 178 -6.44 11.74 25.06
N VAL B 179 -7.16 12.86 25.22
CA VAL B 179 -8.23 12.96 26.18
C VAL B 179 -9.48 13.45 25.45
N ARG B 180 -10.55 12.64 25.53
CA ARG B 180 -11.81 12.97 24.94
C ARG B 180 -12.76 13.33 26.08
N LYS B 181 -13.12 14.63 26.17
CA LYS B 181 -14.02 15.10 27.19
C LYS B 181 -15.42 15.16 26.61
N SER B 182 -16.37 14.47 27.27
CA SER B 182 -17.75 14.38 26.83
C SER B 182 -18.66 15.21 27.76
N GLU B 183 -19.70 15.82 27.17
CA GLU B 183 -20.77 16.49 27.92
C GLU B 183 -22.10 16.15 27.25
N LEU B 184 -23.05 15.60 28.03
CA LEU B 184 -24.43 15.41 27.61
C LEU B 184 -25.30 16.39 28.40
N SER B 185 -25.93 17.33 27.67
CA SER B 185 -26.64 18.47 28.29
C SER B 185 -28.14 18.39 27.95
N ASN B 186 -28.97 18.42 28.99
CA ASN B 186 -30.45 18.43 28.85
C ASN B 186 -30.93 19.86 29.07
N HIS B 187 -31.25 20.57 27.98
CA HIS B 187 -31.81 21.93 28.04
C HIS B 187 -33.32 21.91 27.77
N SER B 188 -33.96 20.73 27.86
CA SER B 188 -35.41 20.62 27.73
C SER B 188 -36.05 20.87 29.10
N LYS B 189 -37.39 20.79 29.16
CA LYS B 189 -38.14 20.84 30.42
C LYS B 189 -38.44 19.40 30.89
N ASN B 190 -38.00 18.39 30.13
CA ASN B 190 -38.28 16.99 30.36
C ASN B 190 -37.16 16.34 31.18
N VAL B 191 -37.48 15.19 31.78
CA VAL B 191 -36.55 14.34 32.51
C VAL B 191 -36.47 13.03 31.74
N TYR B 192 -35.25 12.58 31.41
CA TYR B 192 -35.04 11.42 30.51
C TYR B 192 -34.26 10.32 31.25
N GLU B 193 -34.74 9.08 31.16
CA GLU B 193 -33.94 7.89 31.48
C GLU B 193 -33.14 7.52 30.23
N ILE B 194 -31.81 7.64 30.31
CA ILE B 194 -30.94 7.41 29.17
C ILE B 194 -30.02 6.21 29.47
N SER B 195 -29.98 5.27 28.53
CA SER B 195 -28.92 4.27 28.44
C SER B 195 -27.98 4.70 27.30
N LEU B 196 -26.72 5.03 27.65
CA LEU B 196 -25.79 5.51 26.64
C LEU B 196 -24.72 4.45 26.38
N LEU B 197 -24.24 4.44 25.13
CA LEU B 197 -23.08 3.69 24.72
C LEU B 197 -22.15 4.67 24.00
N ASP B 198 -20.99 4.94 24.63
CA ASP B 198 -20.09 5.98 24.16
C ASP B 198 -18.65 5.47 24.22
N GLY B 199 -17.85 5.82 23.22
CA GLY B 199 -16.47 5.40 23.17
C GLY B 199 -15.80 5.64 21.83
N ILE B 200 -14.75 4.86 21.59
CA ILE B 200 -13.94 4.98 20.42
C ILE B 200 -13.77 3.58 19.81
N GLN B 201 -13.74 3.51 18.48
CA GLN B 201 -13.66 2.21 17.81
C GLN B 201 -12.59 2.21 16.71
N ASN B 202 -12.27 0.99 16.27
CA ASN B 202 -11.21 0.68 15.34
C ASN B 202 -9.90 1.20 15.92
N ILE B 203 -9.68 0.88 17.19
CA ILE B 203 -8.46 1.20 17.89
C ILE B 203 -7.39 0.24 17.40
N MET B 204 -6.27 0.79 16.95
CA MET B 204 -5.16 -0.01 16.54
C MET B 204 -4.54 -0.67 17.75
N PRO B 205 -4.05 -1.90 17.59
CA PRO B 205 -3.13 -2.48 18.57
C PRO B 205 -1.73 -1.91 18.30
N TYR B 206 -0.90 -1.89 19.34
CA TYR B 206 0.49 -1.58 19.21
C TYR B 206 1.12 -2.59 18.25
N GLY B 207 2.01 -2.11 17.38
CA GLY B 207 3.04 -2.94 16.73
C GLY B 207 2.74 -3.35 15.30
N VAL B 208 1.71 -2.74 14.69
CA VAL B 208 1.38 -2.92 13.30
C VAL B 208 2.01 -1.78 12.50
N SER B 209 2.84 -2.12 11.53
CA SER B 209 3.41 -1.11 10.63
C SER B 209 2.28 -0.46 9.81
N SER B 210 2.46 0.81 9.49
CA SER B 210 1.45 1.51 8.70
C SER B 210 1.33 0.88 7.31
N ASP B 211 2.39 0.27 6.76
CA ASP B 211 2.33 -0.34 5.43
C ASP B 211 1.45 -1.59 5.48
N LEU B 212 1.57 -2.42 6.50
CA LEU B 212 0.78 -3.62 6.65
C LEU B 212 -0.69 -3.26 6.91
N GLN B 213 -0.95 -2.27 7.75
CA GLN B 213 -2.34 -1.87 8.04
C GLN B 213 -2.99 -1.33 6.75
N SER B 214 -2.18 -0.66 5.90
CA SER B 214 -2.68 -0.05 4.66
C SER B 214 -3.08 -1.12 3.63
N SER B 215 -2.27 -2.17 3.51
CA SER B 215 -2.37 -3.10 2.38
C SER B 215 -2.98 -4.44 2.79
N THR B 216 -2.92 -4.80 4.09
CA THR B 216 -3.26 -6.14 4.53
C THR B 216 -4.00 -6.10 5.89
N SER B 217 -4.93 -5.15 6.03
CA SER B 217 -5.70 -4.94 7.25
C SER B 217 -6.42 -6.20 7.72
N ASN B 218 -6.89 -7.03 6.80
CA ASN B 218 -7.61 -8.28 7.15
C ASN B 218 -6.70 -9.27 7.88
N LEU B 219 -5.45 -9.44 7.43
CA LEU B 219 -4.53 -10.39 8.11
C LEU B 219 -4.32 -9.93 9.55
N VAL B 220 -4.22 -8.62 9.75
CA VAL B 220 -3.88 -8.06 11.05
C VAL B 220 -4.97 -8.43 12.08
N ASP B 221 -6.24 -8.41 11.65
CA ASP B 221 -7.38 -8.77 12.52
C ASP B 221 -7.13 -10.12 13.21
N ALA B 222 -6.54 -11.07 12.50
CA ALA B 222 -6.38 -12.43 13.01
C ALA B 222 -5.42 -12.47 14.22
N TYR B 223 -4.63 -11.41 14.41
CA TYR B 223 -3.66 -11.36 15.52
C TYR B 223 -4.15 -10.43 16.66
N LYS B 224 -5.33 -9.83 16.52
CA LYS B 224 -5.83 -8.87 17.51
C LYS B 224 -6.37 -9.61 18.73
N ARG B 225 -6.05 -9.06 19.90
CA ARG B 225 -6.66 -9.44 21.14
C ARG B 225 -6.87 -8.17 21.99
N SER B 226 -8.14 -7.92 22.32
CA SER B 226 -8.57 -6.78 23.10
C SER B 226 -9.07 -7.27 24.47
N GLU B 227 -8.55 -6.66 25.55
CA GLU B 227 -8.82 -7.12 26.89
C GLU B 227 -9.20 -5.96 27.79
N LEU B 228 -10.02 -6.27 28.80
CA LEU B 228 -10.36 -5.32 29.82
C LEU B 228 -9.74 -5.76 31.14
N HIS B 229 -9.12 -4.80 31.82
CA HIS B 229 -8.64 -4.96 33.21
C HIS B 229 -9.79 -4.64 34.17
N PRO B 230 -10.43 -5.65 34.77
CA PRO B 230 -11.70 -5.46 35.48
C PRO B 230 -11.66 -4.47 36.65
N LYS B 231 -10.61 -4.49 37.46
CA LYS B 231 -10.56 -3.61 38.65
C LYS B 231 -10.51 -2.14 38.21
N SER B 232 -9.96 -1.86 37.03
CA SER B 232 -9.70 -0.48 36.61
C SER B 232 -10.67 -0.02 35.52
N GLY B 233 -11.24 -0.96 34.76
CA GLY B 233 -11.96 -0.62 33.52
C GLY B 233 -11.06 -0.24 32.35
N LEU B 234 -9.74 -0.48 32.47
CA LEU B 234 -8.81 -0.07 31.41
C LEU B 234 -8.84 -1.11 30.28
N GLY B 235 -8.91 -0.62 29.05
CA GLY B 235 -8.82 -1.47 27.86
C GLY B 235 -7.40 -1.57 27.33
N ILE B 236 -6.95 -2.80 27.06
CA ILE B 236 -5.65 -3.12 26.46
C ILE B 236 -5.85 -3.67 25.04
N PHE B 237 -5.23 -3.01 24.07
CA PHE B 237 -5.33 -3.34 22.66
C PHE B 237 -3.96 -3.73 22.13
N ALA B 238 -3.76 -5.04 21.95
CA ALA B 238 -2.49 -5.63 21.52
C ALA B 238 -2.69 -6.69 20.43
N LEU B 239 -1.56 -7.26 19.98
CA LEU B 239 -1.49 -8.40 19.08
C LEU B 239 -1.09 -9.63 19.89
N SER B 240 -1.40 -10.81 19.36
CA SER B 240 -0.99 -12.09 19.96
C SER B 240 0.48 -12.36 19.64
N ALA B 241 0.95 -11.70 18.58
CA ALA B 241 2.34 -11.74 18.13
C ALA B 241 2.54 -10.59 17.13
N ILE B 242 3.75 -9.99 17.11
CA ILE B 242 4.14 -9.04 16.09
C ILE B 242 4.18 -9.82 14.77
N ILE B 243 3.58 -9.26 13.72
CA ILE B 243 3.44 -9.97 12.49
C ILE B 243 4.76 -9.84 11.72
N VAL B 244 5.34 -10.97 11.36
CA VAL B 244 6.67 -10.99 10.89
C VAL B 244 6.76 -12.11 9.85
N ASP B 245 7.51 -11.84 8.77
CA ASP B 245 7.66 -12.77 7.67
C ASP B 245 8.61 -13.93 8.06
N LYS B 246 9.43 -13.76 9.09
CA LYS B 246 10.40 -14.78 9.52
C LYS B 246 9.68 -15.91 10.30
N ALA B 247 10.30 -17.10 10.28
CA ALA B 247 9.84 -18.27 10.99
C ALA B 247 10.45 -18.33 12.39
N GLU B 248 10.18 -17.32 13.21
CA GLU B 248 10.75 -17.25 14.53
C GLU B 248 9.77 -16.53 15.47
N PRO B 249 9.88 -16.75 16.80
CA PRO B 249 8.95 -16.16 17.75
C PRO B 249 9.00 -14.63 17.72
N SER B 250 7.87 -14.00 17.98
CA SER B 250 7.76 -12.57 17.88
C SER B 250 6.75 -12.04 18.90
N GLU B 251 7.21 -11.85 20.14
CA GLU B 251 6.39 -11.39 21.27
C GLU B 251 5.99 -9.93 21.07
N ALA B 252 4.73 -9.64 21.40
CA ALA B 252 4.19 -8.28 21.38
C ALA B 252 4.02 -7.82 22.83
N LEU B 253 5.00 -7.06 23.32
CA LEU B 253 5.09 -6.71 24.71
C LEU B 253 4.73 -5.24 24.93
N LYS B 254 3.97 -4.63 24.01
CA LYS B 254 3.38 -3.35 24.27
C LYS B 254 1.98 -3.31 23.67
N ALA B 255 1.22 -2.27 24.05
CA ALA B 255 -0.20 -2.17 23.73
C ALA B 255 -0.60 -0.71 23.60
N ASN B 256 -1.68 -0.46 22.88
CA ASN B 256 -2.39 0.78 23.05
C ASN B 256 -3.42 0.56 24.16
N ILE B 257 -3.79 1.66 24.86
CA ILE B 257 -4.74 1.60 25.97
C ILE B 257 -5.81 2.66 25.81
N ALA B 258 -6.95 2.39 26.44
CA ALA B 258 -8.00 3.36 26.67
C ALA B 258 -8.59 3.13 28.07
N TRP B 259 -9.01 4.21 28.73
CA TRP B 259 -9.64 4.17 30.07
C TRP B 259 -10.55 5.38 30.23
N SER B 260 -11.34 5.43 31.33
CA SER B 260 -12.32 6.51 31.52
C SER B 260 -12.53 6.86 32.99
N LEU B 261 -13.04 8.07 33.20
CA LEU B 261 -13.48 8.60 34.49
C LEU B 261 -14.82 9.31 34.30
N GLY B 262 -15.64 9.30 35.34
CA GLY B 262 -16.83 10.13 35.47
C GLY B 262 -18.13 9.34 35.43
N LEU B 263 -18.10 8.07 34.99
CA LEU B 263 -19.33 7.28 34.89
C LEU B 263 -19.40 6.29 36.06
N ASN B 264 -20.61 6.12 36.62
CA ASN B 264 -20.85 5.22 37.76
C ASN B 264 -21.05 3.80 37.22
N ASN B 265 -20.21 2.86 37.70
CA ASN B 265 -20.36 1.40 37.50
C ASN B 265 -20.75 1.08 36.04
N PRO B 266 -19.91 1.43 35.04
CA PRO B 266 -20.25 1.14 33.66
C PRO B 266 -19.99 -0.33 33.27
N LYS B 267 -20.74 -0.79 32.28
CA LYS B 267 -20.44 -2.00 31.55
C LYS B 267 -19.52 -1.62 30.39
N TYR B 268 -18.53 -2.47 30.09
CA TYR B 268 -17.56 -2.17 29.02
C TYR B 268 -17.72 -3.15 27.85
N LEU B 269 -17.59 -2.62 26.63
CA LEU B 269 -17.23 -3.39 25.43
C LEU B 269 -15.77 -3.10 25.04
N VAL B 270 -15.07 -4.12 24.51
CA VAL B 270 -13.71 -3.92 23.95
C VAL B 270 -13.71 -4.25 22.45
N SER B 271 -14.89 -4.11 21.83
CA SER B 271 -15.09 -4.37 20.42
C SER B 271 -16.35 -3.65 19.98
N SER B 272 -16.58 -3.63 18.67
CA SER B 272 -17.78 -3.07 18.07
C SER B 272 -18.80 -4.16 17.72
N LEU B 273 -18.60 -5.40 18.17
CA LEU B 273 -19.50 -6.51 17.79
C LEU B 273 -20.97 -6.23 18.14
N GLN B 274 -21.24 -5.58 19.29
CA GLN B 274 -22.59 -5.47 19.82
C GLN B 274 -23.18 -4.08 19.53
N LEU B 275 -22.43 -3.29 18.78
CA LEU B 275 -22.79 -1.94 18.51
C LEU B 275 -24.19 -1.89 17.86
N ASN B 276 -24.45 -2.76 16.90
CA ASN B 276 -25.67 -2.72 16.13
C ASN B 276 -26.88 -3.18 16.97
N HIS B 277 -26.72 -4.14 17.88
CA HIS B 277 -27.78 -4.53 18.79
C HIS B 277 -28.25 -3.29 19.57
N PHE B 278 -27.30 -2.48 20.06
CA PHE B 278 -27.61 -1.31 20.85
C PHE B 278 -28.31 -0.27 19.97
N ARG B 279 -27.83 -0.13 18.75
CA ARG B 279 -28.40 0.77 17.79
C ARG B 279 -29.88 0.42 17.56
N ASN B 280 -30.24 -0.85 17.70
CA ASN B 280 -31.60 -1.34 17.45
C ASN B 280 -32.38 -1.41 18.77
N GLY B 281 -31.89 -0.77 19.81
CA GLY B 281 -32.64 -0.58 21.06
C GLY B 281 -32.53 -1.76 22.02
N LYS B 282 -31.59 -2.68 21.80
CA LYS B 282 -31.39 -3.85 22.69
C LYS B 282 -30.28 -3.49 23.69
N SER B 283 -30.17 -4.26 24.77
CA SER B 283 -29.09 -4.05 25.77
C SER B 283 -27.89 -4.96 25.45
N ILE B 284 -26.71 -4.62 25.97
CA ILE B 284 -25.47 -5.28 25.59
C ILE B 284 -24.96 -6.14 26.75
N SER B 285 -24.13 -7.14 26.44
CA SER B 285 -23.39 -7.95 27.44
C SER B 285 -21.97 -7.40 27.59
N PRO B 286 -21.45 -7.31 28.83
CA PRO B 286 -20.06 -6.90 29.03
C PRO B 286 -19.07 -7.83 28.32
N GLU B 287 -17.96 -7.26 27.86
CA GLU B 287 -16.89 -7.97 27.21
C GLU B 287 -15.60 -7.71 27.99
N ASP B 288 -14.72 -8.71 28.09
CA ASP B 288 -13.40 -8.47 28.68
C ASP B 288 -12.27 -9.12 27.86
N ASP B 289 -12.58 -9.90 26.81
CA ASP B 289 -11.57 -10.66 26.08
C ASP B 289 -12.13 -11.08 24.71
N ILE B 290 -11.79 -10.29 23.68
CA ILE B 290 -12.26 -10.49 22.29
C ILE B 290 -11.04 -10.69 21.39
N LYS B 291 -11.10 -11.74 20.58
CA LYS B 291 -9.99 -12.19 19.73
C LYS B 291 -10.40 -12.09 18.27
N GLY B 292 -9.54 -11.56 17.41
CA GLY B 292 -9.78 -11.63 16.00
C GLY B 292 -10.59 -10.47 15.46
N GLU B 293 -10.74 -9.41 16.26
CA GLU B 293 -11.64 -8.30 15.88
C GLU B 293 -10.96 -6.95 16.11
N LYS B 294 -11.42 -5.92 15.38
CA LYS B 294 -10.96 -4.58 15.60
C LYS B 294 -11.21 -4.20 17.08
N GLY B 295 -10.22 -3.58 17.72
CA GLY B 295 -10.36 -3.07 19.07
C GLY B 295 -11.38 -1.94 19.13
N ALA B 296 -12.10 -1.86 20.25
CA ALA B 296 -12.89 -0.67 20.57
C ALA B 296 -12.92 -0.52 22.09
N TYR B 297 -13.32 0.66 22.54
CA TYR B 297 -13.52 0.89 23.95
C TYR B 297 -14.82 1.66 24.12
N PHE B 298 -15.85 0.94 24.60
CA PHE B 298 -17.17 1.51 24.84
C PHE B 298 -17.57 1.40 26.32
N LEU B 299 -18.21 2.46 26.81
CA LEU B 299 -18.82 2.47 28.11
C LEU B 299 -20.34 2.51 27.95
N ASN B 300 -21.03 1.67 28.73
CA ASN B 300 -22.46 1.67 28.82
C ASN B 300 -22.87 1.92 30.27
N THR B 301 -23.71 2.93 30.45
CA THR B 301 -24.34 3.20 31.72
C THR B 301 -25.75 3.75 31.50
N VAL B 302 -26.56 3.62 32.56
CA VAL B 302 -27.91 4.11 32.64
C VAL B 302 -27.90 5.28 33.61
N MET B 303 -28.66 6.33 33.30
CA MET B 303 -28.71 7.48 34.16
C MET B 303 -30.04 8.24 33.94
N THR B 304 -30.37 9.08 34.93
CA THR B 304 -31.55 9.93 34.88
C THR B 304 -31.07 11.37 34.70
N LEU B 305 -31.36 11.95 33.55
CA LEU B 305 -30.87 13.27 33.23
C LEU B 305 -32.00 14.29 33.44
N GLU B 306 -31.92 15.00 34.56
CA GLU B 306 -32.92 15.98 34.96
C GLU B 306 -32.82 17.19 34.00
N ALA B 307 -33.92 17.92 33.91
CA ALA B 307 -34.02 19.14 33.11
C ALA B 307 -32.94 20.14 33.55
N ASN B 308 -32.37 20.85 32.58
CA ASN B 308 -31.40 21.90 32.81
C ASN B 308 -30.22 21.37 33.65
N THR B 309 -29.78 20.14 33.36
CA THR B 309 -28.56 19.58 33.95
C THR B 309 -27.69 18.94 32.85
N GLN B 310 -26.42 18.70 33.19
CA GLN B 310 -25.37 18.32 32.28
C GLN B 310 -24.53 17.23 32.97
N LYS B 311 -24.29 16.11 32.28
CA LYS B 311 -23.40 15.05 32.75
C LYS B 311 -22.10 15.09 31.94
N GLU B 312 -20.99 14.80 32.63
CA GLU B 312 -19.63 14.86 32.07
C GLU B 312 -18.88 13.55 32.31
N TRP B 313 -18.02 13.18 31.36
CA TRP B 313 -17.06 12.11 31.53
C TRP B 313 -15.89 12.29 30.56
N MET B 314 -14.84 11.49 30.76
CA MET B 314 -13.74 11.53 29.81
C MET B 314 -13.20 10.13 29.52
N ILE B 315 -12.63 10.01 28.32
CA ILE B 315 -11.91 8.84 27.91
C ILE B 315 -10.48 9.26 27.56
N ILE B 316 -9.52 8.49 28.05
CA ILE B 316 -8.12 8.73 27.83
C ILE B 316 -7.57 7.55 27.02
N ALA B 317 -6.80 7.83 25.98
CA ALA B 317 -6.16 6.77 25.21
C ALA B 317 -4.71 7.15 24.97
N ASN B 318 -3.82 6.16 25.00
CA ASN B 318 -2.42 6.40 24.80
C ASN B 318 -1.87 5.23 23.99
N VAL B 319 -0.68 5.44 23.42
CA VAL B 319 -0.02 4.49 22.57
C VAL B 319 1.29 4.06 23.21
N ASN B 320 1.80 2.91 22.76
CA ASN B 320 3.18 2.51 23.01
C ASN B 320 3.40 2.32 24.52
N GLN B 321 2.54 1.50 25.16
CA GLN B 321 2.52 1.25 26.59
C GLN B 321 3.04 -0.16 26.90
N ASP B 322 4.07 -0.24 27.74
CA ASP B 322 4.60 -1.49 28.23
C ASP B 322 3.88 -1.88 29.54
N HIS B 323 4.25 -3.04 30.09
N HIS B 323 4.25 -3.04 30.08
CA HIS B 323 3.66 -3.59 31.30
CA HIS B 323 3.66 -3.58 31.31
C HIS B 323 3.68 -2.55 32.45
C HIS B 323 3.66 -2.49 32.40
N SER B 324 4.84 -1.94 32.69
CA SER B 324 5.00 -0.96 33.77
C SER B 324 4.13 0.28 33.51
N ASP B 325 4.02 0.71 32.24
CA ASP B 325 3.21 1.88 31.94
C ASP B 325 1.75 1.59 32.31
N ILE B 326 1.29 0.38 32.01
CA ILE B 326 -0.11 0.05 32.17
C ILE B 326 -0.46 -0.07 33.66
N ILE B 327 0.40 -0.77 34.41
CA ILE B 327 0.23 -0.90 35.85
C ILE B 327 0.15 0.48 36.53
N ALA B 328 1.00 1.42 36.11
CA ALA B 328 1.00 2.75 36.74
C ALA B 328 -0.37 3.41 36.55
N ILE B 329 -0.99 3.19 35.38
CA ILE B 329 -2.30 3.77 35.09
C ILE B 329 -3.38 3.05 35.92
N THR B 330 -3.35 1.71 35.97
CA THR B 330 -4.36 0.94 36.70
C THR B 330 -4.30 1.30 38.20
N GLU B 331 -3.09 1.58 38.70
CA GLU B 331 -2.89 2.02 40.10
C GLU B 331 -3.44 3.42 40.31
N THR B 332 -3.16 4.34 39.39
CA THR B 332 -3.64 5.72 39.48
C THR B 332 -5.18 5.72 39.47
N ILE B 333 -5.80 4.90 38.60
CA ILE B 333 -7.26 4.81 38.54
C ILE B 333 -7.82 4.40 39.92
N GLN B 334 -7.20 3.40 40.56
CA GLN B 334 -7.72 2.83 41.81
C GLN B 334 -7.37 3.73 43.02
N ASN B 335 -6.20 4.40 43.03
CA ASN B 335 -5.66 5.02 44.25
C ASN B 335 -5.66 6.56 44.24
N ASN B 336 -5.60 7.20 43.06
CA ASN B 336 -5.42 8.66 43.01
C ASN B 336 -6.79 9.34 42.82
N LYS B 337 -7.35 9.85 43.94
CA LYS B 337 -8.65 10.55 44.03
C LYS B 337 -8.72 11.76 43.07
N LYS B 338 -7.55 12.35 42.73
CA LYS B 338 -7.45 13.62 42.00
C LYS B 338 -7.01 13.40 40.54
N ILE B 339 -7.14 12.18 40.01
CA ILE B 339 -6.61 11.84 38.68
C ILE B 339 -7.21 12.76 37.60
N ALA B 340 -8.53 13.03 37.67
CA ALA B 340 -9.19 13.94 36.71
C ALA B 340 -8.50 15.31 36.68
N GLU B 341 -8.19 15.84 37.88
CA GLU B 341 -7.58 17.15 38.04
C GLU B 341 -6.17 17.14 37.43
N ASP B 342 -5.44 16.03 37.60
CA ASP B 342 -4.08 15.90 37.05
C ASP B 342 -4.12 15.86 35.51
N ILE B 343 -5.14 15.21 34.94
CA ILE B 343 -5.30 15.16 33.49
C ILE B 343 -5.54 16.59 32.98
N ASN B 344 -6.50 17.29 33.62
CA ASN B 344 -6.88 18.64 33.21
C ASN B 344 -5.67 19.57 33.33
N THR B 345 -4.89 19.40 34.41
CA THR B 345 -3.68 20.22 34.63
C THR B 345 -2.66 19.96 33.50
N ASP B 346 -2.50 18.70 33.09
CA ASP B 346 -1.48 18.35 32.07
C ASP B 346 -1.90 18.90 30.71
N ILE B 347 -3.20 18.87 30.42
CA ILE B 347 -3.74 19.46 29.19
C ILE B 347 -3.38 20.95 29.15
N GLU B 348 -3.66 21.68 30.25
CA GLU B 348 -3.39 23.14 30.32
C GLU B 348 -1.88 23.44 30.27
N LEU B 349 -1.06 22.53 30.81
CA LEU B 349 0.39 22.67 30.69
C LEU B 349 0.79 22.60 29.21
N GLY B 350 0.12 21.73 28.45
CA GLY B 350 0.32 21.61 27.02
C GLY B 350 0.12 22.95 26.33
N THR B 351 -1.04 23.56 26.56
CA THR B 351 -1.34 24.87 26.00
C THR B 351 -0.25 25.88 26.38
N LYS B 352 0.17 25.83 27.65
CA LYS B 352 1.08 26.84 28.17
C LYS B 352 2.43 26.72 27.44
N ARG B 353 2.93 25.48 27.31
CA ARG B 353 4.19 25.21 26.61
C ARG B 353 4.07 25.67 25.14
N LEU B 354 2.89 25.47 24.55
CA LEU B 354 2.63 25.80 23.16
C LEU B 354 2.73 27.32 22.98
N ILE B 355 2.08 28.05 23.90
CA ILE B 355 2.15 29.50 23.90
C ILE B 355 3.61 29.95 24.02
N GLU B 356 4.39 29.33 24.92
CA GLU B 356 5.78 29.77 25.15
C GLU B 356 6.62 29.60 23.86
N LEU B 357 6.42 28.48 23.16
CA LEU B 357 7.20 28.22 21.97
C LEU B 357 6.88 29.29 20.93
N ASN B 358 5.59 29.53 20.72
CA ASN B 358 5.13 30.36 19.62
C ASN B 358 5.37 31.84 19.94
N ALA B 359 5.13 32.23 21.21
CA ALA B 359 5.30 33.63 21.64
C ALA B 359 6.76 34.06 21.47
N SER B 360 7.70 33.11 21.56
CA SER B 360 9.12 33.43 21.45
C SER B 360 9.47 33.83 20.00
N SER B 361 8.63 33.44 19.05
CA SER B 361 8.76 33.82 17.62
C SER B 361 7.72 34.89 17.24
N ASP B 362 7.28 35.66 18.25
CA ASP B 362 6.38 36.83 18.12
C ASP B 362 5.00 36.43 17.60
N ALA B 363 4.46 35.30 18.08
CA ALA B 363 3.15 34.84 17.60
C ALA B 363 2.02 35.75 18.14
N LEU B 364 2.25 36.45 19.27
CA LEU B 364 1.16 37.11 20.02
C LEU B 364 0.93 38.55 19.56
N GLN B 365 -0.31 38.81 19.13
CA GLN B 365 -0.79 40.12 18.67
C GLN B 365 -2.22 40.29 19.17
N LEU B 366 -2.60 41.51 19.53
CA LEU B 366 -3.97 41.81 19.92
C LEU B 366 -4.43 43.11 19.24
N THR B 367 -5.33 42.97 18.27
CA THR B 367 -5.88 44.08 17.49
C THR B 367 -7.41 44.00 17.61
N ALA B 368 -8.12 44.85 16.87
CA ALA B 368 -9.59 44.76 16.80
C ALA B 368 -10.01 43.53 15.98
N ASP B 369 -9.09 42.97 15.19
CA ASP B 369 -9.42 41.86 14.33
C ASP B 369 -8.79 40.56 14.84
N ASN B 370 -9.59 39.80 15.62
CA ASN B 370 -9.13 38.57 16.25
C ASN B 370 -8.77 37.52 15.18
N LEU B 371 -9.44 37.57 14.02
CA LEU B 371 -9.17 36.62 12.95
C LEU B 371 -7.72 36.78 12.48
N ARG B 372 -7.26 38.02 12.24
CA ARG B 372 -5.86 38.26 11.83
C ARG B 372 -4.92 37.86 12.98
N ASP B 373 -5.32 38.13 14.23
CA ASP B 373 -4.52 37.78 15.40
C ASP B 373 -4.29 36.26 15.42
N THR B 374 -5.39 35.51 15.25
CA THR B 374 -5.37 34.05 15.30
C THR B 374 -4.56 33.47 14.13
N ARG B 375 -4.74 34.08 12.95
CA ARG B 375 -4.05 33.64 11.74
C ARG B 375 -2.55 33.86 11.92
N HIS B 376 -2.16 34.97 12.55
CA HIS B 376 -0.73 35.23 12.81
C HIS B 376 -0.17 34.17 13.77
N PHE B 377 -0.95 33.78 14.78
CA PHE B 377 -0.53 32.73 15.72
C PHE B 377 -0.30 31.42 14.96
N SER B 378 -1.29 30.96 14.19
CA SER B 378 -1.17 29.68 13.45
C SER B 378 -0.08 29.77 12.37
N ASN B 379 0.03 30.93 11.70
CA ASN B 379 1.10 31.13 10.71
C ASN B 379 2.46 30.84 11.37
N THR B 380 2.65 31.42 12.57
CA THR B 380 3.94 31.35 13.27
C THR B 380 4.20 29.91 13.71
N LEU B 381 3.15 29.24 14.19
CA LEU B 381 3.30 27.89 14.69
C LEU B 381 3.73 26.94 13.55
N PHE B 382 3.08 27.05 12.38
CA PHE B 382 3.45 26.19 11.23
C PHE B 382 4.87 26.53 10.76
N ASN B 383 5.28 27.79 10.87
CA ASN B 383 6.64 28.17 10.52
C ASN B 383 7.64 27.50 11.45
N ILE B 384 7.39 27.55 12.78
CA ILE B 384 8.38 26.99 13.72
C ILE B 384 8.27 25.46 13.73
N MET B 385 7.07 24.89 13.51
CA MET B 385 6.95 23.42 13.42
C MET B 385 7.81 22.87 12.27
N ARG B 386 7.93 23.60 11.16
CA ARG B 386 8.68 23.07 10.02
C ARG B 386 10.17 23.44 10.08
N GLY B 387 10.50 24.67 10.52
CA GLY B 387 11.88 25.17 10.54
C GLY B 387 12.56 25.08 11.91
N GLY B 388 11.76 24.94 12.96
CA GLY B 388 12.28 24.90 14.33
C GLY B 388 12.20 26.26 15.01
N ILE B 389 12.45 26.23 16.32
CA ILE B 389 12.44 27.39 17.21
C ILE B 389 13.66 27.24 18.12
N PHE B 390 14.29 28.38 18.46
CA PHE B 390 15.47 28.36 19.32
C PHE B 390 15.03 27.97 20.72
N ASP B 391 15.91 27.19 21.37
CA ASP B 391 15.68 26.56 22.64
C ASP B 391 15.30 27.61 23.69
N ASN B 392 16.14 28.64 23.82
CA ASN B 392 16.02 29.62 24.89
C ASN B 392 16.86 30.85 24.51
N ASN B 393 16.23 31.78 23.79
CA ASN B 393 16.86 33.05 23.47
C ASN B 393 18.19 32.72 22.77
N TYR B 394 19.31 33.27 23.26
CA TYR B 394 20.63 33.04 22.67
C TYR B 394 21.46 32.08 23.55
N GLN B 395 20.79 31.30 24.41
CA GLN B 395 21.48 30.44 25.37
C GLN B 395 21.85 29.11 24.71
N ILE B 396 23.03 28.59 25.06
CA ILE B 396 23.55 27.31 24.57
C ILE B 396 23.99 26.47 25.78
N GLU B 397 23.64 25.18 25.76
CA GLU B 397 24.13 24.21 26.74
C GLU B 397 25.40 23.52 26.22
N LYS B 398 26.42 23.44 27.10
CA LYS B 398 27.76 22.91 26.80
C LYS B 398 27.67 21.45 26.34
N GLY B 399 26.84 20.63 27.00
CA GLY B 399 26.73 19.21 26.68
C GLY B 399 26.34 19.00 25.23
N ASP B 400 25.30 19.70 24.80
CA ASP B 400 24.77 19.58 23.44
C ASP B 400 25.79 20.16 22.46
N PHE B 401 26.39 21.31 22.79
CA PHE B 401 27.35 21.97 21.90
C PHE B 401 28.56 21.07 21.67
N SER B 402 29.02 20.44 22.76
CA SER B 402 30.18 19.55 22.76
C SER B 402 29.94 18.36 21.83
N ASN B 403 28.78 17.71 21.96
CA ASN B 403 28.43 16.54 21.14
C ASN B 403 28.41 16.93 19.65
N TYR B 404 27.83 18.10 19.36
CA TYR B 404 27.80 18.69 18.02
C TYR B 404 29.23 18.78 17.45
N ILE B 405 30.17 19.34 18.23
CA ILE B 405 31.55 19.51 17.75
C ILE B 405 32.18 18.12 17.52
N LYS B 406 31.85 17.17 18.39
CA LYS B 406 32.38 15.81 18.30
C LYS B 406 32.02 15.19 16.95
N LYS B 407 30.73 15.25 16.61
CA LYS B 407 30.19 14.66 15.35
C LYS B 407 30.75 15.39 14.13
N ALA B 408 31.05 16.68 14.27
CA ALA B 408 31.46 17.57 13.16
C ALA B 408 32.92 17.36 12.78
N ASN B 409 33.83 17.37 13.76
CA ASN B 409 35.27 17.33 13.49
C ASN B 409 36.01 16.79 14.72
N LYS B 410 36.51 15.54 14.62
CA LYS B 410 37.17 14.81 15.73
C LYS B 410 38.43 15.57 16.16
N LEU B 411 39.12 16.20 15.21
CA LEU B 411 40.40 16.87 15.47
C LEU B 411 40.18 18.25 16.12
N VAL B 412 39.09 18.94 15.75
CA VAL B 412 38.74 20.19 16.43
C VAL B 412 38.30 19.86 17.87
N PHE B 413 37.52 18.79 18.03
CA PHE B 413 36.98 18.37 19.32
C PHE B 413 38.10 18.09 20.34
N ASP B 414 39.18 17.40 19.91
CA ASP B 414 40.31 17.04 20.79
C ASP B 414 41.18 18.27 21.12
N LYS B 415 41.28 19.21 20.16
CA LYS B 415 42.17 20.38 20.27
C LYS B 415 41.57 21.47 21.16
N ILE B 416 40.27 21.75 20.99
CA ILE B 416 39.60 22.87 21.68
C ILE B 416 39.08 22.39 23.05
N ASP B 417 39.58 23.03 24.12
CA ASP B 417 39.23 22.71 25.52
C ASP B 417 38.06 23.59 25.97
N LEU B 418 36.97 22.98 26.43
CA LEU B 418 35.71 23.69 26.70
C LEU B 418 35.47 23.85 28.21
N ASN B 419 36.52 23.65 29.03
CA ASN B 419 36.45 23.87 30.49
C ASN B 419 36.06 25.34 30.77
N ALA B 420 36.61 26.27 29.97
CA ALA B 420 36.50 27.73 30.20
C ALA B 420 35.08 28.26 29.99
N LEU B 421 34.19 27.45 29.40
CA LEU B 421 32.76 27.78 29.28
C LEU B 421 32.00 27.09 30.41
N GLY B 422 30.99 27.77 30.96
CA GLY B 422 30.11 27.21 31.97
C GLY B 422 29.15 26.22 31.35
N GLU B 423 28.29 25.62 32.19
CA GLU B 423 27.26 24.68 31.78
C GLU B 423 26.37 25.29 30.70
N ILE B 424 26.11 26.60 30.85
CA ILE B 424 25.24 27.38 30.00
C ILE B 424 25.95 28.70 29.68
N PHE B 425 25.92 29.09 28.40
CA PHE B 425 26.53 30.35 27.97
C PHE B 425 25.78 30.88 26.76
N SER B 426 26.01 32.16 26.44
CA SER B 426 25.33 32.88 25.39
C SER B 426 26.12 32.77 24.07
N LEU B 427 25.46 33.12 22.97
CA LEU B 427 26.06 33.22 21.65
C LEU B 427 27.24 34.21 21.70
N ASN B 428 27.06 35.33 22.42
CA ASN B 428 28.12 36.34 22.60
C ASN B 428 29.28 35.74 23.38
N ASP B 429 28.99 34.87 24.37
CA ASP B 429 30.04 34.19 25.12
C ASP B 429 30.85 33.29 24.17
N LEU B 430 30.13 32.53 23.32
CA LEU B 430 30.76 31.58 22.42
C LEU B 430 31.69 32.32 21.46
N ASN B 431 31.22 33.47 20.94
CA ASN B 431 31.98 34.27 20.01
C ASN B 431 33.25 34.79 20.69
N GLU B 432 33.16 35.26 21.95
CA GLU B 432 34.32 35.79 22.70
C GLU B 432 35.33 34.66 22.92
N PHE B 433 34.82 33.47 23.26
CA PHE B 433 35.64 32.26 23.42
C PHE B 433 36.34 31.90 22.08
N ALA B 434 35.56 31.81 21.00
CA ALA B 434 36.07 31.40 19.68
C ALA B 434 37.26 32.29 19.26
N SER B 435 37.15 33.60 19.48
CA SER B 435 38.17 34.57 19.09
C SER B 435 39.50 34.34 19.84
N LYS B 436 39.50 33.57 20.94
CA LYS B 436 40.71 33.28 21.72
C LYS B 436 41.39 31.98 21.27
N GLN B 437 40.73 31.16 20.44
CA GLN B 437 41.27 29.82 20.07
C GLN B 437 42.06 29.88 18.75
N LYS B 438 41.72 30.84 17.87
CA LYS B 438 42.36 31.06 16.55
C LYS B 438 42.46 29.76 15.75
N ASP B 439 41.35 29.01 15.71
CA ASP B 439 41.19 27.85 14.81
C ASP B 439 39.95 28.10 13.93
N VAL B 440 40.18 28.22 12.62
CA VAL B 440 39.16 28.63 11.65
C VAL B 440 38.06 27.55 11.54
N ASP B 441 38.40 26.29 11.83
CA ASP B 441 37.43 25.21 11.75
C ASP B 441 36.46 25.33 12.94
N PHE B 442 36.99 25.69 14.11
CA PHE B 442 36.15 25.92 15.29
C PHE B 442 35.32 27.20 15.13
N ASP B 443 35.91 28.26 14.55
CA ASP B 443 35.17 29.51 14.25
C ASP B 443 33.91 29.17 13.42
N ARG B 444 34.10 28.36 12.37
CA ARG B 444 33.04 27.98 11.48
C ARG B 444 31.99 27.15 12.24
N LEU B 445 32.43 26.14 12.99
CA LEU B 445 31.48 25.19 13.60
C LEU B 445 30.67 25.88 14.71
N ALA B 446 31.32 26.77 15.47
CA ALA B 446 30.65 27.54 16.53
C ALA B 446 29.53 28.39 15.90
N LEU B 447 29.88 29.04 14.79
CA LEU B 447 29.02 30.00 14.12
C LEU B 447 27.81 29.28 13.49
N GLU B 448 28.01 28.05 13.01
CA GLU B 448 26.95 27.29 12.33
C GLU B 448 25.97 26.67 13.34
N TYR B 449 26.35 26.59 14.61
CA TYR B 449 25.54 25.90 15.60
C TYR B 449 24.21 26.64 15.79
N LEU B 450 23.12 25.90 15.65
CA LEU B 450 21.80 26.44 15.79
C LEU B 450 21.01 25.56 16.74
N PRO B 451 20.74 26.03 17.98
CA PRO B 451 20.03 25.23 18.98
C PRO B 451 18.51 25.26 18.75
N LEU B 452 18.11 24.70 17.60
CA LEU B 452 16.72 24.60 17.22
C LEU B 452 16.12 23.33 17.79
N LYS B 453 14.83 23.41 18.15
CA LYS B 453 14.01 22.30 18.55
C LYS B 453 12.62 22.46 17.96
N PHE B 454 11.80 21.40 18.06
CA PHE B 454 10.37 21.36 17.72
C PHE B 454 10.13 21.16 16.21
N SER B 455 11.18 21.13 15.38
CA SER B 455 11.04 20.92 13.92
C SER B 455 10.68 19.45 13.64
N ARG B 456 9.93 19.23 12.55
CA ARG B 456 9.62 17.88 12.05
C ARG B 456 9.32 17.93 10.53
N ARG B 457 9.59 16.83 9.82
CA ARG B 457 9.23 16.74 8.37
C ARG B 457 7.71 16.84 8.24
N HIS B 458 7.22 17.29 7.08
CA HIS B 458 5.80 17.74 6.98
C HIS B 458 4.91 16.79 6.19
N GLY B 459 4.84 15.53 6.63
CA GLY B 459 3.83 14.58 6.09
C GLY B 459 2.52 14.58 6.86
N ASP B 460 1.49 14.04 6.22
CA ASP B 460 0.18 13.83 6.80
C ASP B 460 -0.68 13.10 5.77
N PRO B 461 -1.92 12.69 6.10
CA PRO B 461 -2.79 12.00 5.17
C PRO B 461 -3.09 12.74 3.86
N SER B 462 -3.02 14.07 3.87
CA SER B 462 -3.18 14.85 2.62
C SER B 462 -1.84 15.06 1.91
N ARG B 463 -0.72 14.64 2.51
CA ARG B 463 0.62 14.68 1.89
C ARG B 463 1.28 13.33 2.15
N PRO B 464 0.64 12.22 1.74
CA PRO B 464 1.01 10.90 2.24
C PRO B 464 2.34 10.36 1.72
N TRP B 465 2.88 10.98 0.67
CA TRP B 465 4.20 10.66 0.10
C TRP B 465 5.34 11.20 0.98
N ASN B 466 5.03 12.07 1.94
CA ASN B 466 6.00 12.60 2.90
C ASN B 466 5.86 11.80 4.21
N LYS B 467 6.92 11.06 4.60
CA LYS B 467 6.94 10.35 5.89
C LYS B 467 7.32 11.37 6.97
N PHE B 468 6.43 11.58 7.95
CA PHE B 468 6.70 12.47 9.08
C PHE B 468 7.09 11.65 10.32
N SER B 469 7.78 12.32 11.23
CA SER B 469 8.14 11.83 12.54
C SER B 469 8.44 13.02 13.45
N ILE B 470 7.66 13.14 14.53
CA ILE B 470 7.80 14.18 15.52
C ILE B 470 8.73 13.65 16.62
N ASN B 471 10.02 13.95 16.47
CA ASN B 471 11.11 13.41 17.29
C ASN B 471 11.60 14.47 18.26
N THR B 472 10.66 15.01 19.05
CA THR B 472 10.88 16.19 19.86
C THR B 472 11.07 15.84 21.34
N GLN B 473 10.83 14.58 21.69
CA GLN B 473 11.06 14.07 23.02
C GLN B 473 11.99 12.86 22.91
N SER B 474 13.01 12.78 23.77
CA SER B 474 14.02 11.72 23.65
C SER B 474 13.38 10.37 24.00
N GLU B 475 13.79 9.33 23.28
CA GLU B 475 13.36 7.95 23.54
C GLU B 475 13.71 7.59 24.99
N ILE B 476 14.89 8.05 25.47
CA ILE B 476 15.44 7.74 26.81
C ILE B 476 14.52 8.31 27.91
N ASP B 477 14.48 9.63 28.09
CA ASP B 477 13.88 10.25 29.32
C ASP B 477 12.75 11.25 29.01
N GLY B 478 12.32 11.34 27.75
CA GLY B 478 11.22 12.22 27.34
C GLY B 478 11.59 13.70 27.28
N SER B 479 12.89 14.04 27.41
CA SER B 479 13.38 15.44 27.48
C SER B 479 13.52 16.02 26.06
N LYS B 480 13.79 17.33 25.99
CA LYS B 480 13.86 18.06 24.73
C LYS B 480 15.00 17.53 23.85
N VAL B 481 14.82 17.68 22.54
CA VAL B 481 15.76 17.25 21.53
C VAL B 481 16.12 18.48 20.71
N LEU B 482 17.41 18.82 20.68
CA LEU B 482 17.92 19.88 19.86
C LEU B 482 18.46 19.25 18.57
N ASP B 483 17.66 19.32 17.50
CA ASP B 483 18.01 18.73 16.23
C ASP B 483 17.09 19.35 15.18
N TYR B 484 17.53 19.26 13.92
CA TYR B 484 16.72 19.67 12.80
C TYR B 484 17.20 18.95 11.53
N GLU B 485 16.26 18.74 10.61
CA GLU B 485 16.56 18.31 9.26
C GLU B 485 15.44 18.84 8.35
N GLY B 486 15.80 19.23 7.13
CA GLY B 486 14.83 19.76 6.19
C GLY B 486 15.37 19.89 4.78
N ASN B 487 14.43 19.90 3.83
CA ASN B 487 14.72 20.19 2.44
C ASN B 487 15.19 21.65 2.34
N TRP B 488 16.17 21.86 1.47
CA TRP B 488 16.96 23.06 1.36
C TRP B 488 16.06 24.29 1.36
N ARG B 489 15.18 24.40 0.35
CA ARG B 489 14.38 25.63 0.20
C ARG B 489 13.34 25.75 1.32
N ASP B 490 12.82 24.63 1.85
CA ASP B 490 11.75 24.70 2.88
C ASP B 490 12.29 25.35 4.15
N ILE B 491 13.46 24.89 4.58
CA ILE B 491 13.98 25.28 5.86
C ILE B 491 14.56 26.70 5.79
N PHE B 492 15.31 27.04 4.72
CA PHE B 492 15.91 28.37 4.60
C PHE B 492 14.81 29.45 4.45
N GLN B 493 13.66 29.07 3.86
CA GLN B 493 12.49 29.94 3.80
C GLN B 493 11.97 30.21 5.22
N ASN B 494 11.71 29.13 5.97
CA ASN B 494 11.19 29.20 7.34
C ASN B 494 12.11 30.10 8.19
N TRP B 495 13.43 29.96 7.99
CA TRP B 495 14.44 30.65 8.81
C TRP B 495 14.45 32.17 8.56
N GLU B 496 14.02 32.60 7.38
CA GLU B 496 14.00 34.03 7.08
C GLU B 496 13.03 34.71 8.07
N ALA B 497 11.86 34.10 8.28
CA ALA B 497 10.86 34.61 9.20
C ALA B 497 11.39 34.50 10.63
N LEU B 498 11.93 33.33 10.95
CA LEU B 498 12.42 33.04 12.32
C LEU B 498 13.44 34.09 12.74
N ALA B 499 14.34 34.44 11.81
CA ALA B 499 15.47 35.34 12.07
C ALA B 499 14.99 36.71 12.57
N HIS B 500 13.82 37.16 12.13
CA HIS B 500 13.28 38.44 12.56
C HIS B 500 13.09 38.46 14.08
N SER B 501 12.73 37.32 14.69
CA SER B 501 12.53 37.24 16.14
C SER B 501 13.85 36.98 16.89
N PHE B 502 14.90 36.52 16.19
CA PHE B 502 16.21 36.20 16.79
C PHE B 502 17.33 36.70 15.88
N PRO B 503 17.43 38.03 15.66
CA PRO B 503 18.31 38.56 14.61
C PRO B 503 19.80 38.16 14.68
N ASN B 504 20.32 37.93 15.89
CA ASN B 504 21.78 37.76 16.09
C ASN B 504 22.22 36.36 15.60
N PHE B 505 21.26 35.50 15.25
CA PHE B 505 21.53 34.19 14.63
C PHE B 505 21.64 34.30 13.10
N ILE B 506 21.48 35.49 12.52
CA ILE B 506 21.50 35.60 11.08
C ILE B 506 22.86 35.10 10.55
N ASP B 507 23.97 35.49 11.20
CA ASP B 507 25.32 35.07 10.77
C ASP B 507 25.39 33.55 10.68
N SER B 508 24.85 32.90 11.71
CA SER B 508 24.86 31.45 11.81
C SER B 508 24.22 30.86 10.55
N MET B 509 23.05 31.39 10.19
CA MET B 509 22.25 30.87 9.12
C MET B 509 22.98 31.07 7.79
N ILE B 510 23.64 32.23 7.63
CA ILE B 510 24.34 32.57 6.39
C ILE B 510 25.54 31.62 6.19
N HIS B 511 26.35 31.44 7.23
CA HIS B 511 27.47 30.52 7.17
C HIS B 511 26.97 29.10 6.89
N LYS B 512 25.88 28.70 7.54
CA LYS B 512 25.35 27.37 7.33
C LYS B 512 25.05 27.15 5.85
N PHE B 513 24.38 28.14 5.23
CA PHE B 513 23.98 28.11 3.81
C PHE B 513 25.21 28.09 2.90
N LEU B 514 26.13 29.04 3.10
CA LEU B 514 27.29 29.22 2.23
C LEU B 514 28.20 27.99 2.28
N ASN B 515 28.46 27.49 3.49
CA ASN B 515 29.41 26.39 3.69
C ASN B 515 28.83 25.07 3.20
N ALA B 516 27.51 24.98 3.05
CA ALA B 516 26.86 23.78 2.52
C ALA B 516 26.64 23.91 1.01
N SER B 517 27.17 24.99 0.39
CA SER B 517 27.16 25.17 -1.07
C SER B 517 28.45 24.61 -1.70
N THR B 518 28.32 24.07 -2.92
CA THR B 518 29.40 23.40 -3.66
C THR B 518 30.24 24.43 -4.42
N PHE B 519 31.41 24.01 -4.90
CA PHE B 519 32.34 24.89 -5.60
C PHE B 519 31.75 25.28 -6.97
N ASP B 520 30.94 24.38 -7.56
CA ASP B 520 30.33 24.60 -8.90
C ASP B 520 29.01 25.36 -8.76
N GLY B 521 28.66 25.77 -7.53
CA GLY B 521 27.67 26.83 -7.30
C GLY B 521 26.27 26.31 -6.98
N TYR B 522 26.18 25.09 -6.46
CA TYR B 522 24.90 24.47 -6.09
C TYR B 522 24.95 24.02 -4.62
N ASN B 523 24.07 23.09 -4.23
CA ASN B 523 23.92 22.67 -2.85
C ASN B 523 23.22 21.31 -2.79
N PRO B 524 23.42 20.54 -1.69
CA PRO B 524 22.69 19.30 -1.47
C PRO B 524 21.21 19.59 -1.20
N TYR B 525 20.38 18.53 -1.19
CA TYR B 525 18.93 18.71 -1.11
C TYR B 525 18.44 18.88 0.33
N ARG B 526 19.25 18.46 1.33
CA ARG B 526 18.85 18.53 2.74
C ARG B 526 19.97 19.15 3.58
N VAL B 527 19.59 19.91 4.60
CA VAL B 527 20.50 20.29 5.65
C VAL B 527 19.97 19.72 6.96
N THR B 528 20.93 19.41 7.86
CA THR B 528 20.70 18.89 9.20
C THR B 528 21.62 19.62 10.18
N LYS B 529 21.40 19.41 11.47
CA LYS B 529 22.29 19.89 12.51
C LYS B 529 23.70 19.31 12.31
N GLU B 530 23.77 18.01 11.97
CA GLU B 530 25.04 17.29 11.74
C GLU B 530 25.80 17.99 10.59
N GLY B 531 25.11 18.20 9.46
CA GLY B 531 25.68 18.86 8.29
C GLY B 531 24.70 18.91 7.13
N PHE B 532 24.79 17.95 6.21
CA PHE B 532 23.91 17.89 5.04
C PHE B 532 23.87 16.49 4.44
N ASP B 533 22.82 16.23 3.68
CA ASP B 533 22.62 14.98 2.98
C ASP B 533 22.35 15.29 1.51
N TRP B 534 22.83 14.40 0.64
CA TRP B 534 22.58 14.49 -0.80
C TRP B 534 21.81 13.26 -1.26
N GLU B 535 21.05 13.42 -2.34
CA GLU B 535 20.32 12.32 -2.97
C GLU B 535 21.31 11.35 -3.61
N THR B 536 20.98 10.05 -3.54
CA THR B 536 21.73 8.97 -4.19
C THR B 536 20.88 8.36 -5.30
N ILE B 537 21.51 7.52 -6.13
CA ILE B 537 20.85 6.79 -7.23
C ILE B 537 20.32 5.45 -6.69
N GLU B 538 19.24 4.94 -7.29
CA GLU B 538 18.65 3.60 -6.98
C GLU B 538 19.14 2.55 -8.00
N GLU B 539 19.49 1.35 -7.50
CA GLU B 539 19.82 0.13 -8.29
C GLU B 539 20.65 0.48 -9.55
N ASP B 540 20.22 -0.03 -10.71
CA ASP B 540 20.62 0.45 -12.05
C ASP B 540 19.36 0.89 -12.81
N ASP B 541 18.44 1.56 -12.09
CA ASP B 541 17.13 2.03 -12.57
C ASP B 541 17.34 3.19 -13.55
N PRO B 542 16.87 3.09 -14.83
CA PRO B 542 17.20 4.08 -15.86
C PRO B 542 16.67 5.50 -15.58
N TRP B 543 15.52 5.61 -14.90
CA TRP B 543 14.84 6.90 -14.64
C TRP B 543 15.18 7.43 -13.25
N SER B 544 16.29 6.94 -12.67
CA SER B 544 16.83 7.40 -11.40
C SER B 544 18.09 8.23 -11.63
N TYR B 545 17.98 9.54 -11.35
CA TYR B 545 19.05 10.49 -11.58
C TYR B 545 18.99 11.58 -10.52
N ILE B 546 20.14 12.22 -10.28
CA ILE B 546 20.26 13.25 -9.27
C ILE B 546 20.47 14.59 -9.97
N GLY B 547 20.50 15.67 -9.18
CA GLY B 547 20.82 16.99 -9.69
C GLY B 547 20.61 18.11 -8.68
N TYR B 548 20.54 19.32 -9.23
CA TYR B 548 20.50 20.56 -8.50
C TYR B 548 19.32 21.38 -8.99
N TRP B 549 18.57 21.93 -8.02
CA TRP B 549 17.42 22.79 -8.25
C TRP B 549 17.92 24.22 -8.55
N GLY B 550 17.41 24.82 -9.63
CA GLY B 550 17.92 26.08 -10.19
C GLY B 550 17.62 27.32 -9.34
N ASP B 551 16.66 27.25 -8.43
CA ASP B 551 16.22 28.42 -7.63
C ASP B 551 16.85 28.43 -6.24
N HIS B 552 17.55 27.35 -5.88
CA HIS B 552 17.94 27.07 -4.49
C HIS B 552 18.93 28.11 -3.95
N GLN B 553 19.67 28.79 -4.84
CA GLN B 553 20.85 29.54 -4.42
C GLN B 553 20.51 31.03 -4.23
N ILE B 554 20.12 31.70 -5.30
CA ILE B 554 20.17 33.17 -5.35
C ILE B 554 19.17 33.81 -4.36
N ILE B 555 17.87 33.51 -4.51
CA ILE B 555 16.88 34.31 -3.78
C ILE B 555 16.95 34.01 -2.28
N TYR B 556 17.22 32.75 -1.89
CA TYR B 556 17.16 32.34 -0.46
C TYR B 556 18.39 32.88 0.28
N LEU B 557 19.56 32.85 -0.37
CA LEU B 557 20.75 33.50 0.19
C LEU B 557 20.48 35.01 0.34
N LEU B 558 19.89 35.62 -0.68
CA LEU B 558 19.79 37.06 -0.75
C LEU B 558 18.97 37.58 0.43
N LYS B 559 17.88 36.87 0.78
CA LYS B 559 17.04 37.38 1.85
C LYS B 559 17.85 37.48 3.15
N PHE B 560 18.78 36.54 3.37
CA PHE B 560 19.64 36.57 4.55
C PHE B 560 20.65 37.73 4.44
N LEU B 561 21.22 37.97 3.26
CA LEU B 561 22.22 39.03 3.11
C LEU B 561 21.59 40.42 3.34
N GLU B 562 20.38 40.60 2.79
CA GLU B 562 19.62 41.83 3.00
C GLU B 562 19.39 42.05 4.51
N PHE B 563 19.04 40.96 5.21
CA PHE B 563 18.70 41.00 6.63
C PHE B 563 19.93 41.47 7.44
N ILE B 564 21.08 40.80 7.26
CA ILE B 564 22.28 41.11 8.07
C ILE B 564 22.79 42.54 7.75
N GLU B 565 22.68 42.97 6.49
CA GLU B 565 23.18 44.29 6.14
C GLU B 565 22.29 45.39 6.75
N LYS B 566 21.01 45.07 6.97
CA LYS B 566 20.06 45.96 7.64
C LYS B 566 20.33 45.99 9.15
N HIS B 567 20.54 44.82 9.77
CA HIS B 567 20.69 44.71 11.23
C HIS B 567 22.13 45.03 11.69
N GLN B 568 23.15 44.63 10.91
CA GLN B 568 24.55 44.79 11.30
C GLN B 568 25.36 45.31 10.12
N PRO B 569 25.18 46.59 9.74
CA PRO B 569 25.89 47.15 8.57
C PRO B 569 27.40 47.01 8.78
N GLY B 570 28.11 46.60 7.71
CA GLY B 570 29.55 46.46 7.74
C GLY B 570 30.01 45.07 8.18
N LYS B 571 29.09 44.21 8.63
CA LYS B 571 29.48 42.90 9.10
C LYS B 571 29.90 42.03 7.90
N LEU B 572 29.17 42.12 6.78
CA LEU B 572 29.50 41.35 5.59
C LEU B 572 30.91 41.76 5.10
N HIS B 573 31.18 43.07 5.12
CA HIS B 573 32.49 43.66 4.76
C HIS B 573 33.62 42.95 5.52
N SER B 574 33.39 42.59 6.80
CA SER B 574 34.40 41.95 7.65
C SER B 574 34.64 40.50 7.23
N TYR B 575 33.78 39.93 6.39
CA TYR B 575 33.98 38.57 5.93
C TYR B 575 34.69 38.55 4.56
N PHE B 576 34.81 39.72 3.92
CA PHE B 576 35.32 39.79 2.54
C PHE B 576 36.66 39.06 2.36
N GLU B 577 37.60 39.23 3.31
CA GLU B 577 38.99 38.70 3.21
C GLU B 577 39.21 37.55 4.20
N SER B 578 38.17 37.22 4.97
CA SER B 578 38.26 36.24 6.03
C SER B 578 37.99 34.86 5.43
N GLU B 579 39.04 34.03 5.41
CA GLU B 579 39.01 32.69 4.82
C GLU B 579 38.54 31.70 5.89
N CYS B 580 37.24 31.77 6.22
CA CYS B 580 36.59 30.90 7.20
C CYS B 580 35.48 30.06 6.55
N PHE B 581 35.24 30.26 5.26
CA PHE B 581 34.22 29.52 4.54
C PHE B 581 34.86 28.29 3.88
N VAL B 582 34.02 27.30 3.59
CA VAL B 582 34.42 26.03 3.00
C VAL B 582 33.50 25.69 1.83
N TYR B 583 33.78 24.55 1.19
CA TYR B 583 33.02 24.05 0.07
C TYR B 583 32.47 22.66 0.42
N ALA B 584 31.15 22.52 0.28
CA ALA B 584 30.49 21.23 0.43
C ALA B 584 30.88 20.34 -0.75
N ALA B 585 31.35 19.13 -0.43
CA ALA B 585 31.67 18.12 -1.42
C ALA B 585 30.43 17.27 -1.68
N VAL B 586 29.65 17.64 -2.69
CA VAL B 586 28.60 16.78 -3.18
C VAL B 586 29.18 16.01 -4.37
N PRO B 587 29.14 14.66 -4.37
CA PRO B 587 29.76 13.86 -5.42
C PRO B 587 28.93 13.76 -6.71
N TYR B 588 28.60 14.93 -7.27
CA TYR B 588 27.88 15.04 -8.52
C TYR B 588 28.85 15.64 -9.57
N THR B 589 28.84 15.03 -10.77
CA THR B 589 29.71 15.43 -11.88
C THR B 589 28.84 16.11 -12.95
N ILE B 590 28.93 17.43 -13.04
CA ILE B 590 28.25 18.16 -14.10
C ILE B 590 29.09 17.99 -15.36
N LYS B 591 28.48 17.49 -16.43
CA LYS B 591 29.20 17.04 -17.63
C LYS B 591 29.79 18.22 -18.41
N PRO B 592 30.76 17.98 -19.32
CA PRO B 592 31.28 19.04 -20.19
C PRO B 592 30.19 19.76 -21.00
N TYR B 593 30.50 20.98 -21.45
CA TYR B 593 29.54 21.88 -22.06
C TYR B 593 28.94 21.29 -23.34
N GLU B 594 29.81 20.73 -24.21
CA GLU B 594 29.40 20.15 -25.51
C GLU B 594 28.37 19.02 -25.29
N GLU B 595 28.48 18.27 -24.19
CA GLU B 595 27.56 17.14 -23.86
C GLU B 595 26.20 17.68 -23.37
N ILE B 596 26.23 18.81 -22.66
CA ILE B 596 25.03 19.46 -22.16
C ILE B 596 24.25 20.05 -23.33
N LEU B 597 24.99 20.76 -24.19
CA LEU B 597 24.43 21.42 -25.37
C LEU B 597 23.77 20.37 -26.28
N ASN B 598 24.40 19.20 -26.35
CA ASN B 598 23.94 18.09 -27.15
C ASN B 598 22.68 17.44 -26.53
N ASN B 599 22.66 17.23 -25.21
CA ASN B 599 21.48 16.66 -24.56
C ASN B 599 21.35 17.23 -23.15
N PRO B 600 20.64 18.36 -22.99
CA PRO B 600 20.55 19.05 -21.71
C PRO B 600 19.64 18.37 -20.68
N LYS B 601 19.17 17.15 -20.97
CA LYS B 601 18.44 16.32 -20.02
C LYS B 601 19.35 15.26 -19.40
N ASP B 602 20.57 15.10 -19.94
CA ASP B 602 21.58 14.14 -19.45
C ASP B 602 22.87 14.89 -19.13
N THR B 603 22.92 15.51 -17.94
CA THR B 603 23.91 16.55 -17.64
C THR B 603 24.65 16.30 -16.31
N ILE B 604 24.13 15.46 -15.42
CA ILE B 604 24.82 15.24 -14.16
C ILE B 604 24.89 13.74 -13.83
N GLY B 605 26.12 13.25 -13.67
CA GLY B 605 26.42 11.90 -13.23
C GLY B 605 26.80 11.86 -11.75
N TYR B 606 26.45 10.75 -11.09
CA TYR B 606 26.89 10.45 -9.73
C TYR B 606 28.30 9.87 -9.80
N ASN B 607 29.23 10.47 -9.03
CA ASN B 607 30.63 10.04 -9.03
C ASN B 607 30.85 9.14 -7.81
N HIS B 608 30.78 7.82 -8.03
CA HIS B 608 30.77 6.77 -7.00
C HIS B 608 32.14 6.67 -6.30
N GLU B 609 33.22 6.98 -7.02
CA GLU B 609 34.57 6.88 -6.50
C GLU B 609 34.81 8.04 -5.51
N TRP B 610 34.22 9.20 -5.83
CA TRP B 610 34.30 10.39 -5.02
C TRP B 610 33.48 10.20 -3.73
N GLU B 611 32.36 9.47 -3.84
CA GLU B 611 31.54 9.07 -2.69
C GLU B 611 32.35 8.19 -1.73
N LYS B 612 33.18 7.29 -2.27
CA LYS B 612 33.98 6.37 -1.43
C LYS B 612 34.88 7.20 -0.54
N VAL B 613 35.57 8.18 -1.14
CA VAL B 613 36.56 9.05 -0.49
C VAL B 613 35.88 9.88 0.61
N ILE B 614 34.68 10.42 0.33
CA ILE B 614 33.96 11.28 1.28
C ILE B 614 33.52 10.44 2.49
N ASN B 615 33.08 9.20 2.22
CA ASN B 615 32.58 8.30 3.26
C ASN B 615 33.73 7.85 4.15
N GLU B 616 34.92 7.64 3.57
CA GLU B 616 36.10 7.30 4.37
C GLU B 616 36.44 8.48 5.28
N ARG B 617 36.49 9.69 4.71
CA ARG B 617 36.84 10.90 5.46
C ARG B 617 35.80 11.14 6.57
N LYS B 618 34.54 10.78 6.32
CA LYS B 618 33.45 10.94 7.30
C LYS B 618 33.63 9.96 8.47
N LYS B 619 34.14 8.75 8.20
CA LYS B 619 34.39 7.73 9.24
C LYS B 619 35.54 8.21 10.14
N SER B 620 36.44 9.03 9.59
CA SER B 620 37.74 9.37 10.20
C SER B 620 37.74 10.74 10.90
N ILE B 621 37.12 11.76 10.29
CA ILE B 621 37.09 13.15 10.79
C ILE B 621 35.70 13.47 11.37
N GLY B 622 34.63 12.99 10.71
CA GLY B 622 33.24 13.33 11.01
C GLY B 622 32.61 14.09 9.84
N ALA B 623 31.53 14.85 10.10
CA ALA B 623 30.82 15.57 9.03
C ALA B 623 31.75 16.46 8.20
N ASP B 624 32.83 16.97 8.80
CA ASP B 624 33.78 17.88 8.12
C ASP B 624 34.56 17.14 7.01
N GLY B 625 34.43 15.81 6.97
CA GLY B 625 35.04 15.00 5.90
C GLY B 625 34.40 15.24 4.54
N ALA B 626 33.18 15.80 4.56
CA ALA B 626 32.40 16.08 3.38
C ALA B 626 32.71 17.49 2.86
N LEU B 627 33.87 18.05 3.20
CA LEU B 627 34.28 19.33 2.65
C LEU B 627 35.46 19.09 1.70
N LEU B 628 35.66 19.98 0.73
CA LEU B 628 36.78 19.89 -0.19
C LEU B 628 38.08 20.08 0.59
N LYS B 629 39.02 19.14 0.44
CA LYS B 629 40.40 19.33 0.90
C LYS B 629 41.14 20.08 -0.20
N SER B 630 42.36 20.50 0.11
CA SER B 630 43.30 21.08 -0.84
C SER B 630 44.47 20.10 -1.02
N ASN B 631 45.63 20.59 -1.49
CA ASN B 631 46.75 19.76 -1.91
C ASN B 631 47.36 19.02 -0.70
N ASP B 632 47.44 19.69 0.44
CA ASP B 632 48.07 19.14 1.67
C ASP B 632 47.22 18.01 2.27
N LYS B 633 45.89 18.19 2.25
CA LYS B 633 44.92 17.36 2.97
C LYS B 633 44.18 18.24 3.98
N SER B 634 44.71 19.45 4.22
CA SER B 634 44.00 20.49 4.96
C SER B 634 42.68 20.83 4.26
N ILE B 635 41.57 20.80 5.03
CA ILE B 635 40.27 21.34 4.57
C ILE B 635 40.54 22.71 3.95
N TYR B 636 39.91 23.01 2.81
CA TYR B 636 40.24 24.20 2.04
C TYR B 636 39.31 25.36 2.46
N HIS B 637 39.93 26.53 2.68
CA HIS B 637 39.23 27.68 3.22
C HIS B 637 39.29 28.85 2.22
N VAL B 638 38.13 29.47 1.98
CA VAL B 638 38.03 30.60 1.08
C VAL B 638 37.21 31.70 1.76
N ASN B 639 37.22 32.88 1.16
CA ASN B 639 36.58 34.03 1.76
C ASN B 639 35.19 34.26 1.13
N PHE B 640 34.51 35.29 1.62
CA PHE B 640 33.13 35.55 1.29
C PHE B 640 33.00 35.93 -0.19
N ILE B 641 33.96 36.72 -0.68
CA ILE B 641 33.96 37.17 -2.06
C ILE B 641 34.01 35.96 -3.01
N GLU B 642 34.89 35.00 -2.68
CA GLU B 642 35.03 33.80 -3.49
C GLU B 642 33.69 33.04 -3.54
N LYS B 643 33.04 32.90 -2.38
CA LYS B 643 31.79 32.15 -2.27
C LYS B 643 30.68 32.83 -3.08
N ILE B 644 30.62 34.16 -3.05
CA ILE B 644 29.62 34.85 -3.85
C ILE B 644 29.93 34.60 -5.33
N LEU B 645 31.22 34.68 -5.69
CA LEU B 645 31.59 34.48 -7.08
C LEU B 645 31.25 33.06 -7.54
N ALA B 646 31.49 32.06 -6.70
CA ALA B 646 31.20 30.67 -7.04
C ALA B 646 29.75 30.55 -7.54
N THR B 647 28.82 31.08 -6.74
CA THR B 647 27.41 30.90 -7.04
C THR B 647 27.00 31.84 -8.19
N VAL B 648 27.57 33.05 -8.26
CA VAL B 648 27.18 34.00 -9.30
C VAL B 648 27.73 33.57 -10.67
N LEU B 649 28.99 33.12 -10.70
CA LEU B 649 29.59 32.66 -11.96
C LEU B 649 28.82 31.45 -12.52
N ALA B 650 28.39 30.54 -11.63
CA ALA B 650 27.61 29.37 -12.03
C ALA B 650 26.35 29.83 -12.76
N LYS B 651 25.63 30.80 -12.17
CA LYS B 651 24.41 31.31 -12.76
C LYS B 651 24.72 32.04 -14.07
N MET B 652 25.72 32.92 -14.07
CA MET B 652 26.04 33.70 -15.27
C MET B 652 26.55 32.78 -16.39
N SER B 653 27.07 31.60 -16.02
CA SER B 653 27.62 30.66 -16.99
C SER B 653 26.49 29.93 -17.72
N ASN B 654 25.25 30.07 -17.22
CA ASN B 654 24.05 29.48 -17.81
C ASN B 654 23.11 30.58 -18.33
N PHE B 655 23.62 31.81 -18.45
CA PHE B 655 22.85 32.95 -18.90
C PHE B 655 22.70 32.92 -20.43
N ILE B 656 21.47 32.76 -20.91
CA ILE B 656 21.13 32.90 -22.32
C ILE B 656 20.50 34.27 -22.54
N PRO B 657 21.22 35.22 -23.18
CA PRO B 657 20.70 36.58 -23.36
C PRO B 657 19.31 36.61 -24.01
N GLU B 658 18.41 37.38 -23.38
CA GLU B 658 17.00 37.61 -23.75
C GLU B 658 16.13 36.41 -23.37
N ALA B 659 16.70 35.39 -22.69
CA ALA B 659 15.97 34.13 -22.43
C ALA B 659 15.91 33.81 -20.93
N GLY B 660 17.02 34.02 -20.22
CA GLY B 660 17.12 33.80 -18.79
C GLY B 660 18.25 32.84 -18.43
N ILE B 661 18.09 32.15 -17.30
CA ILE B 661 19.04 31.15 -16.84
C ILE B 661 18.57 29.76 -17.28
N TRP B 662 19.41 29.10 -18.08
CA TRP B 662 19.16 27.79 -18.64
C TRP B 662 18.97 26.77 -17.51
N LEU B 663 17.89 25.98 -17.58
CA LEU B 663 17.64 24.86 -16.63
C LEU B 663 18.21 23.56 -17.20
N ASN B 664 19.35 23.12 -16.67
CA ASN B 664 20.10 21.99 -17.25
C ASN B 664 20.78 21.17 -16.15
N THR B 665 20.19 21.13 -14.95
CA THR B 665 20.82 20.47 -13.80
C THR B 665 19.92 19.34 -13.27
N GLN B 666 19.02 18.82 -14.12
CA GLN B 666 18.26 17.56 -13.87
C GLN B 666 17.29 17.70 -12.70
N ARG B 667 17.01 18.93 -12.28
CA ARG B 667 15.96 19.22 -11.30
C ARG B 667 15.27 20.52 -11.71
N PRO B 668 13.99 20.71 -11.32
CA PRO B 668 13.26 21.94 -11.67
C PRO B 668 13.60 23.07 -10.68
N GLU B 669 12.80 24.14 -10.72
CA GLU B 669 12.89 25.19 -9.70
C GLU B 669 11.75 24.96 -8.71
N TRP B 670 11.11 26.03 -8.24
CA TRP B 670 10.10 25.98 -7.21
C TRP B 670 8.94 25.07 -7.63
N ASN B 671 8.44 25.21 -8.87
CA ASN B 671 7.24 24.50 -9.32
C ASN B 671 7.63 23.12 -9.85
N ASP B 672 7.40 22.10 -9.03
CA ASP B 672 7.73 20.71 -9.38
C ASP B 672 6.81 20.19 -10.49
N ALA B 673 5.65 20.83 -10.68
CA ALA B 673 4.66 20.36 -11.64
C ALA B 673 5.00 20.80 -13.07
N ASN B 674 6.05 21.63 -13.21
CA ASN B 674 6.57 22.01 -14.54
C ASN B 674 7.99 21.46 -14.70
N ASN B 675 8.19 20.24 -14.19
CA ASN B 675 9.52 19.60 -14.16
C ASN B 675 10.00 19.20 -15.56
N ALA B 676 9.12 19.18 -16.57
CA ALA B 676 9.53 18.83 -17.92
C ALA B 676 10.25 20.01 -18.59
N LEU B 677 10.19 21.21 -17.99
CA LEU B 677 10.92 22.39 -18.50
C LEU B 677 12.44 22.23 -18.30
N VAL B 678 12.84 21.29 -17.45
CA VAL B 678 14.25 20.95 -17.27
C VAL B 678 14.78 20.39 -18.59
N GLY B 679 15.80 21.05 -19.15
CA GLY B 679 16.39 20.65 -20.41
C GLY B 679 16.46 21.82 -21.37
N ASN B 680 15.31 22.21 -21.92
CA ASN B 680 15.23 23.27 -22.91
C ASN B 680 14.59 24.51 -22.30
N GLY B 681 14.16 24.40 -21.05
CA GLY B 681 13.55 25.56 -20.38
C GLY B 681 14.60 26.54 -19.87
N VAL B 682 14.18 27.79 -19.73
CA VAL B 682 15.05 28.88 -19.34
C VAL B 682 14.28 29.77 -18.37
N SER B 683 14.89 30.04 -17.21
CA SER B 683 14.24 30.73 -16.10
C SER B 683 14.49 32.25 -16.14
N MET B 684 13.45 33.02 -16.50
CA MET B 684 13.47 34.47 -16.32
C MET B 684 13.21 34.79 -14.85
N VAL B 685 12.48 33.89 -14.17
CA VAL B 685 12.19 34.02 -12.74
C VAL B 685 13.51 34.21 -11.96
N THR B 686 14.45 33.30 -12.15
CA THR B 686 15.71 33.35 -11.43
C THR B 686 16.52 34.59 -11.87
N LEU B 687 16.34 35.04 -13.14
CA LEU B 687 17.08 36.20 -13.62
C LEU B 687 16.56 37.46 -12.91
N TYR B 688 15.25 37.57 -12.72
CA TYR B 688 14.68 38.70 -12.00
C TYR B 688 15.30 38.74 -10.60
N TYR B 689 15.43 37.59 -9.92
CA TYR B 689 15.99 37.58 -8.55
C TYR B 689 17.49 37.88 -8.59
N LEU B 690 18.16 37.44 -9.67
CA LEU B 690 19.60 37.66 -9.83
C LEU B 690 19.87 39.15 -10.02
N ARG B 691 18.96 39.85 -10.70
CA ARG B 691 19.02 41.29 -10.79
C ARG B 691 19.06 41.89 -9.37
N ARG B 692 18.10 41.50 -8.54
CA ARG B 692 18.00 42.05 -7.19
C ARG B 692 19.30 41.76 -6.43
N PHE B 693 19.82 40.54 -6.62
CA PHE B 693 21.00 40.04 -5.94
C PHE B 693 22.24 40.84 -6.30
N LEU B 694 22.43 41.05 -7.60
CA LEU B 694 23.60 41.73 -8.10
C LEU B 694 23.52 43.24 -7.85
N LYS B 695 22.32 43.80 -7.81
CA LYS B 695 22.16 45.21 -7.43
C LYS B 695 22.59 45.39 -5.98
N PHE B 696 22.17 44.45 -5.13
CA PHE B 696 22.56 44.45 -3.73
C PHE B 696 24.09 44.33 -3.61
N PHE B 697 24.69 43.40 -4.36
CA PHE B 697 26.12 43.14 -4.26
C PHE B 697 26.92 44.37 -4.72
N ASP B 698 26.44 45.01 -5.78
CA ASP B 698 27.04 46.23 -6.36
C ASP B 698 27.07 47.37 -5.32
N GLN B 699 25.96 47.56 -4.58
CA GLN B 699 25.91 48.56 -3.51
C GLN B 699 26.88 48.16 -2.39
N LEU B 700 26.92 46.87 -2.06
CA LEU B 700 27.78 46.34 -1.03
C LEU B 700 29.24 46.66 -1.36
N LEU B 701 29.63 46.47 -2.63
CA LEU B 701 31.03 46.70 -3.03
C LEU B 701 31.33 48.20 -2.99
N GLU B 702 30.40 49.04 -3.48
CA GLU B 702 30.60 50.51 -3.51
C GLU B 702 30.89 51.03 -2.09
N ASN B 703 30.27 50.42 -1.07
CA ASN B 703 30.41 50.84 0.33
C ASN B 703 31.71 50.30 0.95
N SER B 704 32.33 49.27 0.34
CA SER B 704 33.62 48.72 0.81
C SER B 704 34.73 49.74 0.55
N THR B 705 35.77 49.71 1.40
CA THR B 705 36.98 50.52 1.20
C THR B 705 38.15 49.63 0.74
N LEU B 706 37.94 48.31 0.70
CA LEU B 706 39.01 47.39 0.29
C LEU B 706 39.30 47.59 -1.20
N GLU B 707 40.58 47.50 -1.59
CA GLU B 707 41.03 47.82 -2.96
C GLU B 707 41.21 46.53 -3.79
N ASN B 708 41.36 45.39 -3.10
CA ASN B 708 41.69 44.11 -3.72
C ASN B 708 40.68 43.03 -3.35
N ILE B 709 40.78 41.87 -4.03
CA ILE B 709 40.12 40.63 -3.64
C ILE B 709 41.13 39.50 -3.75
N LYS B 710 40.79 38.36 -3.16
CA LYS B 710 41.67 37.24 -3.07
C LYS B 710 40.87 35.94 -3.27
N ILE B 711 41.18 35.23 -4.36
CA ILE B 711 40.41 34.07 -4.82
C ILE B 711 41.35 32.94 -5.24
N SER B 712 40.82 31.71 -5.18
CA SER B 712 41.52 30.53 -5.66
C SER B 712 42.07 30.77 -7.07
N ASN B 713 43.30 30.28 -7.31
CA ASN B 713 44.02 30.49 -8.58
C ASN B 713 43.20 29.92 -9.76
N GLU B 714 42.58 28.76 -9.51
CA GLU B 714 41.82 28.03 -10.51
C GLU B 714 40.60 28.85 -10.97
N MET B 715 40.06 29.72 -10.10
CA MET B 715 38.83 30.50 -10.36
C MET B 715 39.15 31.73 -11.22
N VAL B 716 40.41 32.15 -11.23
CA VAL B 716 40.84 33.39 -11.92
C VAL B 716 40.43 33.31 -13.40
N GLU B 717 40.81 32.23 -14.09
CA GLU B 717 40.50 32.01 -15.53
C GLU B 717 38.98 32.06 -15.75
N PHE B 718 38.22 31.34 -14.93
CA PHE B 718 36.78 31.29 -15.01
C PHE B 718 36.20 32.70 -14.89
N TYR B 719 36.52 33.36 -13.78
CA TYR B 719 36.06 34.72 -13.47
C TYR B 719 36.40 35.66 -14.63
N HIS B 720 37.66 35.63 -15.08
CA HIS B 720 38.13 36.55 -16.12
C HIS B 720 37.43 36.26 -17.45
N LYS B 721 37.22 34.97 -17.77
CA LYS B 721 36.66 34.61 -19.08
C LYS B 721 35.20 35.09 -19.11
N VAL B 722 34.47 34.91 -18.01
CA VAL B 722 33.07 35.35 -17.94
C VAL B 722 33.02 36.88 -18.06
N ARG B 723 33.86 37.58 -17.28
CA ARG B 723 33.86 39.04 -17.27
C ARG B 723 34.17 39.57 -18.68
N GLU B 724 35.22 39.02 -19.29
CA GLU B 724 35.73 39.43 -20.60
C GLU B 724 34.62 39.22 -21.65
N THR B 725 33.94 38.08 -21.59
CA THR B 725 32.89 37.73 -22.54
C THR B 725 31.82 38.83 -22.55
N LEU B 726 31.38 39.25 -21.35
CA LEU B 726 30.32 40.22 -21.22
C LEU B 726 30.83 41.60 -21.65
N MET B 727 32.06 41.91 -21.28
CA MET B 727 32.67 43.22 -21.53
C MET B 727 32.74 43.50 -23.04
N GLU B 728 33.19 42.51 -23.80
CA GLU B 728 33.46 42.69 -25.23
C GLU B 728 32.15 42.54 -26.04
N ASN B 729 31.05 42.15 -25.38
CA ASN B 729 29.76 42.04 -26.06
C ASN B 729 28.80 43.15 -25.60
N GLN B 730 29.26 44.04 -24.71
CA GLN B 730 28.46 45.16 -24.16
C GLN B 730 27.83 45.96 -25.31
N HIS B 731 28.57 46.10 -26.42
CA HIS B 731 28.15 46.88 -27.57
C HIS B 731 26.84 46.35 -28.18
N LEU B 732 26.57 45.04 -28.03
CA LEU B 732 25.36 44.39 -28.57
C LEU B 732 24.09 44.90 -27.88
N LEU B 733 24.21 45.47 -26.67
CA LEU B 733 23.04 45.81 -25.84
C LEU B 733 22.30 47.04 -26.39
N ALA B 734 22.88 47.71 -27.40
CA ALA B 734 22.27 48.88 -28.04
C ALA B 734 21.02 48.48 -28.82
N GLY B 735 20.91 47.19 -29.19
CA GLY B 735 19.76 46.64 -29.93
C GLY B 735 19.42 45.22 -29.48
N SER B 736 18.52 44.57 -30.20
CA SER B 736 18.16 43.20 -29.88
C SER B 736 19.27 42.26 -30.39
N ILE B 737 19.47 41.16 -29.67
CA ILE B 737 20.57 40.24 -29.94
C ILE B 737 20.10 39.12 -30.86
N SER B 738 20.85 38.89 -31.93
CA SER B 738 20.56 37.83 -32.91
C SER B 738 20.73 36.44 -32.28
N ASP B 739 20.04 35.45 -32.87
CA ASP B 739 20.18 34.04 -32.49
C ASP B 739 21.65 33.59 -32.63
N THR B 740 22.37 34.10 -33.63
CA THR B 740 23.80 33.79 -33.83
C THR B 740 24.64 34.29 -32.64
N ASP B 741 24.52 35.59 -32.30
CA ASP B 741 25.26 36.18 -31.19
C ASP B 741 24.88 35.49 -29.87
N ARG B 742 23.60 35.08 -29.76
CA ARG B 742 23.13 34.43 -28.54
C ARG B 742 24.02 33.21 -28.23
N LYS B 743 24.32 32.41 -29.27
CA LYS B 743 25.09 31.16 -29.11
C LYS B 743 26.58 31.46 -28.88
N VAL B 744 27.11 32.47 -29.58
CA VAL B 744 28.49 32.91 -29.37
C VAL B 744 28.70 33.20 -27.88
N ILE B 745 27.73 33.88 -27.26
CA ILE B 745 27.86 34.30 -25.87
C ILE B 745 27.71 33.09 -24.94
N LEU B 746 26.66 32.28 -25.13
CA LEU B 746 26.43 31.10 -24.27
C LEU B 746 27.64 30.16 -24.35
N ASP B 747 28.18 29.96 -25.56
CA ASP B 747 29.33 29.08 -25.78
C ASP B 747 30.51 29.55 -24.93
N LYS B 748 30.86 30.84 -24.99
CA LYS B 748 32.01 31.35 -24.22
C LYS B 748 31.74 31.13 -22.71
N LEU B 749 30.55 31.52 -22.24
CA LEU B 749 30.21 31.46 -20.81
C LEU B 749 30.22 30.00 -20.31
N GLY B 750 29.61 29.10 -21.10
CA GLY B 750 29.42 27.72 -20.70
C GLY B 750 30.71 26.93 -20.76
N ASN B 751 31.56 27.26 -21.75
CA ASN B 751 32.84 26.60 -21.88
C ASN B 751 33.72 26.96 -20.67
N ALA B 752 33.60 28.20 -20.20
CA ALA B 752 34.45 28.70 -19.12
C ALA B 752 34.12 27.93 -17.83
N ALA B 753 32.83 27.81 -17.51
CA ALA B 753 32.39 27.02 -16.35
C ALA B 753 32.85 25.55 -16.49
N ALA B 754 32.69 24.98 -17.70
CA ALA B 754 33.03 23.55 -17.97
C ALA B 754 34.50 23.27 -17.68
N ASP B 755 35.37 24.19 -18.12
CA ASP B 755 36.81 24.06 -17.95
C ASP B 755 37.16 24.09 -16.46
N TYR B 756 36.47 24.94 -15.70
CA TYR B 756 36.74 25.14 -14.28
C TYR B 756 36.37 23.88 -13.51
N ARG B 757 35.13 23.41 -13.68
CA ARG B 757 34.68 22.23 -12.95
C ARG B 757 35.53 21.01 -13.36
N PHE B 758 35.94 20.91 -14.62
CA PHE B 758 36.74 19.76 -15.08
C PHE B 758 38.06 19.72 -14.28
N GLN B 759 38.73 20.87 -14.17
CA GLN B 759 39.98 21.00 -13.44
C GLN B 759 39.79 20.54 -11.98
N ILE B 760 38.76 21.08 -11.30
CA ILE B 760 38.53 20.81 -9.88
C ILE B 760 38.13 19.34 -9.69
N TYR B 761 37.23 18.83 -10.55
CA TYR B 761 36.79 17.41 -10.47
C TYR B 761 38.00 16.48 -10.58
N ASN B 762 39.02 16.87 -11.37
CA ASN B 762 40.11 15.93 -11.75
C ASN B 762 41.40 16.14 -10.92
N SER B 763 41.82 17.38 -10.66
CA SER B 763 43.05 17.62 -9.83
C SER B 763 42.77 18.40 -8.53
N GLY B 764 41.51 18.77 -8.27
CA GLY B 764 41.12 19.51 -7.05
C GLY B 764 41.77 20.89 -6.93
N PHE B 765 41.48 21.57 -5.82
CA PHE B 765 42.04 22.88 -5.54
C PHE B 765 43.49 22.70 -5.07
N TRP B 766 44.40 23.52 -5.60
CA TRP B 766 45.82 23.46 -5.25
C TRP B 766 46.02 24.09 -3.87
N GLY B 767 45.35 25.21 -3.60
CA GLY B 767 45.40 25.88 -2.30
C GLY B 767 46.01 27.26 -2.34
N LYS B 768 46.57 27.66 -3.49
CA LYS B 768 47.15 28.98 -3.67
C LYS B 768 46.06 29.93 -4.19
N LYS B 769 46.14 31.19 -3.78
CA LYS B 769 45.16 32.22 -4.14
C LYS B 769 45.91 33.39 -4.80
N ARG B 770 45.22 34.16 -5.64
CA ARG B 770 45.83 35.27 -6.33
C ARG B 770 45.05 36.55 -5.99
N THR B 771 45.76 37.68 -6.04
CA THR B 771 45.22 38.99 -5.67
C THR B 771 44.77 39.73 -6.94
N HIS B 772 43.51 40.17 -6.97
CA HIS B 772 42.95 40.90 -8.12
C HIS B 772 42.20 42.13 -7.60
N SER B 773 41.76 43.00 -8.52
CA SER B 773 41.28 44.32 -8.16
C SER B 773 39.79 44.27 -7.82
N MET B 774 39.43 45.00 -6.76
CA MET B 774 38.06 45.21 -6.37
C MET B 774 37.33 45.94 -7.50
N GLN B 775 38.07 46.82 -8.19
CA GLN B 775 37.56 47.61 -9.29
C GLN B 775 37.04 46.67 -10.39
N GLY B 776 37.82 45.63 -10.72
CA GLY B 776 37.41 44.60 -11.68
C GLY B 776 36.11 43.91 -11.29
N LEU B 777 35.93 43.67 -9.98
CA LEU B 777 34.75 42.97 -9.48
C LEU B 777 33.52 43.87 -9.63
N LYS B 778 33.68 45.16 -9.36
CA LYS B 778 32.60 46.13 -9.54
C LYS B 778 32.22 46.22 -11.02
N ASN B 779 33.24 46.15 -11.90
CA ASN B 779 33.03 46.17 -13.34
C ASN B 779 32.23 44.93 -13.75
N PHE B 780 32.62 43.76 -13.23
CA PHE B 780 31.94 42.51 -13.50
C PHE B 780 30.46 42.64 -13.09
N THR B 781 30.21 43.20 -11.91
CA THR B 781 28.86 43.33 -11.40
C THR B 781 28.04 44.32 -12.26
N LYS B 782 28.63 45.47 -12.60
CA LYS B 782 27.91 46.50 -13.39
C LYS B 782 27.52 45.95 -14.77
N VAL B 783 28.46 45.27 -15.45
CA VAL B 783 28.20 44.77 -16.80
C VAL B 783 27.21 43.59 -16.75
N SER B 784 27.30 42.74 -15.72
CA SER B 784 26.33 41.65 -15.52
C SER B 784 24.92 42.25 -15.43
N LEU B 785 24.79 43.36 -14.69
CA LEU B 785 23.51 44.03 -14.53
C LEU B 785 23.04 44.63 -15.85
N GLN B 786 23.97 45.17 -16.65
CA GLN B 786 23.60 45.75 -17.95
C GLN B 786 22.94 44.64 -18.80
N PHE B 787 23.56 43.44 -18.83
CA PHE B 787 23.05 42.32 -19.61
C PHE B 787 21.70 41.85 -19.05
N ILE B 788 21.59 41.75 -17.72
CA ILE B 788 20.37 41.28 -17.11
C ILE B 788 19.23 42.25 -17.43
N ASP B 789 19.50 43.56 -17.30
CA ASP B 789 18.47 44.60 -17.50
C ASP B 789 17.99 44.56 -18.97
N HIS B 790 18.94 44.47 -19.90
CA HIS B 790 18.65 44.31 -21.31
C HIS B 790 17.68 43.13 -21.50
N SER B 791 18.03 41.99 -20.88
CA SER B 791 17.23 40.74 -20.97
C SER B 791 15.82 40.96 -20.41
N ILE B 792 15.72 41.69 -19.30
CA ILE B 792 14.42 41.90 -18.67
C ILE B 792 13.54 42.74 -19.59
N LYS B 793 14.13 43.73 -20.29
CA LYS B 793 13.38 44.61 -21.18
C LYS B 793 12.83 43.83 -22.38
N ALA B 794 13.54 42.77 -22.80
CA ALA B 794 13.13 41.91 -23.93
C ALA B 794 12.07 40.89 -23.50
N ASN B 795 11.60 40.95 -22.24
CA ASN B 795 10.76 39.90 -21.70
C ASN B 795 9.41 40.46 -21.21
N GLN B 796 9.04 41.68 -21.61
CA GLN B 796 7.72 42.19 -21.33
C GLN B 796 6.77 41.75 -22.45
N ARG B 797 5.58 41.29 -22.07
CA ARG B 797 4.51 40.93 -23.01
C ARG B 797 3.72 42.20 -23.36
N PRO B 798 2.95 42.21 -24.47
CA PRO B 798 2.08 43.35 -24.78
C PRO B 798 1.06 43.65 -23.68
N ASP B 799 0.59 42.61 -22.96
CA ASP B 799 -0.39 42.82 -21.90
C ASP B 799 0.26 43.30 -20.59
N LYS B 800 1.58 43.57 -20.63
CA LYS B 800 2.40 44.20 -19.55
C LYS B 800 2.87 43.18 -18.51
N LEU B 801 2.42 41.92 -18.62
CA LEU B 801 3.03 40.84 -17.83
C LEU B 801 4.43 40.55 -18.38
N TYR B 802 5.25 39.87 -17.55
CA TYR B 802 6.59 39.46 -17.91
C TYR B 802 6.60 37.93 -18.10
N HIS B 803 7.49 37.48 -19.00
CA HIS B 803 7.78 36.06 -19.20
C HIS B 803 8.40 35.49 -17.93
N ALA B 804 8.00 34.25 -17.60
CA ALA B 804 8.49 33.53 -16.42
C ALA B 804 9.51 32.48 -16.84
N TYR B 805 9.09 31.57 -17.74
CA TYR B 805 9.97 30.55 -18.31
C TYR B 805 9.88 30.62 -19.82
N ASN B 806 11.04 30.54 -20.47
CA ASN B 806 11.16 30.50 -21.91
C ASN B 806 11.73 29.13 -22.31
N LEU B 807 11.69 28.83 -23.60
CA LEU B 807 12.32 27.66 -24.18
C LEU B 807 13.45 28.12 -25.09
N MET B 808 14.52 27.32 -25.14
CA MET B 808 15.62 27.51 -26.07
C MET B 808 15.73 26.27 -26.95
N SER B 809 16.21 26.45 -28.18
CA SER B 809 16.64 25.35 -29.02
C SER B 809 17.91 25.73 -29.77
N VAL B 810 18.75 24.73 -30.03
CA VAL B 810 19.95 24.89 -30.87
C VAL B 810 19.53 24.63 -32.32
N GLU B 811 19.67 25.63 -33.19
CA GLU B 811 19.30 25.53 -34.61
C GLU B 811 20.57 25.58 -35.48
N LYS B 812 20.75 24.53 -36.29
CA LYS B 812 21.83 24.40 -37.29
C LYS B 812 23.22 24.54 -36.63
N ASN B 813 23.33 24.10 -35.37
CA ASN B 813 24.58 24.09 -34.56
C ASN B 813 25.26 25.47 -34.48
N LYS B 814 24.58 26.52 -34.95
CA LYS B 814 25.16 27.87 -35.10
C LYS B 814 24.36 28.91 -34.27
N GLU B 815 23.08 28.63 -33.98
CA GLU B 815 22.15 29.65 -33.43
C GLU B 815 21.44 29.09 -32.20
N ILE B 816 20.98 29.99 -31.32
CA ILE B 816 20.06 29.64 -30.25
C ILE B 816 18.81 30.53 -30.36
N ALA B 817 17.69 29.86 -30.63
CA ALA B 817 16.39 30.47 -30.82
C ALA B 817 15.61 30.38 -29.50
N ILE B 818 14.71 31.35 -29.28
CA ILE B 818 13.89 31.46 -28.10
C ILE B 818 12.43 31.35 -28.51
N SER B 819 11.64 30.59 -27.73
CA SER B 819 10.18 30.67 -27.85
C SER B 819 9.59 30.86 -26.44
N TYR B 820 8.28 31.13 -26.39
CA TYR B 820 7.68 31.65 -25.20
C TYR B 820 6.54 30.74 -24.73
N LEU B 821 6.24 30.83 -23.43
CA LEU B 821 5.19 30.05 -22.78
C LEU B 821 4.09 30.96 -22.22
N SER B 822 3.06 30.34 -21.66
CA SER B 822 1.91 30.98 -21.02
C SER B 822 2.35 32.04 -19.98
N GLU B 823 1.43 32.98 -19.72
CA GLU B 823 1.55 33.91 -18.60
C GLU B 823 1.55 33.07 -17.31
N MET B 824 2.50 33.33 -16.41
CA MET B 824 2.60 32.60 -15.15
C MET B 824 2.75 33.58 -13.99
N LEU B 825 2.01 33.35 -12.91
CA LEU B 825 2.02 34.20 -11.73
C LEU B 825 3.45 34.37 -11.21
N GLU B 826 4.22 33.28 -11.18
CA GLU B 826 5.54 33.28 -10.56
C GLU B 826 6.43 34.33 -11.25
N GLY B 827 6.27 34.51 -12.56
CA GLY B 827 7.04 35.52 -13.30
C GLY B 827 6.72 36.95 -12.87
N GLN B 828 5.45 37.20 -12.50
CA GLN B 828 5.03 38.52 -12.10
C GLN B 828 5.58 38.76 -10.68
N VAL B 829 5.49 37.75 -9.81
CA VAL B 829 6.04 37.85 -8.47
C VAL B 829 7.52 38.23 -8.55
N ALA B 830 8.25 37.54 -9.43
CA ALA B 830 9.70 37.71 -9.51
C ALA B 830 10.06 39.10 -10.05
N VAL B 831 9.42 39.57 -11.14
CA VAL B 831 9.79 40.85 -11.73
C VAL B 831 9.41 41.99 -10.77
N LEU B 832 8.29 41.84 -10.04
CA LEU B 832 7.83 42.83 -9.06
C LEU B 832 8.77 42.85 -7.86
N SER B 833 9.55 41.77 -7.64
CA SER B 833 10.54 41.67 -6.55
C SER B 833 11.94 42.11 -6.99
N SER B 834 12.14 42.33 -8.30
CA SER B 834 13.47 42.47 -8.90
C SER B 834 14.17 43.77 -8.52
N GLY B 835 13.40 44.80 -8.15
CA GLY B 835 13.95 46.16 -7.89
C GLY B 835 14.17 46.97 -9.16
N PHE B 836 13.90 46.39 -10.32
CA PHE B 836 14.29 46.96 -11.61
C PHE B 836 13.24 47.96 -12.12
N LEU B 837 11.96 47.68 -11.92
CA LEU B 837 10.92 48.53 -12.49
C LEU B 837 10.66 49.75 -11.61
N SER B 838 10.19 50.81 -12.25
CA SER B 838 9.63 51.97 -11.56
C SER B 838 8.28 51.62 -10.95
N SER B 839 7.82 52.50 -10.06
CA SER B 839 6.55 52.34 -9.40
C SER B 839 5.41 52.31 -10.43
N LYS B 840 5.46 53.17 -11.45
CA LYS B 840 4.42 53.18 -12.51
C LYS B 840 4.42 51.85 -13.28
N GLU B 841 5.63 51.31 -13.57
CA GLU B 841 5.80 50.04 -14.30
C GLU B 841 5.30 48.85 -13.46
N ASN B 842 5.62 48.88 -12.15
CA ASN B 842 5.15 47.87 -11.20
C ASN B 842 3.62 47.87 -11.21
N LEU B 843 3.04 49.06 -11.18
CA LEU B 843 1.59 49.21 -11.18
C LEU B 843 1.00 48.64 -12.47
N ALA B 844 1.63 48.94 -13.62
CA ALA B 844 1.16 48.45 -14.92
C ALA B 844 1.22 46.92 -14.97
N VAL B 845 2.21 46.31 -14.32
CA VAL B 845 2.27 44.87 -14.27
C VAL B 845 1.04 44.35 -13.51
N LEU B 846 0.73 44.97 -12.38
CA LEU B 846 -0.35 44.50 -11.49
C LEU B 846 -1.71 44.73 -12.16
N ASP B 847 -1.87 45.85 -12.86
CA ASP B 847 -3.09 46.12 -13.59
C ASP B 847 -3.31 45.02 -14.63
N GLY B 848 -2.23 44.67 -15.35
CA GLY B 848 -2.27 43.56 -16.32
C GLY B 848 -2.63 42.23 -15.67
N LEU B 849 -2.03 41.94 -14.52
CA LEU B 849 -2.26 40.70 -13.81
C LEU B 849 -3.73 40.61 -13.42
N LYS B 850 -4.28 41.68 -12.85
CA LYS B 850 -5.67 41.70 -12.43
C LYS B 850 -6.59 41.48 -13.65
N ASN B 851 -6.20 42.01 -14.81
CA ASN B 851 -7.01 41.91 -16.03
C ASN B 851 -6.75 40.60 -16.79
N SER B 852 -5.82 39.76 -16.33
CA SER B 852 -5.38 38.59 -17.05
C SER B 852 -6.26 37.38 -16.71
N ALA B 853 -6.03 36.30 -17.46
CA ALA B 853 -6.64 34.99 -17.24
C ALA B 853 -6.12 34.29 -15.96
N LEU B 854 -5.14 34.86 -15.26
CA LEU B 854 -4.68 34.30 -13.99
C LEU B 854 -5.63 34.67 -12.83
N PHE B 855 -6.48 35.68 -12.99
CA PHE B 855 -7.40 36.07 -11.94
C PHE B 855 -8.60 35.12 -11.87
N ARG B 856 -8.82 34.52 -10.70
CA ARG B 856 -9.95 33.61 -10.47
C ARG B 856 -11.00 34.36 -9.64
N GLU B 857 -12.20 34.52 -10.20
CA GLU B 857 -13.27 35.38 -9.69
C GLU B 857 -13.81 34.88 -8.34
N ASP B 858 -14.15 33.59 -8.26
CA ASP B 858 -14.94 33.08 -7.11
C ASP B 858 -14.16 33.25 -5.79
N GLN B 859 -12.81 33.24 -5.85
CA GLN B 859 -11.93 33.36 -4.65
C GLN B 859 -11.14 34.68 -4.66
N TYR B 860 -11.39 35.50 -5.69
CA TYR B 860 -10.70 36.76 -5.99
C TYR B 860 -9.19 36.67 -5.67
N SER B 861 -8.53 35.65 -6.23
CA SER B 861 -7.08 35.46 -6.13
C SER B 861 -6.53 34.89 -7.45
N TYR B 862 -5.30 34.35 -7.42
CA TYR B 862 -4.53 34.15 -8.63
C TYR B 862 -4.13 32.67 -8.81
N LEU B 863 -4.37 32.18 -10.03
CA LEU B 863 -3.87 30.91 -10.53
C LEU B 863 -2.36 31.02 -10.82
N LEU B 864 -1.69 29.88 -10.96
CA LEU B 864 -0.27 29.87 -11.30
C LEU B 864 -0.08 30.11 -12.81
N TYR B 865 -1.05 29.67 -13.60
CA TYR B 865 -1.08 29.77 -15.06
C TYR B 865 -2.52 29.63 -15.51
N PRO B 866 -2.85 29.97 -16.77
CA PRO B 866 -4.25 29.98 -17.20
C PRO B 866 -4.89 28.60 -17.00
N ASN B 867 -6.15 28.60 -16.59
CA ASN B 867 -6.98 27.44 -16.67
C ASN B 867 -7.19 27.19 -18.18
N LYS B 868 -7.32 25.94 -18.59
CA LYS B 868 -7.60 25.70 -19.99
C LYS B 868 -8.41 24.43 -20.11
N GLU B 869 -9.20 24.39 -21.18
CA GLU B 869 -10.01 23.28 -21.53
C GLU B 869 -9.08 22.22 -22.15
N LEU B 870 -9.01 21.06 -21.51
CA LEU B 870 -8.31 19.94 -22.07
C LEU B 870 -9.27 19.19 -22.97
N PRO B 871 -8.78 18.60 -24.07
CA PRO B 871 -9.66 17.88 -24.98
C PRO B 871 -10.40 16.77 -24.21
N LYS B 872 -11.72 16.68 -24.46
CA LYS B 872 -12.57 15.64 -23.93
C LYS B 872 -12.11 14.30 -24.53
N PHE B 873 -12.43 13.20 -23.85
CA PHE B 873 -11.81 11.92 -24.14
C PHE B 873 -11.92 11.59 -25.64
N LEU B 874 -13.11 11.79 -26.23
CA LEU B 874 -13.34 11.38 -27.62
C LEU B 874 -12.70 12.35 -28.62
N ASP B 875 -12.08 13.43 -28.14
CA ASP B 875 -11.48 14.44 -28.97
C ASP B 875 -9.94 14.45 -28.89
N LYS B 876 -9.31 13.50 -28.18
CA LYS B 876 -7.84 13.64 -28.02
C LYS B 876 -7.00 12.89 -29.07
N ASN B 877 -7.55 11.89 -29.76
CA ASN B 877 -6.71 10.91 -30.46
C ASN B 877 -7.34 10.56 -31.81
N THR B 878 -7.46 11.55 -32.68
CA THR B 878 -8.08 11.34 -34.00
C THR B 878 -7.08 11.77 -35.07
N ILE B 879 -6.74 10.85 -35.98
CA ILE B 879 -5.87 11.11 -37.13
C ILE B 879 -6.78 11.50 -38.31
N SER B 880 -6.44 12.60 -39.00
CA SER B 880 -7.21 13.09 -40.15
C SER B 880 -7.22 12.03 -41.27
N LYS B 881 -8.36 11.92 -41.96
CA LYS B 881 -8.54 11.04 -43.16
C LYS B 881 -7.39 11.25 -44.16
N GLU B 882 -6.98 12.52 -44.38
CA GLU B 882 -5.99 12.88 -45.43
C GLU B 882 -4.60 12.31 -45.06
N ALA B 883 -4.17 12.50 -43.81
CA ALA B 883 -2.85 12.05 -43.31
C ALA B 883 -2.70 10.54 -43.42
N VAL B 884 -3.81 9.79 -43.27
CA VAL B 884 -3.81 8.33 -43.37
C VAL B 884 -3.62 7.91 -44.84
N SER B 885 -4.40 8.49 -45.76
CA SER B 885 -4.40 8.06 -47.18
C SER B 885 -3.14 8.55 -47.93
N LYS B 886 -2.39 9.48 -47.33
CA LYS B 886 -1.07 9.95 -47.80
C LYS B 886 0.03 9.39 -46.88
N SER B 887 -0.14 8.12 -46.45
CA SER B 887 0.88 7.31 -45.75
C SER B 887 0.71 5.84 -46.11
N GLU B 888 1.67 5.31 -46.88
CA GLU B 888 1.56 3.94 -47.41
C GLU B 888 1.55 2.94 -46.25
N LEU B 889 2.31 3.27 -45.19
CA LEU B 889 2.43 2.41 -44.02
C LEU B 889 1.08 2.29 -43.30
N LEU B 890 0.51 3.45 -42.93
CA LEU B 890 -0.72 3.48 -42.15
C LEU B 890 -1.86 2.84 -42.94
N SER B 891 -1.92 3.10 -44.27
CA SER B 891 -2.98 2.57 -45.12
C SER B 891 -2.89 1.03 -45.20
N LEU B 892 -1.65 0.51 -45.23
CA LEU B 892 -1.42 -0.92 -45.31
C LEU B 892 -1.87 -1.61 -44.01
N LEU B 893 -1.57 -0.95 -42.88
CA LEU B 893 -1.93 -1.46 -41.53
C LEU B 893 -3.45 -1.47 -41.35
N VAL B 894 -4.13 -0.44 -41.89
CA VAL B 894 -5.59 -0.37 -41.94
C VAL B 894 -6.16 -1.57 -42.71
N SER B 895 -5.82 -1.72 -44.01
CA SER B 895 -6.45 -2.75 -44.86
C SER B 895 -6.12 -4.18 -44.41
N LYS B 896 -5.00 -4.37 -43.68
CA LYS B 896 -4.60 -5.68 -43.15
C LYS B 896 -5.17 -5.91 -41.74
N SER B 897 -5.85 -4.89 -41.18
CA SER B 897 -6.53 -4.92 -39.85
C SER B 897 -5.51 -5.05 -38.70
N ASN B 898 -4.29 -4.53 -38.92
CA ASN B 898 -3.27 -4.46 -37.89
C ASN B 898 -3.55 -3.26 -36.99
N LYS B 899 -3.52 -3.50 -35.67
CA LYS B 899 -3.95 -2.51 -34.68
C LYS B 899 -2.80 -2.16 -33.70
N GLN B 900 -1.56 -2.47 -34.07
CA GLN B 900 -0.41 -2.23 -33.20
C GLN B 900 -0.11 -0.73 -33.13
N VAL B 901 -0.42 0.00 -34.20
CA VAL B 901 -0.13 1.44 -34.32
C VAL B 901 -1.41 2.25 -34.55
N ILE B 902 -2.24 1.83 -35.52
CA ILE B 902 -3.42 2.60 -35.97
C ILE B 902 -4.65 1.70 -36.00
N GLU B 903 -5.82 2.29 -35.71
CA GLU B 903 -7.11 1.62 -35.75
C GLU B 903 -8.16 2.54 -36.37
N LYS B 904 -9.05 1.91 -37.15
CA LYS B 904 -10.19 2.53 -37.79
C LYS B 904 -11.44 2.14 -37.00
N ASP B 905 -12.18 3.11 -36.48
CA ASP B 905 -13.42 2.80 -35.76
C ASP B 905 -14.54 2.52 -36.76
N SER B 906 -15.75 2.24 -36.27
CA SER B 906 -16.84 1.74 -37.11
C SER B 906 -17.56 2.91 -37.82
N ILE B 907 -17.16 4.17 -37.55
CA ILE B 907 -17.65 5.33 -38.37
C ILE B 907 -16.56 5.85 -39.31
N GLY B 908 -15.43 5.17 -39.42
CA GLY B 908 -14.37 5.54 -40.39
C GLY B 908 -13.38 6.60 -39.90
N GLU B 909 -13.36 6.93 -38.60
CA GLU B 909 -12.31 7.80 -38.04
C GLU B 909 -11.12 6.94 -37.57
N TYR B 910 -9.93 7.53 -37.57
CA TYR B 910 -8.67 6.81 -37.34
C TYR B 910 -8.05 7.24 -36.00
N HIS B 911 -7.44 6.28 -35.29
CA HIS B 911 -6.90 6.52 -33.95
C HIS B 911 -5.57 5.79 -33.74
N PHE B 912 -4.68 6.41 -32.94
CA PHE B 912 -3.50 5.72 -32.43
C PHE B 912 -3.95 4.72 -31.36
N ASN B 913 -3.24 3.58 -31.35
CA ASN B 913 -3.35 2.52 -30.35
C ASN B 913 -3.51 3.14 -28.96
N GLY B 914 -4.47 2.59 -28.21
CA GLY B 914 -4.90 3.16 -26.94
C GLY B 914 -3.88 2.96 -25.82
N GLU B 915 -2.87 2.13 -26.06
CA GLU B 915 -1.81 1.85 -25.08
C GLU B 915 -0.69 2.89 -25.11
N PHE B 916 -0.63 3.71 -26.16
CA PHE B 916 0.43 4.71 -26.29
C PHE B 916 0.24 5.81 -25.23
N ASN B 917 1.32 6.12 -24.51
CA ASN B 917 1.35 7.27 -23.61
C ASN B 917 2.09 8.44 -24.28
N ASN B 918 3.08 8.11 -25.13
CA ASN B 918 3.91 9.11 -25.81
C ASN B 918 4.65 8.45 -26.97
N ALA B 919 5.51 9.22 -27.64
CA ALA B 919 6.13 8.78 -28.90
C ALA B 919 6.99 7.52 -28.69
N SER B 920 7.56 7.35 -27.49
CA SER B 920 8.46 6.23 -27.21
C SER B 920 7.70 4.90 -27.39
N ASN B 921 6.43 4.85 -26.97
CA ASN B 921 5.56 3.66 -27.18
C ASN B 921 5.30 3.44 -28.68
N LEU B 922 5.12 4.54 -29.42
CA LEU B 922 4.98 4.48 -30.87
C LEU B 922 6.25 3.91 -31.51
N LYS B 923 7.43 4.42 -31.14
CA LYS B 923 8.73 3.96 -31.69
C LYS B 923 8.89 2.46 -31.42
N GLN B 924 8.65 2.08 -30.16
CA GLN B 924 8.68 0.69 -29.71
C GLN B 924 7.82 -0.18 -30.63
N ALA B 925 6.60 0.29 -30.92
CA ALA B 925 5.66 -0.43 -31.74
C ALA B 925 6.19 -0.52 -33.17
N LEU B 926 6.82 0.54 -33.66
CA LEU B 926 7.35 0.53 -35.02
C LEU B 926 8.54 -0.45 -35.14
N GLU B 927 9.38 -0.54 -34.08
CA GLU B 927 10.42 -1.58 -33.98
C GLU B 927 9.76 -2.97 -34.09
N ASP B 928 8.66 -3.19 -33.35
CA ASP B 928 7.93 -4.49 -33.35
C ASP B 928 7.43 -4.84 -34.76
N LEU B 929 7.05 -3.84 -35.55
CA LEU B 929 6.54 -4.05 -36.91
C LEU B 929 7.69 -4.39 -37.86
N SER B 930 8.87 -3.84 -37.59
CA SER B 930 10.02 -3.94 -38.49
C SER B 930 10.60 -5.36 -38.49
N GLN B 931 10.36 -6.10 -37.39
CA GLN B 931 10.73 -7.51 -37.26
C GLN B 931 9.72 -8.43 -37.98
N GLN B 932 8.89 -7.86 -38.89
CA GLN B 932 8.04 -8.62 -39.86
C GLN B 932 8.41 -8.17 -41.28
N ASN B 933 8.43 -9.14 -42.23
CA ASN B 933 8.91 -8.92 -43.61
C ASN B 933 7.98 -7.98 -44.39
N GLU B 934 6.67 -8.15 -44.21
CA GLU B 934 5.60 -7.35 -44.84
C GLU B 934 5.83 -5.83 -44.61
N TYR B 935 6.28 -5.45 -43.40
CA TYR B 935 6.34 -4.05 -42.98
C TYR B 935 7.77 -3.50 -42.88
N LYS B 936 8.81 -4.35 -43.05
CA LYS B 936 10.23 -3.97 -42.82
C LYS B 936 10.65 -2.78 -43.68
N ASP B 937 10.51 -2.91 -45.01
CA ASP B 937 10.91 -1.85 -45.96
C ASP B 937 10.25 -0.53 -45.52
N LEU B 938 8.95 -0.61 -45.21
CA LEU B 938 8.09 0.57 -44.98
C LEU B 938 8.42 1.27 -43.65
N VAL B 939 8.80 0.52 -42.61
CA VAL B 939 9.13 1.11 -41.30
C VAL B 939 10.31 2.09 -41.46
N ALA B 940 11.42 1.58 -42.03
CA ALA B 940 12.62 2.35 -42.25
C ALA B 940 12.30 3.59 -43.10
N LYS B 941 11.43 3.42 -44.10
CA LYS B 941 11.06 4.48 -45.06
C LYS B 941 10.23 5.58 -44.40
N GLU B 942 9.18 5.23 -43.63
CA GLU B 942 8.08 6.17 -43.25
C GLU B 942 8.01 6.44 -41.73
N SER B 943 9.02 6.01 -40.97
CA SER B 943 8.94 6.03 -39.51
C SER B 943 8.95 7.48 -38.98
N LYS B 944 9.89 8.30 -39.48
CA LYS B 944 9.96 9.73 -39.12
C LYS B 944 8.60 10.40 -39.40
N THR B 945 7.95 10.00 -40.51
CA THR B 945 6.67 10.57 -40.97
C THR B 945 5.54 10.23 -39.98
N VAL B 946 5.49 8.97 -39.55
CA VAL B 946 4.43 8.50 -38.65
C VAL B 946 4.62 9.16 -37.28
N GLU B 947 5.88 9.29 -36.84
CA GLU B 947 6.22 10.00 -35.60
C GLU B 947 5.79 11.47 -35.70
N ALA B 948 5.88 12.03 -36.91
CA ALA B 948 5.53 13.43 -37.15
C ALA B 948 4.02 13.63 -37.07
N ILE B 949 3.25 12.65 -37.57
CA ILE B 949 1.78 12.67 -37.47
C ILE B 949 1.37 12.51 -36.00
N PHE B 950 2.06 11.63 -35.28
CA PHE B 950 1.83 11.44 -33.85
C PHE B 950 2.02 12.78 -33.12
N GLU B 951 3.06 13.54 -33.46
CA GLU B 951 3.34 14.83 -32.81
C GLU B 951 2.27 15.86 -33.19
N ASP B 952 1.72 15.77 -34.39
CA ASP B 952 0.67 16.70 -34.81
C ASP B 952 -0.60 16.47 -34.01
N VAL B 953 -0.96 15.20 -33.75
CA VAL B 953 -2.15 14.84 -32.97
C VAL B 953 -2.00 15.26 -31.49
N PHE B 954 -0.83 15.04 -30.88
CA PHE B 954 -0.71 15.13 -29.40
C PHE B 954 -0.01 16.41 -28.92
N ASN B 955 0.79 17.03 -29.80
CA ASN B 955 1.46 18.30 -29.53
C ASN B 955 2.28 18.19 -28.22
N HIS B 956 3.11 17.15 -28.15
CA HIS B 956 3.94 16.88 -26.97
C HIS B 956 5.18 17.79 -26.91
N LYS B 957 5.46 18.55 -27.98
CA LYS B 957 6.54 19.55 -27.98
C LYS B 957 6.19 20.67 -26.99
N ALA B 958 4.89 20.85 -26.71
CA ALA B 958 4.36 21.93 -25.83
C ALA B 958 4.26 21.50 -24.37
N PHE B 959 4.49 20.21 -24.08
CA PHE B 959 4.34 19.64 -22.72
C PHE B 959 5.37 20.30 -21.78
N THR B 960 4.91 20.87 -20.67
CA THR B 960 5.80 21.46 -19.66
C THR B 960 5.83 20.63 -18.38
N GLY B 961 4.95 19.64 -18.25
CA GLY B 961 4.76 18.89 -17.01
C GLY B 961 3.30 18.70 -16.64
N ARG B 962 3.06 18.03 -15.52
CA ARG B 962 1.76 17.60 -15.10
C ARG B 962 0.86 18.81 -14.78
N SER B 963 1.44 19.98 -14.52
CA SER B 963 0.69 21.20 -14.25
C SER B 963 -0.49 21.38 -15.23
N GLY B 964 -0.24 21.13 -16.53
CA GLY B 964 -1.21 21.34 -17.59
C GLY B 964 -2.10 20.13 -17.87
N THR B 965 -2.02 19.07 -17.04
CA THR B 965 -2.76 17.82 -17.29
C THR B 965 -3.43 17.24 -16.03
N PHE B 966 -3.67 18.03 -14.98
CA PHE B 966 -4.48 17.55 -13.85
C PHE B 966 -5.16 18.73 -13.17
N TYR B 967 -5.95 18.43 -12.14
CA TYR B 967 -7.02 19.30 -11.64
C TYR B 967 -6.96 19.51 -10.13
N GLY B 968 -5.78 19.29 -9.54
CA GLY B 968 -5.52 19.62 -8.14
C GLY B 968 -4.07 20.06 -7.95
N TYR B 969 -3.74 20.49 -6.75
CA TYR B 969 -2.39 20.86 -6.37
C TYR B 969 -1.98 22.08 -7.20
N GLU B 970 -0.91 21.95 -7.99
CA GLU B 970 -0.39 23.01 -8.82
C GLU B 970 -1.15 23.09 -10.17
N GLY B 971 -2.14 22.22 -10.39
CA GLY B 971 -2.74 22.07 -11.74
C GLY B 971 -3.83 23.10 -12.04
N LEU B 972 -4.63 22.75 -13.05
CA LEU B 972 -5.49 23.65 -13.78
C LEU B 972 -6.63 24.14 -12.88
N GLY B 973 -6.77 25.46 -12.81
CA GLY B 973 -7.80 26.12 -12.05
C GLY B 973 -7.52 26.16 -10.56
N SER B 974 -6.32 25.73 -10.14
CA SER B 974 -6.02 25.64 -8.74
C SER B 974 -5.22 26.87 -8.29
N ILE B 975 -5.61 27.44 -7.14
CA ILE B 975 -4.84 28.50 -6.48
C ILE B 975 -3.84 27.83 -5.54
N TYR B 976 -2.56 28.09 -5.77
CA TYR B 976 -1.50 27.61 -4.90
C TYR B 976 -1.08 28.78 -4.00
N TRP B 977 -1.47 28.72 -2.72
CA TRP B 977 -1.50 29.88 -1.86
C TRP B 977 -0.11 30.46 -1.61
N HIS B 978 0.91 29.60 -1.50
CA HIS B 978 2.25 30.12 -1.25
C HIS B 978 2.60 31.19 -2.30
N MET B 979 2.22 30.97 -3.56
CA MET B 979 2.65 31.90 -4.63
C MET B 979 1.84 33.19 -4.56
N VAL B 980 0.59 33.10 -4.11
CA VAL B 980 -0.21 34.28 -3.89
C VAL B 980 0.42 35.11 -2.76
N SER B 981 0.85 34.44 -1.69
CA SER B 981 1.45 35.11 -0.54
C SER B 981 2.82 35.72 -0.92
N LYS B 982 3.55 35.10 -1.85
CA LYS B 982 4.79 35.74 -2.36
C LYS B 982 4.43 37.01 -3.13
N LEU B 983 3.34 36.97 -3.89
CA LEU B 983 2.87 38.15 -4.61
C LEU B 983 2.60 39.27 -3.61
N GLN B 984 1.90 38.91 -2.53
CA GLN B 984 1.47 39.86 -1.52
C GLN B 984 2.70 40.58 -0.99
N LEU B 985 3.74 39.83 -0.62
CA LEU B 985 4.95 40.43 -0.06
C LEU B 985 5.62 41.33 -1.12
N ALA B 986 5.68 40.84 -2.35
CA ALA B 986 6.29 41.60 -3.43
C ALA B 986 5.54 42.92 -3.60
N VAL B 987 4.21 42.87 -3.56
CA VAL B 987 3.40 44.04 -3.78
C VAL B 987 3.58 44.98 -2.59
N LEU B 988 3.73 44.42 -1.39
CA LEU B 988 4.03 45.23 -0.21
C LEU B 988 5.32 46.03 -0.45
N GLU B 989 6.37 45.34 -0.90
CA GLU B 989 7.67 45.97 -1.17
C GLU B 989 7.50 47.08 -2.20
N CYS B 990 6.73 46.82 -3.27
CA CYS B 990 6.48 47.85 -4.32
C CYS B 990 5.77 49.09 -3.73
N CYS B 991 4.86 48.85 -2.77
CA CYS B 991 4.14 49.93 -2.10
C CYS B 991 5.08 50.81 -1.29
N LEU B 992 6.03 50.17 -0.57
CA LEU B 992 6.99 50.91 0.27
C LEU B 992 7.92 51.76 -0.62
N LYS B 993 8.32 51.21 -1.77
CA LYS B 993 9.13 51.92 -2.74
C LYS B 993 8.38 53.18 -3.21
N ALA B 994 7.10 53.02 -3.58
CA ALA B 994 6.31 54.17 -4.06
C ALA B 994 6.20 55.23 -2.96
N VAL B 995 6.03 54.80 -1.70
CA VAL B 995 5.89 55.76 -0.62
C VAL B 995 7.25 56.44 -0.35
N GLU B 996 8.32 55.66 -0.31
CA GLU B 996 9.63 56.22 0.00
C GLU B 996 10.11 57.19 -1.10
N GLU B 997 9.63 57.03 -2.34
CA GLU B 997 10.07 57.87 -3.47
C GLU B 997 9.13 59.07 -3.66
N LYS B 998 8.10 59.19 -2.81
CA LYS B 998 7.10 60.27 -2.87
C LYS B 998 6.48 60.32 -4.28
N GLU B 999 6.06 59.17 -4.80
CA GLU B 999 5.22 59.10 -5.99
C GLU B 999 3.87 59.74 -5.68
N SER B 1000 3.10 60.04 -6.72
CA SER B 1000 1.78 60.69 -6.59
C SER B 1000 0.89 59.83 -5.69
N GLU B 1001 -0.17 60.44 -5.12
CA GLU B 1001 -1.12 59.73 -4.26
C GLU B 1001 -1.94 58.76 -5.12
N GLU B 1002 -2.11 59.06 -6.42
CA GLU B 1002 -2.81 58.18 -7.37
C GLU B 1002 -2.01 56.88 -7.52
N VAL B 1003 -0.69 56.98 -7.74
CA VAL B 1003 0.15 55.82 -7.98
C VAL B 1003 0.24 54.99 -6.69
N ILE B 1004 0.51 55.65 -5.56
CA ILE B 1004 0.61 54.96 -4.26
C ILE B 1004 -0.72 54.26 -3.98
N GLY B 1005 -1.82 55.00 -4.17
CA GLY B 1005 -3.16 54.52 -3.90
C GLY B 1005 -3.49 53.28 -4.71
N ARG B 1006 -3.15 53.31 -6.01
CA ARG B 1006 -3.48 52.22 -6.92
C ARG B 1006 -2.66 50.98 -6.54
N LEU B 1007 -1.42 51.16 -6.06
CA LEU B 1007 -0.61 50.04 -5.59
C LEU B 1007 -1.22 49.46 -4.30
N LEU B 1008 -1.69 50.32 -3.40
CA LEU B 1008 -2.33 49.87 -2.14
C LEU B 1008 -3.61 49.09 -2.47
N GLU B 1009 -4.36 49.58 -3.47
CA GLU B 1009 -5.59 48.91 -3.95
C GLU B 1009 -5.27 47.44 -4.25
N HIS B 1010 -4.15 47.21 -4.97
CA HIS B 1010 -3.70 45.87 -5.29
C HIS B 1010 -3.31 45.13 -4.00
N TYR B 1011 -2.51 45.77 -3.16
CA TYR B 1011 -2.07 45.17 -1.90
C TYR B 1011 -3.28 44.68 -1.09
N TYR B 1012 -4.26 45.54 -0.86
CA TYR B 1012 -5.34 45.18 0.08
C TYR B 1012 -6.24 44.09 -0.54
N GLU B 1013 -6.44 44.13 -1.86
CA GLU B 1013 -7.26 43.11 -2.55
C GLU B 1013 -6.55 41.75 -2.54
N ILE B 1014 -5.25 41.73 -2.81
CA ILE B 1014 -4.50 40.48 -2.75
C ILE B 1014 -4.59 39.90 -1.33
N ASN B 1015 -4.47 40.77 -0.32
CA ASN B 1015 -4.56 40.35 1.08
C ASN B 1015 -5.93 39.72 1.36
N GLU B 1016 -7.00 40.33 0.84
CA GLU B 1016 -8.33 39.81 1.08
C GLU B 1016 -8.51 38.43 0.42
N GLY B 1017 -7.95 38.28 -0.78
CA GLY B 1017 -7.93 37.03 -1.51
C GLY B 1017 -7.36 35.87 -0.69
N ILE B 1018 -6.36 36.13 0.18
CA ILE B 1018 -5.74 35.12 1.05
C ILE B 1018 -6.84 34.47 1.91
N GLY B 1019 -7.86 35.26 2.29
CA GLY B 1019 -9.13 34.70 2.69
C GLY B 1019 -9.38 34.63 4.19
N VAL B 1020 -8.62 35.37 5.01
CA VAL B 1020 -8.84 35.34 6.47
C VAL B 1020 -10.24 35.85 6.83
N HIS B 1021 -10.83 36.74 6.01
CA HIS B 1021 -12.17 37.26 6.32
C HIS B 1021 -13.26 36.61 5.46
N LYS B 1022 -12.93 35.54 4.72
CA LYS B 1022 -13.94 34.86 3.93
C LYS B 1022 -14.83 34.05 4.87
N SER B 1023 -16.06 33.79 4.44
CA SER B 1023 -16.90 32.87 5.19
C SER B 1023 -16.28 31.47 5.13
N PRO B 1024 -16.56 30.62 6.14
CA PRO B 1024 -16.07 29.25 6.11
C PRO B 1024 -16.53 28.52 4.85
N SER B 1025 -17.76 28.79 4.39
CA SER B 1025 -18.26 28.05 3.22
C SER B 1025 -17.42 28.38 1.98
N LEU B 1026 -17.05 29.65 1.79
CA LEU B 1026 -16.21 30.00 0.65
C LEU B 1026 -14.75 29.54 0.85
N TYR B 1027 -14.22 29.71 2.06
CA TYR B 1027 -12.83 29.31 2.36
C TYR B 1027 -12.70 27.79 2.26
N GLY B 1028 -13.69 27.10 2.85
CA GLY B 1028 -13.78 25.63 2.84
C GLY B 1028 -13.17 24.99 4.08
N ALA B 1029 -12.85 25.80 5.08
CA ALA B 1029 -12.22 25.33 6.36
C ALA B 1029 -12.27 26.49 7.34
N PHE B 1030 -11.61 26.38 8.50
CA PHE B 1030 -11.42 27.54 9.37
C PHE B 1030 -10.51 28.54 8.66
N PRO B 1031 -11.00 29.76 8.35
CA PRO B 1031 -10.18 30.72 7.62
C PRO B 1031 -8.88 31.16 8.34
N THR B 1032 -8.74 30.82 9.61
CA THR B 1032 -7.55 31.20 10.37
C THR B 1032 -6.42 30.17 10.20
N ASP B 1033 -6.69 29.08 9.46
CA ASP B 1033 -5.74 28.00 9.26
C ASP B 1033 -5.26 28.01 7.80
N ALA B 1034 -3.94 27.95 7.62
CA ALA B 1034 -3.34 27.88 6.30
C ALA B 1034 -3.49 26.48 5.69
N TYR B 1035 -3.54 26.48 4.35
CA TYR B 1035 -3.71 25.35 3.45
C TYR B 1035 -2.86 25.60 2.19
N SER B 1036 -2.33 24.53 1.58
CA SER B 1036 -1.47 24.64 0.43
C SER B 1036 -2.22 25.12 -0.82
N HIS B 1037 -3.45 24.66 -1.07
CA HIS B 1037 -4.13 25.05 -2.30
C HIS B 1037 -5.66 24.94 -2.18
N THR B 1038 -6.34 25.67 -3.07
CA THR B 1038 -7.78 25.57 -3.28
C THR B 1038 -8.06 25.31 -4.75
N PRO B 1039 -8.46 24.09 -5.14
CA PRO B 1039 -8.72 23.76 -6.54
C PRO B 1039 -10.05 24.35 -7.01
N ALA B 1040 -10.36 24.19 -8.28
CA ALA B 1040 -11.52 24.81 -8.90
C ALA B 1040 -12.82 24.31 -8.24
N GLY B 1041 -12.84 23.02 -7.87
CA GLY B 1041 -14.08 22.29 -7.54
C GLY B 1041 -14.22 21.88 -6.07
N LYS B 1042 -13.37 22.43 -5.19
CA LYS B 1042 -13.44 22.19 -3.73
C LYS B 1042 -12.96 23.43 -2.96
N GLY B 1043 -13.12 23.39 -1.64
CA GLY B 1043 -12.47 24.32 -0.72
C GLY B 1043 -11.00 23.98 -0.48
N ALA B 1044 -10.43 24.61 0.55
CA ALA B 1044 -9.03 24.55 0.88
C ALA B 1044 -8.60 23.10 1.15
N GLN B 1045 -7.45 22.72 0.60
CA GLN B 1045 -6.87 21.35 0.71
C GLN B 1045 -5.44 21.43 1.29
N GLN B 1046 -5.10 20.45 2.12
CA GLN B 1046 -3.75 20.21 2.71
C GLN B 1046 -3.47 21.21 3.81
N PRO B 1047 -3.94 20.92 5.04
CA PRO B 1047 -3.78 21.81 6.19
C PRO B 1047 -2.34 21.90 6.75
N GLY B 1048 -1.99 23.09 7.30
CA GLY B 1048 -0.83 23.25 8.20
C GLY B 1048 0.44 23.77 7.55
N MET B 1049 1.45 22.91 7.41
CA MET B 1049 2.84 23.33 7.22
C MET B 1049 3.12 23.62 5.74
N THR B 1050 2.58 24.73 5.25
CA THR B 1050 2.91 25.32 3.97
C THR B 1050 3.89 26.48 4.20
N GLY B 1051 4.83 26.66 3.27
CA GLY B 1051 5.73 27.81 3.25
C GLY B 1051 5.00 29.15 3.14
N GLN B 1052 3.71 29.12 2.76
CA GLN B 1052 2.89 30.31 2.71
C GLN B 1052 3.09 31.17 3.98
N VAL B 1053 3.19 30.50 5.13
CA VAL B 1053 3.11 31.15 6.41
C VAL B 1053 4.30 32.11 6.60
N LYS B 1054 5.47 31.71 6.13
CA LYS B 1054 6.66 32.54 6.20
C LYS B 1054 6.40 33.91 5.53
N GLU B 1055 5.78 33.88 4.36
CA GLU B 1055 5.54 35.11 3.58
C GLU B 1055 4.54 36.00 4.34
N ASP B 1056 3.47 35.39 4.86
CA ASP B 1056 2.42 36.12 5.54
C ASP B 1056 2.92 36.69 6.90
N ILE B 1057 3.97 36.09 7.48
CA ILE B 1057 4.58 36.65 8.68
C ILE B 1057 5.29 37.95 8.29
N LEU B 1058 6.12 37.88 7.25
CA LEU B 1058 6.90 39.02 6.82
C LEU B 1058 5.96 40.14 6.38
N SER B 1059 4.89 39.80 5.64
CA SER B 1059 3.90 40.78 5.19
C SER B 1059 3.26 41.50 6.39
N ARG B 1060 2.90 40.75 7.44
CA ARG B 1060 2.29 41.30 8.64
C ARG B 1060 3.23 42.34 9.28
N PHE B 1061 4.52 42.00 9.41
CA PHE B 1061 5.55 42.90 9.96
C PHE B 1061 5.65 44.17 9.08
N GLY B 1062 5.68 43.98 7.77
CA GLY B 1062 5.70 45.11 6.85
C GLY B 1062 4.48 46.01 7.05
N GLU B 1063 3.31 45.37 7.15
CA GLU B 1063 2.04 46.06 7.33
C GLU B 1063 2.06 46.89 8.63
N LEU B 1064 2.65 46.31 9.69
CA LEU B 1064 2.74 46.97 11.00
C LEU B 1064 3.80 48.09 10.97
N GLY B 1065 4.64 48.12 9.94
CA GLY B 1065 5.68 49.13 9.78
C GLY B 1065 6.93 48.86 10.60
N ILE B 1066 7.26 47.59 10.78
CA ILE B 1066 8.48 47.19 11.46
C ILE B 1066 9.60 47.09 10.41
N PHE B 1067 10.49 48.08 10.38
CA PHE B 1067 11.58 48.12 9.43
C PHE B 1067 12.90 48.28 10.18
N VAL B 1068 13.93 47.60 9.64
CA VAL B 1068 15.30 47.73 10.13
C VAL B 1068 16.17 48.28 8.98
N LYS B 1069 16.86 49.39 9.26
CA LYS B 1069 17.88 49.98 8.38
C LYS B 1069 18.97 50.56 9.28
N ASN B 1070 20.23 50.41 8.87
CA ASN B 1070 21.39 51.05 9.50
C ASN B 1070 21.55 50.59 10.96
N GLY B 1071 21.21 49.34 11.25
CA GLY B 1071 21.34 48.78 12.59
C GLY B 1071 20.23 49.23 13.55
N CYS B 1072 19.23 49.94 13.02
CA CYS B 1072 18.22 50.66 13.83
C CYS B 1072 16.79 50.15 13.55
N LEU B 1073 16.05 49.89 14.62
CA LEU B 1073 14.63 49.47 14.53
C LEU B 1073 13.73 50.71 14.40
N GLU B 1074 12.88 50.68 13.37
CA GLU B 1074 11.92 51.74 13.08
C GLU B 1074 10.50 51.14 13.13
N LEU B 1075 9.59 51.86 13.78
CA LEU B 1075 8.22 51.45 13.96
C LEU B 1075 7.33 52.56 13.42
N ASN B 1076 6.96 52.43 12.15
CA ASN B 1076 6.46 53.58 11.38
C ASN B 1076 5.54 53.08 10.27
N PRO B 1077 4.31 52.65 10.61
CA PRO B 1077 3.39 52.12 9.60
C PRO B 1077 2.95 53.15 8.54
N CYS B 1078 2.94 52.74 7.27
CA CYS B 1078 2.28 53.50 6.18
C CYS B 1078 1.18 52.66 5.48
N LEU B 1079 1.14 51.35 5.76
CA LEU B 1079 0.17 50.44 5.14
C LEU B 1079 -0.90 49.98 6.16
N LEU B 1080 -0.76 50.34 7.43
CA LEU B 1080 -1.65 49.85 8.48
C LEU B 1080 -2.98 50.61 8.43
N ARG B 1081 -4.09 49.87 8.58
CA ARG B 1081 -5.44 50.44 8.55
C ARG B 1081 -5.91 50.85 9.96
N LYS B 1082 -6.63 51.99 10.01
CA LYS B 1082 -7.19 52.54 11.25
C LYS B 1082 -8.08 51.50 11.94
N ASP B 1083 -8.81 50.68 11.19
CA ASP B 1083 -9.83 49.81 11.79
C ASP B 1083 -9.19 48.59 12.47
N GLU B 1084 -7.87 48.44 12.39
CA GLU B 1084 -7.16 47.44 13.22
C GLU B 1084 -7.07 47.87 14.69
N PHE B 1085 -7.28 49.15 14.98
CA PHE B 1085 -7.17 49.67 16.34
C PHE B 1085 -8.44 49.34 17.13
N LEU B 1086 -8.24 49.00 18.41
CA LEU B 1086 -9.30 48.60 19.31
C LEU B 1086 -10.36 49.71 19.43
N LYS B 1087 -11.62 49.25 19.53
CA LYS B 1087 -12.79 50.09 19.67
C LYS B 1087 -13.25 50.06 21.14
N GLU B 1088 -12.66 49.15 21.95
CA GLU B 1088 -12.90 49.04 23.42
C GLU B 1088 -11.65 48.47 24.11
N ALA B 1089 -11.58 48.60 25.44
CA ALA B 1089 -10.42 48.16 26.24
C ALA B 1089 -10.29 46.64 26.22
N LYS B 1090 -9.05 46.14 26.21
CA LYS B 1090 -8.77 44.69 26.25
C LYS B 1090 -7.44 44.47 26.99
N THR B 1091 -7.27 43.24 27.49
CA THR B 1091 -6.08 42.82 28.21
C THR B 1091 -5.19 41.99 27.28
N PHE B 1092 -3.92 42.39 27.17
CA PHE B 1092 -2.94 41.66 26.37
C PHE B 1092 -2.10 40.77 27.28
N ASP B 1093 -2.31 39.45 27.16
CA ASP B 1093 -1.57 38.42 27.89
C ASP B 1093 -0.46 37.90 26.99
N TYR B 1094 0.79 38.14 27.39
CA TYR B 1094 1.96 37.81 26.59
C TYR B 1094 3.00 37.10 27.47
N VAL B 1095 4.11 36.71 26.85
CA VAL B 1095 5.21 36.07 27.54
C VAL B 1095 6.47 36.88 27.26
N THR B 1096 7.22 37.22 28.33
CA THR B 1096 8.47 37.95 28.23
C THR B 1096 9.56 37.02 27.68
N VAL B 1097 10.72 37.60 27.34
CA VAL B 1097 11.93 36.83 26.96
C VAL B 1097 12.36 35.91 28.12
N ASN B 1098 11.96 36.23 29.36
CA ASN B 1098 12.34 35.44 30.54
C ASN B 1098 11.22 34.47 30.95
N PHE B 1099 10.32 34.12 30.03
CA PHE B 1099 9.27 33.10 30.20
C PHE B 1099 8.25 33.51 31.27
N GLN B 1100 8.12 34.80 31.54
CA GLN B 1100 7.11 35.25 32.51
C GLN B 1100 5.81 35.54 31.76
N HIS B 1101 4.71 34.94 32.20
CA HIS B 1101 3.38 35.21 31.66
C HIS B 1101 2.83 36.46 32.34
N GLN B 1102 2.69 37.57 31.60
CA GLN B 1102 2.34 38.91 32.15
C GLN B 1102 1.31 39.59 31.24
N SER B 1103 0.85 40.79 31.67
CA SER B 1103 -0.32 41.48 31.13
C SER B 1103 -0.09 42.99 30.96
N LEU B 1104 -0.72 43.55 29.92
CA LEU B 1104 -0.88 44.99 29.73
C LEU B 1104 -2.35 45.28 29.45
N GLU B 1105 -2.89 46.35 30.03
CA GLU B 1105 -4.23 46.85 29.70
C GLU B 1105 -4.13 47.78 28.48
N LEU B 1106 -4.76 47.41 27.36
CA LEU B 1106 -4.84 48.27 26.19
C LEU B 1106 -6.14 49.06 26.26
N VAL B 1107 -6.09 50.30 25.78
CA VAL B 1107 -7.26 51.17 25.71
C VAL B 1107 -7.71 51.28 24.25
N GLU B 1108 -8.91 51.85 24.06
CA GLU B 1108 -9.42 52.26 22.74
C GLU B 1108 -8.30 53.02 22.01
N LYS B 1109 -8.28 52.90 20.69
CA LYS B 1109 -7.35 53.60 19.82
C LYS B 1109 -5.91 53.09 20.05
N SER B 1110 -5.79 51.81 20.40
CA SER B 1110 -4.49 51.17 20.50
C SER B 1110 -4.55 49.71 20.02
N LEU B 1111 -3.36 49.13 19.82
CA LEU B 1111 -3.21 47.71 19.56
C LEU B 1111 -1.81 47.30 19.98
N ALA B 1112 -1.57 45.98 20.05
CA ALA B 1112 -0.29 45.50 20.53
C ALA B 1112 0.14 44.28 19.71
N PHE B 1113 1.46 44.12 19.64
CA PHE B 1113 2.10 42.94 19.12
C PHE B 1113 3.44 42.81 19.84
N THR B 1114 4.24 41.81 19.47
CA THR B 1114 5.58 41.69 20.00
C THR B 1114 6.58 41.62 18.84
N TYR B 1115 7.80 42.10 19.12
CA TYR B 1115 8.94 41.97 18.22
C TYR B 1115 10.18 41.64 19.06
N CYS B 1116 10.84 40.54 18.69
CA CYS B 1116 11.90 39.92 19.50
C CYS B 1116 11.38 39.74 20.94
N GLN B 1117 10.07 39.46 21.03
CA GLN B 1117 9.35 39.11 22.26
C GLN B 1117 9.35 40.29 23.25
N ILE B 1118 9.42 41.51 22.70
CA ILE B 1118 9.16 42.72 23.44
C ILE B 1118 7.78 43.22 23.03
N PRO B 1119 6.87 43.49 24.00
CA PRO B 1119 5.56 44.02 23.66
C PRO B 1119 5.65 45.47 23.16
N ILE B 1120 4.95 45.71 22.05
CA ILE B 1120 4.92 46.98 21.38
C ILE B 1120 3.45 47.40 21.26
N ILE B 1121 3.16 48.63 21.71
CA ILE B 1121 1.83 49.16 21.73
C ILE B 1121 1.81 50.37 20.80
N TYR B 1122 0.91 50.33 19.83
CA TYR B 1122 0.62 51.46 18.95
C TYR B 1122 -0.63 52.18 19.51
N LYS B 1123 -0.55 53.50 19.69
CA LYS B 1123 -1.68 54.37 20.06
C LYS B 1123 -1.82 55.47 19.00
N ILE B 1124 -3.07 55.73 18.61
CA ILE B 1124 -3.42 56.89 17.81
C ILE B 1124 -3.26 58.14 18.68
N ALA B 1125 -2.58 59.17 18.16
CA ALA B 1125 -2.28 60.41 18.95
C ALA B 1125 -2.15 61.63 18.02
N ASN B 1126 -1.96 62.81 18.64
CA ASN B 1126 -1.86 64.10 17.93
C ASN B 1126 -0.45 64.32 17.36
N GLN B 1127 0.57 63.67 17.96
CA GLN B 1127 1.98 63.85 17.60
C GLN B 1127 2.65 62.48 17.50
N LYS B 1128 3.60 62.33 16.57
CA LYS B 1128 4.45 61.13 16.50
C LYS B 1128 5.41 61.13 17.69
N CYS B 1129 5.61 59.95 18.28
CA CYS B 1129 6.38 59.80 19.50
C CYS B 1129 6.65 58.32 19.76
N ILE B 1130 7.80 58.03 20.37
CA ILE B 1130 8.11 56.70 20.82
C ILE B 1130 8.60 56.78 22.27
N GLU B 1131 8.21 55.80 23.07
CA GLU B 1131 8.59 55.77 24.47
C GLU B 1131 9.08 54.35 24.78
N VAL B 1132 10.33 54.25 25.27
CA VAL B 1132 10.94 52.96 25.67
C VAL B 1132 10.89 52.88 27.20
N PHE B 1133 10.18 51.86 27.72
CA PHE B 1133 10.09 51.55 29.15
C PHE B 1133 11.10 50.45 29.47
N THR B 1134 11.99 50.70 30.44
CA THR B 1134 13.00 49.72 30.85
C THR B 1134 12.54 49.07 32.16
N ASN B 1135 13.02 47.84 32.37
CA ASN B 1135 12.62 47.02 33.53
C ASN B 1135 13.15 47.62 34.85
N ASP B 1136 14.00 48.67 34.78
CA ASP B 1136 14.46 49.42 35.95
C ASP B 1136 13.47 50.53 36.32
N GLY B 1137 12.30 50.58 35.65
CA GLY B 1137 11.22 51.52 36.00
C GLY B 1137 11.39 52.91 35.41
N LYS B 1138 12.41 53.10 34.57
CA LYS B 1138 12.61 54.36 33.84
C LYS B 1138 11.93 54.26 32.47
N SER B 1139 11.72 55.42 31.86
CA SER B 1139 11.30 55.51 30.48
C SER B 1139 12.05 56.64 29.77
N ALA B 1140 12.16 56.54 28.44
CA ALA B 1140 12.72 57.61 27.59
C ALA B 1140 11.82 57.81 26.36
N LYS B 1141 11.55 59.08 26.03
CA LYS B 1141 10.69 59.47 24.89
C LYS B 1141 11.50 60.28 23.88
N ALA B 1142 11.19 60.11 22.59
CA ALA B 1142 11.76 60.88 21.47
C ALA B 1142 10.69 61.04 20.37
N ALA B 1143 10.73 62.16 19.63
CA ALA B 1143 9.78 62.46 18.55
C ALA B 1143 9.95 61.45 17.40
N SER B 1144 11.20 61.03 17.16
CA SER B 1144 11.56 60.18 16.04
C SER B 1144 11.04 58.76 16.25
N LEU B 1145 10.48 58.14 15.19
CA LEU B 1145 10.00 56.74 15.25
C LEU B 1145 11.10 55.74 14.88
N ILE B 1146 12.36 56.19 14.84
CA ILE B 1146 13.51 55.31 14.67
C ILE B 1146 14.24 55.30 16.02
N LEU B 1147 14.51 54.10 16.53
CA LEU B 1147 15.26 53.94 17.78
C LEU B 1147 16.76 54.05 17.46
N ASP B 1148 17.56 54.48 18.46
CA ASP B 1148 19.00 54.57 18.26
C ASP B 1148 19.61 53.16 18.20
N LYS B 1149 20.89 53.09 17.80
CA LYS B 1149 21.64 51.85 17.59
C LYS B 1149 21.58 50.99 18.86
N GLN B 1150 21.86 51.61 20.01
CA GLN B 1150 22.04 50.92 21.27
C GLN B 1150 20.71 50.29 21.72
N THR B 1151 19.63 51.10 21.77
CA THR B 1151 18.30 50.59 22.08
C THR B 1151 17.92 49.47 21.11
N SER B 1152 18.24 49.64 19.83
CA SER B 1152 17.94 48.63 18.81
C SER B 1152 18.65 47.29 19.11
N GLN B 1153 19.92 47.37 19.56
CA GLN B 1153 20.72 46.19 19.93
C GLN B 1153 20.11 45.53 21.19
N ASP B 1154 19.53 46.34 22.10
CA ASP B 1154 18.84 45.79 23.28
C ASP B 1154 17.61 44.97 22.84
N VAL B 1155 16.92 45.44 21.80
CA VAL B 1155 15.76 44.73 21.25
C VAL B 1155 16.24 43.46 20.56
N PHE B 1156 17.19 43.61 19.64
CA PHE B 1156 17.65 42.47 18.85
C PHE B 1156 18.31 41.42 19.77
N GLY B 1157 18.89 41.86 20.88
CA GLY B 1157 19.69 40.97 21.70
C GLY B 1157 18.90 40.14 22.69
N ARG B 1158 17.60 40.42 22.85
CA ARG B 1158 16.72 39.74 23.82
C ARG B 1158 17.33 39.79 25.24
N THR B 1159 17.88 40.97 25.58
CA THR B 1159 18.66 41.18 26.80
C THR B 1159 17.74 41.29 28.04
N GLY B 1160 16.44 41.53 27.82
CA GLY B 1160 15.48 41.67 28.89
C GLY B 1160 15.52 43.05 29.57
N ILE B 1161 16.26 44.01 29.01
CA ILE B 1161 16.44 45.32 29.66
C ILE B 1161 15.17 46.17 29.43
N ILE B 1162 14.54 46.00 28.26
CA ILE B 1162 13.31 46.71 27.86
C ILE B 1162 12.09 45.90 28.32
N ASN B 1163 11.12 46.55 28.97
CA ASN B 1163 9.85 45.91 29.35
C ASN B 1163 8.84 46.01 28.21
N LYS B 1164 8.72 47.19 27.60
CA LYS B 1164 7.76 47.46 26.52
C LYS B 1164 8.14 48.75 25.77
N ILE B 1165 7.50 48.93 24.61
CA ILE B 1165 7.67 50.11 23.78
C ILE B 1165 6.29 50.60 23.34
N GLU B 1166 6.05 51.90 23.50
CA GLU B 1166 4.80 52.55 23.12
C GLU B 1166 5.08 53.54 21.99
N VAL B 1167 4.32 53.40 20.91
CA VAL B 1167 4.47 54.21 19.72
C VAL B 1167 3.17 55.00 19.51
N SER B 1168 3.33 56.32 19.46
CA SER B 1168 2.28 57.23 19.07
C SER B 1168 2.32 57.49 17.56
N ILE B 1169 1.20 57.14 16.89
CA ILE B 1169 1.02 57.21 15.43
C ILE B 1169 0.04 58.35 15.09
N LEU B 1170 0.34 59.15 14.05
CA LEU B 1170 -0.64 60.13 13.52
C LEU B 1170 -1.83 59.38 12.89
N GLU B 1171 -3.05 59.83 13.22
CA GLU B 1171 -4.26 59.28 12.61
C GLU B 1171 -4.15 59.38 11.07
N SER B 1172 -3.59 60.50 10.59
CA SER B 1172 -3.49 60.81 9.17
C SER B 1172 -2.53 59.85 8.44
N ASP B 1173 -1.69 59.10 9.15
CA ASP B 1173 -0.74 58.14 8.55
C ASP B 1173 -1.33 56.72 8.50
N LEU B 1174 -2.54 56.54 9.06
CA LEU B 1174 -3.28 55.29 8.99
C LEU B 1174 -4.28 55.33 7.81
N ARG B 1175 -4.52 54.15 7.23
CA ARG B 1175 -5.29 54.03 6.00
C ARG B 1175 -6.73 53.61 6.34
#